data_1V7C
#
_entry.id   1V7C
#
_cell.length_a   116.586
_cell.length_b   119.453
_cell.length_c   123.418
_cell.angle_alpha   90.00
_cell.angle_beta   90.00
_cell.angle_gamma   90.00
#
_symmetry.space_group_name_H-M   'P 21 21 2'
#
loop_
_entity.id
_entity.type
_entity.pdbx_description
1 polymer 'THREONINE SYNTHASE'
2 non-polymer '(2E)-2-[({3-HYDROXY-2-METHYL-5-[(PHOSPHONOOXY)METHYL]PYRIDIN-4-YL}METHYL)AMINO]-5-PHOSPHONOPENT-2-ENOIC ACID'
3 water water
#
_entity_poly.entity_id   1
_entity_poly.type   'polypeptide(L)'
_entity_poly.pdbx_seq_one_letter_code
;MRPPLIERYRNLLPVSEKTPVISLLEGSTPLIPLKGPEEARKKGIRLYAKYEGLNPTGSFKDRGMTLAVSKAVEGGAQAV
ACASTGNTAASAAAYAARAGILAIVVLPAGYVALGKVAQSLVHGARIVQVEGNFDDALRLTQKLTEAFPVALVNSVNPHR
LEGQKTLAFEVVDELGDAPHYHALPVGNAGNITAHWMGYKAYHALGKAKRLPRMLGFQAAGAAPLVLGRPVERPETLATA
IRIGNPASWQGAVRAKEESGGVIEAVTDEEILFAYRYLAREEGIFCEPASAAAMAGVFKLLREGRLEPESTVVLTLTGHG
LKDPATAERVAELPPPVPARLEAVAAAAGLL
;
_entity_poly.pdbx_strand_id   A,B,C,D
#
loop_
_chem_comp.id
_chem_comp.type
_chem_comp.name
_chem_comp.formula
HEY non-polymer '(2E)-2-[({3-HYDROXY-2-METHYL-5-[(PHOSPHONOOXY)METHYL]PYRIDIN-4-YL}METHYL)AMINO]-5-PHOSPHONOPENT-2-ENOIC ACID' 'C13 H20 N2 O10 P2'
#
# COMPACT_ATOMS: atom_id res chain seq x y z
N MET A 1 28.00 15.09 -4.08
CA MET A 1 28.30 15.75 -5.38
C MET A 1 27.19 15.46 -6.39
N ARG A 2 26.51 16.53 -6.82
CA ARG A 2 25.42 16.40 -7.77
C ARG A 2 25.96 16.58 -9.18
N PRO A 3 25.94 15.49 -9.97
CA PRO A 3 26.42 15.39 -11.34
C PRO A 3 25.58 15.98 -12.46
N PRO A 4 26.22 16.29 -13.59
CA PRO A 4 25.45 16.84 -14.71
C PRO A 4 24.53 15.68 -15.10
N LEU A 5 23.29 15.99 -15.50
CA LEU A 5 22.35 14.95 -15.87
C LEU A 5 22.89 14.12 -17.05
N ILE A 6 23.57 14.78 -17.97
CA ILE A 6 24.11 14.09 -19.12
C ILE A 6 25.16 13.04 -18.72
N GLU A 7 25.90 13.30 -17.65
CA GLU A 7 26.90 12.35 -17.18
C GLU A 7 26.23 11.21 -16.43
N ARG A 8 25.25 11.53 -15.59
CA ARG A 8 24.55 10.49 -14.84
C ARG A 8 23.97 9.41 -15.74
N TYR A 9 23.44 9.81 -16.90
CA TYR A 9 22.86 8.84 -17.84
C TYR A 9 23.53 8.85 -19.21
N ARG A 10 24.83 9.14 -19.22
CA ARG A 10 25.59 9.19 -20.47
C ARG A 10 25.34 7.98 -21.36
N ASN A 11 25.40 6.77 -20.79
CA ASN A 11 25.21 5.55 -21.56
C ASN A 11 23.81 5.41 -22.17
N LEU A 12 22.86 6.17 -21.65
CA LEU A 12 21.49 6.10 -22.15
C LEU A 12 21.08 7.32 -22.96
N LEU A 13 22.03 8.17 -23.30
CA LEU A 13 21.73 9.37 -24.06
C LEU A 13 22.53 9.46 -25.35
N PRO A 14 22.03 10.22 -26.34
CA PRO A 14 22.70 10.38 -27.63
C PRO A 14 23.86 11.37 -27.60
N VAL A 15 24.88 11.03 -26.82
CA VAL A 15 26.06 11.89 -26.67
C VAL A 15 27.32 11.05 -26.87
N SER A 16 28.46 11.72 -26.99
CA SER A 16 29.73 11.03 -27.16
C SER A 16 30.82 11.87 -26.49
N GLU A 17 32.07 11.50 -26.70
CA GLU A 17 33.17 12.25 -26.12
C GLU A 17 33.27 13.62 -26.80
N LYS A 18 32.66 13.75 -27.97
CA LYS A 18 32.67 15.00 -28.73
C LYS A 18 31.61 16.00 -28.27
N THR A 19 30.64 15.52 -27.49
CA THR A 19 29.55 16.38 -27.03
C THR A 19 29.96 17.37 -25.95
N PRO A 20 29.77 18.67 -26.21
CA PRO A 20 30.13 19.67 -25.18
C PRO A 20 29.05 19.62 -24.11
N VAL A 21 29.40 19.27 -22.88
CA VAL A 21 28.41 19.20 -21.82
C VAL A 21 28.03 20.56 -21.25
N ILE A 22 26.89 21.07 -21.70
CA ILE A 22 26.40 22.36 -21.22
C ILE A 22 25.44 22.02 -20.08
N SER A 23 25.96 22.05 -18.85
CA SER A 23 25.17 21.71 -17.68
C SER A 23 25.22 22.77 -16.57
N LEU A 24 24.10 22.87 -15.87
CA LEU A 24 23.97 23.79 -14.76
C LEU A 24 23.67 22.90 -13.56
N LEU A 25 23.94 21.62 -13.74
CA LEU A 25 23.69 20.59 -12.73
C LEU A 25 22.19 20.45 -12.49
N GLU A 26 21.52 19.86 -13.47
CA GLU A 26 20.09 19.63 -13.45
C GLU A 26 19.81 18.15 -13.18
N GLY A 27 18.55 17.81 -12.95
CA GLY A 27 18.19 16.43 -12.67
C GLY A 27 18.49 16.03 -11.23
N SER A 28 18.34 14.75 -10.92
CA SER A 28 18.61 14.24 -9.57
C SER A 28 17.85 15.05 -8.54
N THR A 29 16.59 15.35 -8.84
CA THR A 29 15.75 16.13 -7.95
C THR A 29 15.16 15.22 -6.88
N PRO A 30 14.76 15.78 -5.75
CA PRO A 30 14.20 14.92 -4.71
C PRO A 30 12.83 14.31 -5.02
N LEU A 31 12.60 13.12 -4.47
CA LEU A 31 11.34 12.41 -4.63
C LEU A 31 10.76 12.44 -3.22
N ILE A 32 9.97 13.47 -2.95
CA ILE A 32 9.39 13.66 -1.62
C ILE A 32 8.17 12.80 -1.35
N PRO A 33 8.25 11.93 -0.33
CA PRO A 33 7.10 11.08 0.00
C PRO A 33 6.05 11.97 0.65
N LEU A 34 4.79 11.85 0.24
CA LEU A 34 3.75 12.69 0.81
C LEU A 34 3.02 12.05 1.99
N LYS A 35 2.59 12.88 2.92
CA LYS A 35 1.86 12.44 4.10
C LYS A 35 0.52 11.85 3.69
N GLY A 36 -0.18 12.54 2.80
CA GLY A 36 -1.49 12.05 2.39
C GLY A 36 -1.78 12.14 0.90
N PRO A 37 -3.01 12.53 0.54
CA PRO A 37 -4.11 12.87 1.46
C PRO A 37 -4.74 11.66 2.14
N GLU A 38 -5.58 11.92 3.13
CA GLU A 38 -6.27 10.86 3.87
C GLU A 38 -7.06 9.99 2.92
N GLU A 39 -7.59 10.62 1.88
CA GLU A 39 -8.38 9.92 0.87
C GLU A 39 -7.55 8.82 0.20
N ALA A 40 -6.24 9.00 0.19
CA ALA A 40 -5.34 8.02 -0.41
C ALA A 40 -4.87 7.01 0.64
N ARG A 41 -4.45 7.51 1.79
CA ARG A 41 -3.97 6.65 2.86
C ARG A 41 -4.98 5.57 3.27
N LYS A 42 -6.26 5.91 3.32
CA LYS A 42 -7.26 4.92 3.72
C LYS A 42 -7.39 3.76 2.71
N LYS A 43 -6.95 3.97 1.48
CA LYS A 43 -7.03 2.92 0.46
C LYS A 43 -5.67 2.23 0.22
N GLY A 44 -4.68 2.54 1.05
CA GLY A 44 -3.36 1.95 0.87
C GLY A 44 -2.68 2.51 -0.37
N ILE A 45 -2.93 3.79 -0.62
CA ILE A 45 -2.35 4.47 -1.77
C ILE A 45 -1.39 5.56 -1.25
N ARG A 46 -0.11 5.43 -1.56
CA ARG A 46 0.86 6.42 -1.11
C ARG A 46 1.37 7.23 -2.30
N LEU A 47 1.64 8.50 -2.04
CA LEU A 47 2.11 9.42 -3.07
C LEU A 47 3.54 9.92 -2.86
N TYR A 48 4.21 10.14 -3.99
CA TYR A 48 5.56 10.69 -3.97
C TYR A 48 5.56 11.86 -4.94
N ALA A 49 6.26 12.92 -4.57
CA ALA A 49 6.34 14.09 -5.43
C ALA A 49 7.73 14.28 -5.99
N LYS A 50 7.86 14.12 -7.31
CA LYS A 50 9.14 14.34 -7.97
C LYS A 50 9.16 15.87 -8.12
N TYR A 51 9.89 16.52 -7.22
CA TYR A 51 9.96 17.98 -7.18
C TYR A 51 10.89 18.61 -8.20
N GLU A 52 10.38 18.76 -9.42
CA GLU A 52 11.15 19.33 -10.52
C GLU A 52 11.36 20.84 -10.41
N GLY A 53 10.73 21.45 -9.41
CA GLY A 53 10.89 22.87 -9.20
C GLY A 53 12.27 23.18 -8.67
N LEU A 54 13.01 22.14 -8.30
CA LEU A 54 14.36 22.34 -7.77
C LEU A 54 15.46 22.12 -8.80
N ASN A 55 15.05 22.15 -10.07
CA ASN A 55 16.01 22.06 -11.17
C ASN A 55 16.55 23.50 -11.19
N PRO A 56 17.73 23.73 -11.78
CA PRO A 56 18.36 25.06 -11.86
C PRO A 56 17.44 26.25 -12.18
N THR A 57 16.62 26.14 -13.22
CA THR A 57 15.75 27.25 -13.59
C THR A 57 14.33 27.14 -13.03
N GLY A 58 14.12 26.18 -12.12
CA GLY A 58 12.82 26.02 -11.51
C GLY A 58 11.81 25.08 -12.15
N SER A 59 12.17 24.41 -13.23
CA SER A 59 11.25 23.48 -13.88
C SER A 59 11.95 22.31 -14.56
N PHE A 60 11.16 21.30 -14.89
CA PHE A 60 11.67 20.09 -15.53
C PHE A 60 12.30 20.31 -16.91
N LYS A 61 12.03 21.45 -17.53
CA LYS A 61 12.56 21.74 -18.86
C LYS A 61 14.08 21.59 -18.94
N ASP A 62 14.77 21.87 -17.83
CA ASP A 62 16.23 21.77 -17.78
C ASP A 62 16.74 20.41 -18.23
N ARG A 63 15.97 19.36 -17.96
CA ARG A 63 16.37 18.00 -18.35
C ARG A 63 16.54 17.93 -19.86
N GLY A 64 15.57 18.48 -20.59
CA GLY A 64 15.64 18.46 -22.03
C GLY A 64 16.57 19.53 -22.63
N MET A 65 16.57 20.71 -22.02
CA MET A 65 17.39 21.80 -22.51
C MET A 65 18.89 21.51 -22.44
N THR A 66 19.34 20.88 -21.35
CA THR A 66 20.77 20.57 -21.24
C THR A 66 21.21 19.74 -22.45
N LEU A 67 20.44 18.70 -22.79
CA LEU A 67 20.81 17.86 -23.91
C LEU A 67 20.62 18.61 -25.23
N ALA A 68 19.47 19.26 -25.38
CA ALA A 68 19.18 20.00 -26.59
C ALA A 68 20.24 21.06 -26.90
N VAL A 69 20.59 21.85 -25.90
CA VAL A 69 21.59 22.89 -26.10
C VAL A 69 22.99 22.29 -26.32
N SER A 70 23.34 21.27 -25.54
CA SER A 70 24.64 20.62 -25.68
C SER A 70 24.81 20.06 -27.09
N LYS A 71 23.77 19.40 -27.60
CA LYS A 71 23.82 18.83 -28.94
C LYS A 71 23.85 19.94 -30.01
N ALA A 72 23.12 21.02 -29.78
CA ALA A 72 23.08 22.13 -30.74
C ALA A 72 24.48 22.73 -30.87
N VAL A 73 25.13 22.96 -29.73
CA VAL A 73 26.48 23.52 -29.72
C VAL A 73 27.41 22.52 -30.40
N GLU A 74 27.19 21.23 -30.16
CA GLU A 74 28.02 20.20 -30.78
C GLU A 74 27.93 20.34 -32.30
N GLY A 75 26.74 20.71 -32.79
CA GLY A 75 26.53 20.88 -34.21
C GLY A 75 27.01 22.24 -34.72
N GLY A 76 27.49 23.08 -33.80
CA GLY A 76 27.98 24.39 -34.20
C GLY A 76 26.98 25.54 -34.12
N ALA A 77 25.78 25.27 -33.62
CA ALA A 77 24.76 26.31 -33.51
C ALA A 77 25.26 27.54 -32.77
N GLN A 78 24.94 28.71 -33.31
CA GLN A 78 25.33 29.99 -32.74
C GLN A 78 24.19 30.59 -31.92
N ALA A 79 22.99 30.01 -32.09
CA ALA A 79 21.82 30.51 -31.37
C ALA A 79 20.74 29.45 -31.30
N VAL A 80 19.83 29.62 -30.34
CA VAL A 80 18.72 28.70 -30.17
C VAL A 80 17.45 29.54 -30.03
N ALA A 81 16.31 28.94 -30.34
CA ALA A 81 15.04 29.65 -30.26
C ALA A 81 13.93 28.70 -29.84
N CYS A 82 12.89 29.26 -29.22
CA CYS A 82 11.75 28.47 -28.79
C CYS A 82 10.57 29.35 -28.42
N ALA A 83 9.37 28.84 -28.65
CA ALA A 83 8.15 29.54 -28.27
C ALA A 83 7.89 28.95 -26.88
N SER A 84 7.23 29.69 -26.00
CA SER A 84 7.02 29.16 -24.66
C SER A 84 5.96 29.88 -23.83
N THR A 85 5.36 29.15 -22.90
CA THR A 85 4.38 29.73 -22.01
C THR A 85 5.17 30.25 -20.81
N GLY A 86 6.50 30.14 -20.90
CA GLY A 86 7.35 30.63 -19.85
C GLY A 86 8.56 29.81 -19.38
N ASN A 87 8.35 28.56 -19.01
CA ASN A 87 9.43 27.73 -18.50
C ASN A 87 10.47 27.24 -19.51
N THR A 88 10.03 26.84 -20.69
CA THR A 88 10.97 26.37 -21.69
C THR A 88 11.85 27.55 -22.11
N ALA A 89 11.25 28.74 -22.15
CA ALA A 89 11.97 29.96 -22.51
C ALA A 89 13.03 30.28 -21.43
N ALA A 90 12.63 30.19 -20.16
CA ALA A 90 13.54 30.46 -19.05
C ALA A 90 14.72 29.50 -19.09
N SER A 91 14.42 28.24 -19.37
CA SER A 91 15.45 27.21 -19.44
C SER A 91 16.39 27.45 -20.61
N ALA A 92 15.82 27.70 -21.79
CA ALA A 92 16.63 27.96 -22.97
C ALA A 92 17.55 29.16 -22.74
N ALA A 93 17.00 30.20 -22.13
CA ALA A 93 17.78 31.41 -21.85
C ALA A 93 18.96 31.11 -20.93
N ALA A 94 18.72 30.37 -19.86
CA ALA A 94 19.78 30.04 -18.91
C ALA A 94 20.88 29.20 -19.54
N TYR A 95 20.49 28.17 -20.30
CA TYR A 95 21.48 27.32 -20.95
C TYR A 95 22.22 28.00 -22.07
N ALA A 96 21.56 28.92 -22.77
CA ALA A 96 22.22 29.63 -23.86
C ALA A 96 23.32 30.49 -23.24
N ALA A 97 23.00 31.10 -22.11
CA ALA A 97 23.96 31.94 -21.39
C ALA A 97 25.14 31.11 -20.94
N ARG A 98 24.85 29.93 -20.42
CA ARG A 98 25.87 29.01 -19.94
C ARG A 98 26.80 28.65 -21.08
N ALA A 99 26.22 28.36 -22.24
CA ALA A 99 26.97 27.98 -23.43
C ALA A 99 27.61 29.17 -24.12
N GLY A 100 27.18 30.38 -23.78
CA GLY A 100 27.75 31.55 -24.41
C GLY A 100 27.21 31.79 -25.81
N ILE A 101 25.95 31.45 -26.04
CA ILE A 101 25.30 31.68 -27.33
C ILE A 101 24.01 32.47 -27.16
N LEU A 102 23.44 32.91 -28.28
CA LEU A 102 22.21 33.67 -28.29
C LEU A 102 20.96 32.82 -28.08
N ALA A 103 20.00 33.38 -27.35
CA ALA A 103 18.75 32.70 -27.09
C ALA A 103 17.62 33.62 -27.50
N ILE A 104 16.72 33.14 -28.34
CA ILE A 104 15.56 33.91 -28.78
C ILE A 104 14.32 33.18 -28.31
N VAL A 105 13.48 33.88 -27.53
CA VAL A 105 12.26 33.28 -27.01
C VAL A 105 11.05 34.10 -27.42
N VAL A 106 10.01 33.40 -27.87
CA VAL A 106 8.79 34.04 -28.31
C VAL A 106 7.68 33.68 -27.32
N LEU A 107 7.09 34.70 -26.72
CA LEU A 107 6.06 34.50 -25.70
C LEU A 107 4.69 35.11 -26.02
N PRO A 108 3.62 34.48 -25.52
CA PRO A 108 2.28 35.01 -25.76
C PRO A 108 2.12 36.23 -24.83
N ALA A 109 1.84 37.40 -25.39
CA ALA A 109 1.69 38.59 -24.57
C ALA A 109 0.63 38.43 -23.48
N GLY A 110 0.98 38.83 -22.26
CA GLY A 110 0.06 38.77 -21.14
C GLY A 110 -0.28 37.40 -20.55
N TYR A 111 0.27 36.33 -21.08
CA TYR A 111 -0.02 35.01 -20.55
C TYR A 111 1.20 34.21 -20.11
N VAL A 112 2.17 34.91 -19.53
CA VAL A 112 3.39 34.30 -19.02
C VAL A 112 3.59 34.84 -17.59
N ALA A 113 3.68 33.94 -16.62
CA ALA A 113 3.87 34.30 -15.21
C ALA A 113 5.07 35.24 -15.05
N LEU A 114 4.98 36.15 -14.08
CA LEU A 114 6.05 37.13 -13.89
C LEU A 114 7.40 36.54 -13.56
N GLY A 115 7.42 35.40 -12.88
CA GLY A 115 8.69 34.78 -12.52
C GLY A 115 9.44 34.34 -13.76
N LYS A 116 8.71 33.76 -14.70
CA LYS A 116 9.27 33.26 -15.96
C LYS A 116 9.76 34.41 -16.84
N VAL A 117 8.98 35.48 -16.93
CA VAL A 117 9.38 36.63 -17.72
C VAL A 117 10.69 37.18 -17.13
N ALA A 118 10.72 37.33 -15.80
CA ALA A 118 11.90 37.83 -15.11
C ALA A 118 13.15 37.01 -15.47
N GLN A 119 12.99 35.69 -15.56
CA GLN A 119 14.10 34.81 -15.89
C GLN A 119 14.64 35.05 -17.30
N SER A 120 13.77 35.06 -18.30
CA SER A 120 14.22 35.28 -19.67
C SER A 120 14.89 36.64 -19.76
N LEU A 121 14.36 37.60 -18.99
CA LEU A 121 14.92 38.94 -18.96
C LEU A 121 16.36 38.93 -18.43
N VAL A 122 16.51 38.52 -17.17
CA VAL A 122 17.82 38.52 -16.54
C VAL A 122 18.88 37.66 -17.22
N HIS A 123 18.50 36.50 -17.74
CA HIS A 123 19.46 35.64 -18.43
C HIS A 123 19.91 36.23 -19.77
N GLY A 124 19.29 37.34 -20.18
CA GLY A 124 19.68 38.00 -21.42
C GLY A 124 19.16 37.45 -22.74
N ALA A 125 18.04 36.75 -22.71
CA ALA A 125 17.50 36.22 -23.95
C ALA A 125 16.85 37.37 -24.72
N ARG A 126 16.84 37.27 -26.05
CA ARG A 126 16.17 38.30 -26.85
C ARG A 126 14.72 37.88 -26.76
N ILE A 127 13.88 38.74 -26.19
CA ILE A 127 12.47 38.41 -26.02
C ILE A 127 11.56 39.05 -27.04
N VAL A 128 10.63 38.26 -27.56
CA VAL A 128 9.63 38.75 -28.50
C VAL A 128 8.29 38.32 -27.95
N GLN A 129 7.43 39.28 -27.65
CA GLN A 129 6.09 38.98 -27.15
C GLN A 129 5.13 39.16 -28.33
N VAL A 130 4.39 38.12 -28.67
CA VAL A 130 3.46 38.21 -29.78
C VAL A 130 2.02 38.41 -29.32
N GLU A 131 1.26 39.16 -30.10
CA GLU A 131 -0.15 39.42 -29.79
C GLU A 131 -0.94 38.20 -30.29
N GLY A 132 -0.80 37.11 -29.52
CA GLY A 132 -1.45 35.84 -29.83
C GLY A 132 -1.15 34.87 -28.69
N ASN A 133 -1.60 33.63 -28.79
CA ASN A 133 -1.35 32.67 -27.72
C ASN A 133 -0.12 31.80 -27.98
N PHE A 134 0.10 30.81 -27.12
CA PHE A 134 1.26 29.94 -27.29
C PHE A 134 1.28 29.20 -28.63
N ASP A 135 0.11 28.72 -29.03
CA ASP A 135 0.00 27.97 -30.28
C ASP A 135 0.45 28.83 -31.46
N ASP A 136 0.11 30.10 -31.43
CA ASP A 136 0.52 31.01 -32.50
C ASP A 136 2.04 31.14 -32.44
N ALA A 137 2.54 31.36 -31.23
CA ALA A 137 3.97 31.52 -30.99
C ALA A 137 4.77 30.33 -31.51
N LEU A 138 4.29 29.12 -31.24
CA LEU A 138 4.98 27.91 -31.68
C LEU A 138 5.03 27.83 -33.20
N ARG A 139 3.90 28.11 -33.86
CA ARG A 139 3.87 28.06 -35.33
C ARG A 139 4.87 29.05 -35.90
N LEU A 140 4.88 30.25 -35.36
CA LEU A 140 5.76 31.32 -35.81
C LEU A 140 7.24 31.00 -35.60
N THR A 141 7.57 30.49 -34.42
CA THR A 141 8.94 30.17 -34.09
C THR A 141 9.55 29.08 -34.97
N GLN A 142 8.77 28.06 -35.29
CA GLN A 142 9.27 26.99 -36.15
C GLN A 142 9.61 27.56 -37.53
N LYS A 143 8.78 28.47 -38.02
CA LYS A 143 9.03 29.09 -39.33
C LYS A 143 10.27 29.97 -39.26
N LEU A 144 10.51 30.56 -38.09
CA LEU A 144 11.67 31.41 -37.90
C LEU A 144 12.94 30.57 -38.01
N THR A 145 12.96 29.39 -37.37
CA THR A 145 14.13 28.53 -37.42
C THR A 145 14.32 27.87 -38.78
N GLU A 146 13.35 28.02 -39.67
CA GLU A 146 13.48 27.45 -41.01
C GLU A 146 14.11 28.47 -41.96
N ALA A 147 14.08 29.74 -41.57
CA ALA A 147 14.63 30.82 -42.38
C ALA A 147 15.96 31.38 -41.87
N PHE A 148 16.35 31.00 -40.65
CA PHE A 148 17.61 31.48 -40.09
C PHE A 148 18.40 30.37 -39.41
N PRO A 149 19.73 30.51 -39.37
CA PRO A 149 20.59 29.50 -38.73
C PRO A 149 20.45 29.61 -37.20
N VAL A 150 19.27 29.25 -36.71
CA VAL A 150 18.95 29.28 -35.29
C VAL A 150 18.38 27.91 -34.93
N ALA A 151 18.99 27.24 -33.97
CA ALA A 151 18.54 25.91 -33.56
C ALA A 151 17.24 25.96 -32.76
N LEU A 152 16.24 25.23 -33.26
CA LEU A 152 14.94 25.17 -32.59
C LEU A 152 15.07 24.21 -31.40
N VAL A 153 14.77 24.71 -30.20
CA VAL A 153 14.86 23.87 -29.01
C VAL A 153 13.53 23.55 -28.34
N ASN A 154 12.45 23.69 -29.09
CA ASN A 154 11.12 23.35 -28.57
C ASN A 154 11.08 21.82 -28.52
N SER A 155 10.08 21.28 -27.84
CA SER A 155 9.93 19.84 -27.67
C SER A 155 9.97 19.02 -28.96
N VAL A 156 9.66 19.64 -30.09
CA VAL A 156 9.68 18.91 -31.36
C VAL A 156 11.11 18.44 -31.67
N ASN A 157 12.09 19.03 -30.98
CA ASN A 157 13.50 18.64 -31.12
C ASN A 157 13.64 17.37 -30.29
N PRO A 158 13.92 16.22 -30.92
CA PRO A 158 14.05 14.92 -30.23
C PRO A 158 14.88 14.94 -28.94
N HIS A 159 15.97 15.71 -28.95
CA HIS A 159 16.84 15.80 -27.79
C HIS A 159 16.10 16.29 -26.55
N ARG A 160 15.07 17.11 -26.74
CA ARG A 160 14.30 17.60 -25.61
C ARG A 160 13.68 16.41 -24.85
N LEU A 161 13.07 15.49 -25.60
CA LEU A 161 12.42 14.33 -25.00
C LEU A 161 13.40 13.28 -24.47
N GLU A 162 14.53 13.08 -25.16
CA GLU A 162 15.52 12.11 -24.69
C GLU A 162 16.05 12.58 -23.33
N GLY A 163 16.22 13.88 -23.18
CA GLY A 163 16.70 14.42 -21.92
C GLY A 163 15.65 14.30 -20.83
N GLN A 164 14.40 14.59 -21.18
CA GLN A 164 13.31 14.53 -20.19
C GLN A 164 12.94 13.13 -19.75
N LYS A 165 13.21 12.12 -20.58
CA LYS A 165 12.87 10.75 -20.21
C LYS A 165 13.63 10.31 -18.95
N THR A 166 14.72 11.00 -18.65
CA THR A 166 15.52 10.64 -17.48
C THR A 166 14.74 10.73 -16.17
N LEU A 167 13.65 11.49 -16.15
CA LEU A 167 12.84 11.61 -14.94
C LEU A 167 12.34 10.23 -14.54
N ALA A 168 11.93 9.44 -15.52
CA ALA A 168 11.46 8.09 -15.25
C ALA A 168 12.61 7.26 -14.66
N PHE A 169 13.79 7.40 -15.24
CA PHE A 169 14.98 6.68 -14.79
C PHE A 169 15.26 6.91 -13.30
N GLU A 170 15.18 8.16 -12.89
CA GLU A 170 15.45 8.55 -11.51
C GLU A 170 14.43 8.00 -10.52
N VAL A 171 13.16 7.97 -10.93
CA VAL A 171 12.12 7.46 -10.05
C VAL A 171 12.37 5.96 -9.81
N VAL A 172 12.63 5.22 -10.89
CA VAL A 172 12.88 3.79 -10.79
C VAL A 172 14.16 3.52 -9.99
N ASP A 173 15.20 4.32 -10.23
CA ASP A 173 16.47 4.18 -9.53
C ASP A 173 16.26 4.28 -8.02
N GLU A 174 15.41 5.21 -7.61
CA GLU A 174 15.15 5.44 -6.20
C GLU A 174 14.14 4.49 -5.56
N LEU A 175 13.02 4.24 -6.25
CA LEU A 175 12.00 3.36 -5.68
C LEU A 175 12.27 1.86 -5.88
N GLY A 176 13.14 1.52 -6.83
CA GLY A 176 13.45 0.11 -7.06
C GLY A 176 12.61 -0.53 -8.16
N ASP A 177 11.57 0.16 -8.59
CA ASP A 177 10.66 -0.32 -9.64
C ASP A 177 9.80 0.88 -10.02
N ALA A 178 9.12 0.80 -11.15
CA ALA A 178 8.26 1.89 -11.58
C ALA A 178 7.03 1.85 -10.68
N PRO A 179 6.36 2.98 -10.48
CA PRO A 179 5.16 3.01 -9.63
C PRO A 179 3.96 2.49 -10.41
N HIS A 180 2.87 2.18 -9.70
CA HIS A 180 1.66 1.69 -10.36
C HIS A 180 1.08 2.82 -11.21
N TYR A 181 1.23 4.05 -10.74
CA TYR A 181 0.73 5.23 -11.44
C TYR A 181 1.71 6.37 -11.43
N HIS A 182 1.67 7.16 -12.49
CA HIS A 182 2.51 8.35 -12.57
C HIS A 182 1.63 9.46 -13.16
N ALA A 183 1.35 10.48 -12.36
CA ALA A 183 0.52 11.60 -12.78
C ALA A 183 1.35 12.84 -13.06
N LEU A 184 0.94 13.60 -14.08
CA LEU A 184 1.63 14.83 -14.48
C LEU A 184 0.71 15.68 -15.35
N PRO A 185 1.02 16.98 -15.48
CA PRO A 185 0.21 17.88 -16.30
C PRO A 185 0.55 17.64 -17.78
N VAL A 186 -0.36 18.01 -18.67
CA VAL A 186 -0.14 17.85 -20.09
C VAL A 186 -0.49 19.18 -20.75
N GLY A 187 0.52 19.80 -21.38
CA GLY A 187 0.34 21.06 -22.07
C GLY A 187 0.64 20.88 -23.55
N ASN A 188 1.92 20.81 -23.92
CA ASN A 188 2.29 20.63 -25.31
C ASN A 188 2.53 19.12 -25.55
N ALA A 189 2.43 18.35 -24.46
CA ALA A 189 2.54 16.88 -24.47
C ALA A 189 3.91 16.21 -24.57
N GLY A 190 4.98 17.00 -24.56
CA GLY A 190 6.30 16.40 -24.65
C GLY A 190 6.69 15.61 -23.40
N ASN A 191 6.32 16.12 -22.23
CA ASN A 191 6.69 15.44 -20.98
C ASN A 191 6.02 14.08 -20.79
N ILE A 192 4.71 13.98 -21.01
CA ILE A 192 4.06 12.69 -20.83
C ILE A 192 4.68 11.68 -21.79
N THR A 193 5.02 12.16 -22.99
CA THR A 193 5.64 11.30 -23.99
C THR A 193 7.04 10.88 -23.53
N ALA A 194 7.79 11.82 -22.96
CA ALA A 194 9.15 11.53 -22.48
C ALA A 194 9.11 10.54 -21.31
N HIS A 195 8.16 10.73 -20.39
CA HIS A 195 8.04 9.84 -19.23
C HIS A 195 7.85 8.40 -19.69
N TRP A 196 6.91 8.19 -20.61
CA TRP A 196 6.60 6.86 -21.11
C TRP A 196 7.81 6.26 -21.83
N MET A 197 8.53 7.08 -22.60
CA MET A 197 9.73 6.61 -23.29
C MET A 197 10.71 6.09 -22.24
N GLY A 198 10.85 6.86 -21.16
CA GLY A 198 11.74 6.49 -20.07
C GLY A 198 11.37 5.19 -19.41
N TYR A 199 10.10 5.04 -19.07
CA TYR A 199 9.62 3.83 -18.44
C TYR A 199 9.73 2.59 -19.32
N LYS A 200 9.46 2.75 -20.62
CA LYS A 200 9.56 1.60 -21.52
C LYS A 200 11.02 1.15 -21.67
N ALA A 201 11.93 2.11 -21.80
CA ALA A 201 13.35 1.81 -21.94
C ALA A 201 13.85 1.05 -20.70
N TYR A 202 13.53 1.57 -19.52
CA TYR A 202 13.97 0.93 -18.29
C TYR A 202 13.36 -0.45 -18.09
N HIS A 203 12.14 -0.64 -18.59
CA HIS A 203 11.46 -1.91 -18.47
C HIS A 203 12.14 -2.92 -19.41
N ALA A 204 12.55 -2.45 -20.59
CA ALA A 204 13.22 -3.31 -21.55
C ALA A 204 14.59 -3.69 -20.99
N LEU A 205 15.20 -2.78 -20.24
CA LEU A 205 16.52 -3.03 -19.66
C LEU A 205 16.39 -3.93 -18.42
N GLY A 206 15.15 -4.13 -17.98
CA GLY A 206 14.92 -4.96 -16.81
C GLY A 206 15.10 -4.24 -15.49
N LYS A 207 15.30 -2.92 -15.54
CA LYS A 207 15.49 -2.14 -14.32
C LYS A 207 14.15 -1.87 -13.64
N ALA A 208 13.08 -1.94 -14.43
CA ALA A 208 11.74 -1.75 -13.90
C ALA A 208 10.97 -3.02 -14.27
N LYS A 209 10.40 -3.68 -13.27
CA LYS A 209 9.65 -4.90 -13.53
C LYS A 209 8.25 -4.59 -14.06
N ARG A 210 7.69 -3.45 -13.65
CA ARG A 210 6.37 -3.10 -14.15
C ARG A 210 6.36 -1.78 -14.89
N LEU A 211 5.27 -1.55 -15.61
CA LEU A 211 5.06 -0.34 -16.39
C LEU A 211 3.92 0.42 -15.71
N PRO A 212 4.16 1.70 -15.38
CA PRO A 212 3.14 2.52 -14.72
C PRO A 212 2.04 2.92 -15.68
N ARG A 213 0.89 3.29 -15.12
CA ARG A 213 -0.22 3.78 -15.92
C ARG A 213 -0.03 5.31 -15.88
N MET A 214 0.12 5.91 -17.06
CA MET A 214 0.33 7.35 -17.14
C MET A 214 -0.98 8.12 -17.04
N LEU A 215 -1.07 8.98 -16.03
CA LEU A 215 -2.26 9.77 -15.80
C LEU A 215 -1.96 11.23 -16.13
N GLY A 216 -2.41 11.67 -17.31
CA GLY A 216 -2.18 13.04 -17.72
C GLY A 216 -3.40 13.93 -17.45
N PHE A 217 -3.14 15.16 -17.05
CA PHE A 217 -4.23 16.09 -16.75
C PHE A 217 -4.05 17.47 -17.36
N GLN A 218 -5.13 17.94 -17.98
CA GLN A 218 -5.18 19.24 -18.61
C GLN A 218 -6.19 20.11 -17.88
N ALA A 219 -6.04 21.43 -17.99
CA ALA A 219 -6.99 22.35 -17.37
C ALA A 219 -8.21 22.30 -18.27
N ALA A 220 -9.39 22.30 -17.68
CA ALA A 220 -10.65 22.23 -18.43
C ALA A 220 -10.82 23.28 -19.52
N GLY A 221 -10.17 24.43 -19.38
CA GLY A 221 -10.29 25.48 -20.37
C GLY A 221 -9.33 25.28 -21.54
N ALA A 222 -8.42 24.32 -21.41
CA ALA A 222 -7.44 24.04 -22.46
C ALA A 222 -7.20 22.54 -22.48
N ALA A 223 -8.25 21.80 -22.86
CA ALA A 223 -8.17 20.34 -22.89
C ALA A 223 -8.40 19.72 -24.26
N PRO A 224 -7.58 20.08 -25.26
CA PRO A 224 -7.76 19.51 -26.60
C PRO A 224 -7.73 17.98 -26.63
N LEU A 225 -6.78 17.39 -25.91
CA LEU A 225 -6.65 15.93 -25.86
C LEU A 225 -7.88 15.29 -25.24
N VAL A 226 -8.51 15.99 -24.29
CA VAL A 226 -9.70 15.47 -23.64
C VAL A 226 -10.91 15.53 -24.55
N LEU A 227 -11.09 16.66 -25.24
CA LEU A 227 -12.22 16.82 -26.16
C LEU A 227 -11.99 16.09 -27.48
N GLY A 228 -10.73 15.87 -27.84
CA GLY A 228 -10.43 15.16 -29.06
C GLY A 228 -10.13 16.00 -30.28
N ARG A 229 -10.07 17.32 -30.11
CA ARG A 229 -9.75 18.21 -31.22
C ARG A 229 -9.14 19.50 -30.70
N PRO A 230 -8.39 20.21 -31.54
CA PRO A 230 -7.76 21.47 -31.11
C PRO A 230 -8.76 22.48 -30.55
N VAL A 231 -8.29 23.21 -29.54
CA VAL A 231 -9.07 24.25 -28.89
C VAL A 231 -8.54 25.60 -29.40
N GLU A 232 -9.39 26.31 -30.13
CA GLU A 232 -9.01 27.60 -30.70
C GLU A 232 -8.70 28.67 -29.65
N ARG A 233 -9.49 28.71 -28.58
CA ARG A 233 -9.28 29.71 -27.55
C ARG A 233 -9.01 29.09 -26.18
N PRO A 234 -7.82 28.49 -26.01
CA PRO A 234 -7.46 27.86 -24.73
C PRO A 234 -7.47 28.91 -23.63
N GLU A 235 -7.97 28.54 -22.46
CA GLU A 235 -8.06 29.46 -21.33
C GLU A 235 -7.84 28.71 -20.00
N THR A 236 -7.15 29.36 -19.06
CA THR A 236 -6.89 28.79 -17.73
C THR A 236 -5.91 29.64 -16.92
N LEU A 237 -6.10 29.70 -15.61
CA LEU A 237 -5.19 30.47 -14.76
C LEU A 237 -3.82 29.79 -14.70
N ALA A 238 -3.79 28.50 -15.01
CA ALA A 238 -2.53 27.76 -15.02
C ALA A 238 -1.98 27.99 -16.43
N THR A 239 -1.57 29.23 -16.68
CA THR A 239 -1.05 29.63 -17.99
C THR A 239 0.07 28.78 -18.58
N ALA A 240 0.78 28.04 -17.74
CA ALA A 240 1.86 27.18 -18.22
C ALA A 240 1.32 26.18 -19.24
N ILE A 241 0.06 25.77 -19.06
CA ILE A 241 -0.55 24.80 -19.97
C ILE A 241 -1.76 25.35 -20.73
N ARG A 242 -1.76 26.66 -20.94
CA ARG A 242 -2.81 27.34 -21.69
C ARG A 242 -2.44 27.05 -23.14
N ILE A 243 -2.59 25.79 -23.53
CA ILE A 243 -2.23 25.32 -24.87
C ILE A 243 -3.38 24.58 -25.53
N GLY A 244 -3.72 24.99 -26.75
CA GLY A 244 -4.83 24.36 -27.47
C GLY A 244 -4.53 23.36 -28.57
N ASN A 245 -3.28 23.21 -28.96
CA ASN A 245 -2.93 22.25 -30.02
C ASN A 245 -1.55 21.63 -29.76
N PRO A 246 -1.47 20.72 -28.78
CA PRO A 246 -0.25 20.02 -28.38
C PRO A 246 0.54 19.40 -29.53
N ALA A 247 1.82 19.78 -29.63
CA ALA A 247 2.72 19.29 -30.67
C ALA A 247 2.95 17.78 -30.61
N SER A 248 2.95 17.22 -29.40
CA SER A 248 3.17 15.78 -29.23
C SER A 248 1.83 15.08 -29.00
N TRP A 249 0.82 15.49 -29.74
CA TRP A 249 -0.53 14.93 -29.63
C TRP A 249 -0.51 13.41 -29.69
N GLN A 250 0.04 12.85 -30.76
CA GLN A 250 0.07 11.40 -30.92
C GLN A 250 0.91 10.71 -29.86
N GLY A 251 1.99 11.37 -29.44
CA GLY A 251 2.84 10.80 -28.41
C GLY A 251 2.06 10.62 -27.13
N ALA A 252 1.27 11.63 -26.79
CA ALA A 252 0.44 11.61 -25.58
C ALA A 252 -0.63 10.51 -25.66
N VAL A 253 -1.32 10.44 -26.79
CA VAL A 253 -2.36 9.44 -26.99
C VAL A 253 -1.79 8.02 -26.88
N ARG A 254 -0.66 7.77 -27.52
CA ARG A 254 -0.04 6.45 -27.46
C ARG A 254 0.40 6.14 -26.04
N ALA A 255 0.94 7.13 -25.34
CA ALA A 255 1.41 6.93 -23.97
C ALA A 255 0.23 6.50 -23.10
N LYS A 256 -0.91 7.16 -23.30
CA LYS A 256 -2.12 6.85 -22.56
C LYS A 256 -2.59 5.44 -22.89
N GLU A 257 -2.72 5.16 -24.18
CA GLU A 257 -3.19 3.86 -24.66
C GLU A 257 -2.27 2.71 -24.24
N GLU A 258 -0.99 2.83 -24.55
CA GLU A 258 -0.02 1.80 -24.22
C GLU A 258 0.11 1.52 -22.72
N SER A 259 0.03 2.56 -21.90
CA SER A 259 0.17 2.41 -20.46
C SER A 259 -1.11 2.03 -19.73
N GLY A 260 -2.24 2.17 -20.40
CA GLY A 260 -3.50 1.84 -19.75
C GLY A 260 -3.89 2.95 -18.79
N GLY A 261 -3.38 4.15 -19.06
CA GLY A 261 -3.67 5.29 -18.21
C GLY A 261 -4.79 6.15 -18.77
N VAL A 262 -4.74 7.43 -18.47
CA VAL A 262 -5.76 8.36 -18.94
C VAL A 262 -5.20 9.75 -19.21
N ILE A 263 -6.02 10.57 -19.85
CA ILE A 263 -5.72 11.97 -20.10
C ILE A 263 -7.07 12.63 -19.86
N GLU A 264 -7.17 13.33 -18.74
CA GLU A 264 -8.42 13.96 -18.36
C GLU A 264 -8.28 15.43 -17.99
N ALA A 265 -9.42 16.05 -17.76
CA ALA A 265 -9.47 17.46 -17.41
C ALA A 265 -9.78 17.68 -15.93
N VAL A 266 -9.23 18.77 -15.41
CA VAL A 266 -9.45 19.19 -14.03
C VAL A 266 -9.75 20.68 -14.16
N THR A 267 -10.69 21.19 -13.37
CA THR A 267 -11.08 22.59 -13.45
C THR A 267 -10.08 23.50 -12.75
N ASP A 268 -10.13 24.79 -13.06
CA ASP A 268 -9.24 25.75 -12.43
C ASP A 268 -9.49 25.75 -10.93
N GLU A 269 -10.73 25.49 -10.53
CA GLU A 269 -11.09 25.44 -9.11
C GLU A 269 -10.36 24.26 -8.45
N GLU A 270 -10.36 23.11 -9.12
CA GLU A 270 -9.70 21.91 -8.62
C GLU A 270 -8.19 22.11 -8.57
N ILE A 271 -7.65 22.86 -9.53
CA ILE A 271 -6.24 23.12 -9.58
C ILE A 271 -5.84 23.95 -8.36
N LEU A 272 -6.62 24.99 -8.07
CA LEU A 272 -6.34 25.83 -6.92
C LEU A 272 -6.42 25.04 -5.61
N PHE A 273 -7.38 24.14 -5.52
CA PHE A 273 -7.52 23.33 -4.30
C PHE A 273 -6.29 22.46 -4.07
N ALA A 274 -5.83 21.79 -5.12
CA ALA A 274 -4.66 20.92 -5.04
C ALA A 274 -3.40 21.75 -4.75
N TYR A 275 -3.34 22.90 -5.42
CA TYR A 275 -2.23 23.85 -5.30
C TYR A 275 -2.08 24.24 -3.82
N ARG A 276 -3.18 24.58 -3.20
CA ARG A 276 -3.17 24.98 -1.80
C ARG A 276 -2.89 23.77 -0.89
N TYR A 277 -3.43 22.62 -1.26
CA TYR A 277 -3.23 21.40 -0.48
C TYR A 277 -1.73 21.08 -0.35
N LEU A 278 -1.03 21.01 -1.47
CA LEU A 278 0.39 20.71 -1.46
C LEU A 278 1.20 21.67 -0.60
N ALA A 279 0.95 22.96 -0.76
CA ALA A 279 1.68 23.98 -0.01
C ALA A 279 1.37 24.00 1.48
N ARG A 280 0.08 24.08 1.80
CA ARG A 280 -0.36 24.16 3.19
C ARG A 280 -0.34 22.86 3.99
N GLU A 281 -0.48 21.72 3.31
CA GLU A 281 -0.51 20.43 3.99
C GLU A 281 0.76 19.59 3.87
N GLU A 282 1.44 19.67 2.73
CA GLU A 282 2.66 18.88 2.52
C GLU A 282 3.90 19.77 2.59
N GLY A 283 3.70 21.08 2.59
CA GLY A 283 4.81 22.01 2.64
C GLY A 283 5.58 22.11 1.33
N ILE A 284 4.91 21.77 0.22
CA ILE A 284 5.52 21.80 -1.11
C ILE A 284 4.83 22.86 -1.97
N PHE A 285 5.61 23.81 -2.48
CA PHE A 285 5.09 24.89 -3.29
C PHE A 285 5.44 24.71 -4.77
N CYS A 286 4.43 24.44 -5.58
CA CYS A 286 4.62 24.26 -7.02
C CYS A 286 3.66 25.20 -7.72
N GLU A 287 3.93 25.55 -8.98
CA GLU A 287 3.02 26.47 -9.67
C GLU A 287 1.70 25.77 -10.00
N PRO A 288 0.64 26.55 -10.27
CA PRO A 288 -0.68 26.02 -10.58
C PRO A 288 -0.72 24.88 -11.60
N ALA A 289 -0.05 25.05 -12.73
CA ALA A 289 -0.03 24.01 -13.75
C ALA A 289 0.43 22.68 -13.16
N SER A 290 1.45 22.74 -12.30
CA SER A 290 1.98 21.54 -11.67
C SER A 290 0.95 20.90 -10.74
N ALA A 291 0.20 21.74 -10.04
CA ALA A 291 -0.82 21.27 -9.11
C ALA A 291 -1.93 20.46 -9.80
N ALA A 292 -2.02 20.59 -11.13
CA ALA A 292 -3.02 19.86 -11.89
C ALA A 292 -2.82 18.35 -11.76
N ALA A 293 -1.57 17.95 -11.56
CA ALA A 293 -1.27 16.53 -11.41
C ALA A 293 -1.93 16.02 -10.13
N MET A 294 -1.83 16.79 -9.05
CA MET A 294 -2.44 16.40 -7.79
C MET A 294 -3.97 16.51 -7.90
N ALA A 295 -4.45 17.53 -8.60
CA ALA A 295 -5.89 17.70 -8.79
C ALA A 295 -6.45 16.44 -9.47
N GLY A 296 -5.68 15.91 -10.43
CA GLY A 296 -6.09 14.71 -11.13
C GLY A 296 -6.17 13.53 -10.18
N VAL A 297 -5.20 13.41 -9.27
CA VAL A 297 -5.20 12.33 -8.31
C VAL A 297 -6.44 12.43 -7.42
N PHE A 298 -6.74 13.63 -6.94
CA PHE A 298 -7.92 13.87 -6.10
C PHE A 298 -9.17 13.43 -6.84
N LYS A 299 -9.24 13.80 -8.12
CA LYS A 299 -10.40 13.46 -8.95
C LYS A 299 -10.62 11.96 -9.06
N LEU A 300 -9.59 11.22 -9.47
CA LEU A 300 -9.73 9.78 -9.61
C LEU A 300 -10.00 9.11 -8.27
N LEU A 301 -9.46 9.69 -7.19
CA LEU A 301 -9.69 9.14 -5.86
C LEU A 301 -11.17 9.23 -5.50
N ARG A 302 -11.71 10.44 -5.60
CA ARG A 302 -13.11 10.65 -5.26
C ARG A 302 -14.05 9.81 -6.14
N GLU A 303 -13.60 9.46 -7.34
CA GLU A 303 -14.42 8.66 -8.24
C GLU A 303 -14.14 7.18 -8.11
N GLY A 304 -13.28 6.82 -7.17
CA GLY A 304 -12.93 5.42 -6.97
C GLY A 304 -12.25 4.78 -8.16
N ARG A 305 -11.47 5.56 -8.92
CA ARG A 305 -10.81 5.02 -10.09
C ARG A 305 -9.32 4.83 -9.96
N LEU A 306 -8.82 4.83 -8.73
CA LEU A 306 -7.42 4.57 -8.45
C LEU A 306 -7.43 3.30 -7.59
N GLU A 307 -6.80 2.23 -8.08
CA GLU A 307 -6.77 0.96 -7.36
C GLU A 307 -6.08 1.03 -6.00
N PRO A 308 -6.66 0.36 -4.98
CA PRO A 308 -6.06 0.36 -3.65
C PRO A 308 -4.68 -0.31 -3.71
N GLU A 309 -3.88 -0.10 -2.66
CA GLU A 309 -2.56 -0.69 -2.54
C GLU A 309 -1.70 -0.39 -3.77
N SER A 310 -1.49 0.90 -4.03
CA SER A 310 -0.70 1.35 -5.17
C SER A 310 0.22 2.51 -4.80
N THR A 311 1.26 2.68 -5.59
CA THR A 311 2.20 3.78 -5.41
C THR A 311 1.91 4.77 -6.54
N VAL A 312 1.73 6.03 -6.17
CA VAL A 312 1.47 7.07 -7.14
C VAL A 312 2.58 8.12 -7.09
N VAL A 313 3.21 8.34 -8.23
CA VAL A 313 4.27 9.34 -8.30
C VAL A 313 3.74 10.54 -9.08
N LEU A 314 3.92 11.72 -8.52
CA LEU A 314 3.49 12.96 -9.13
C LEU A 314 4.71 13.72 -9.63
N THR A 315 4.65 14.24 -10.85
CA THR A 315 5.75 15.05 -11.35
C THR A 315 5.31 16.49 -11.16
N LEU A 316 5.85 17.15 -10.11
CA LEU A 316 5.50 18.55 -9.89
C LEU A 316 6.48 19.32 -10.75
N THR A 317 5.98 19.67 -11.94
CA THR A 317 6.73 20.34 -13.00
C THR A 317 7.46 21.67 -12.76
N GLY A 318 6.90 22.55 -11.93
CA GLY A 318 7.55 23.82 -11.69
C GLY A 318 7.40 24.37 -10.28
N HIS A 319 8.40 25.11 -9.81
CA HIS A 319 8.34 25.69 -8.47
C HIS A 319 7.30 26.80 -8.41
N GLY A 320 6.63 26.91 -7.26
CA GLY A 320 5.62 27.92 -7.07
C GLY A 320 6.12 29.35 -7.26
N LEU A 321 7.41 29.56 -6.99
CA LEU A 321 8.01 30.90 -7.15
C LEU A 321 7.96 31.38 -8.59
N LYS A 322 7.59 30.49 -9.51
CA LYS A 322 7.48 30.85 -10.91
C LYS A 322 6.29 31.80 -11.10
N ASP A 323 5.27 31.62 -10.27
CA ASP A 323 4.04 32.40 -10.39
C ASP A 323 3.49 32.87 -9.04
N PRO A 324 4.16 33.85 -8.41
CA PRO A 324 3.73 34.37 -7.11
C PRO A 324 2.34 35.03 -7.06
N ALA A 325 1.89 35.57 -8.18
CA ALA A 325 0.59 36.23 -8.24
C ALA A 325 -0.60 35.35 -7.86
N THR A 326 -0.51 34.06 -8.13
CA THR A 326 -1.61 33.15 -7.82
C THR A 326 -1.79 32.82 -6.33
N ALA A 327 -0.77 33.13 -5.52
CA ALA A 327 -0.86 32.84 -4.09
C ALA A 327 -2.04 33.60 -3.48
N GLU A 328 -2.25 34.84 -3.94
CA GLU A 328 -3.34 35.70 -3.47
C GLU A 328 -4.72 35.12 -3.77
N ARG A 329 -4.77 34.03 -4.53
CA ARG A 329 -6.04 33.39 -4.89
C ARG A 329 -6.47 32.35 -3.88
N VAL A 330 -5.54 31.90 -3.04
CA VAL A 330 -5.86 30.89 -2.05
C VAL A 330 -5.61 31.37 -0.63
N ALA A 331 -5.14 32.61 -0.50
CA ALA A 331 -4.86 33.18 0.82
C ALA A 331 -4.85 34.70 0.73
N GLU A 332 -5.03 35.35 1.88
CA GLU A 332 -5.03 36.81 1.92
C GLU A 332 -3.92 37.39 2.80
N LEU A 333 -3.30 38.46 2.31
CA LEU A 333 -2.22 39.13 3.01
C LEU A 333 -2.78 40.20 3.94
N PRO A 334 -2.65 40.00 5.26
CA PRO A 334 -3.15 40.97 6.23
C PRO A 334 -2.53 42.35 6.12
N PRO A 335 -3.34 43.42 6.29
CA PRO A 335 -2.82 44.78 6.21
C PRO A 335 -1.82 45.02 7.34
N PRO A 336 -0.83 45.90 7.11
CA PRO A 336 0.20 46.23 8.11
C PRO A 336 -0.34 46.83 9.40
N VAL A 337 0.37 46.60 10.50
CA VAL A 337 -0.02 47.16 11.80
C VAL A 337 1.19 47.90 12.36
N PRO A 338 0.99 48.72 13.40
CA PRO A 338 2.12 49.46 13.99
C PRO A 338 3.18 48.53 14.55
N ALA A 339 4.42 49.01 14.61
CA ALA A 339 5.51 48.20 15.15
C ALA A 339 5.55 48.31 16.68
N ARG A 340 4.44 47.89 17.31
CA ARG A 340 4.31 47.89 18.76
C ARG A 340 3.94 46.46 19.16
N LEU A 341 4.47 45.99 20.28
CA LEU A 341 4.22 44.62 20.75
C LEU A 341 2.73 44.28 20.82
N GLU A 342 1.95 45.16 21.44
CA GLU A 342 0.51 44.95 21.59
C GLU A 342 -0.18 44.66 20.25
N ALA A 343 0.02 45.54 19.28
CA ALA A 343 -0.57 45.37 17.96
C ALA A 343 -0.12 44.07 17.30
N VAL A 344 1.15 43.72 17.48
CA VAL A 344 1.71 42.51 16.91
C VAL A 344 1.11 41.26 17.56
N ALA A 345 1.07 41.24 18.89
CA ALA A 345 0.51 40.10 19.62
C ALA A 345 -0.94 39.85 19.20
N ALA A 346 -1.70 40.94 19.03
CA ALA A 346 -3.09 40.82 18.62
C ALA A 346 -3.16 40.25 17.20
N ALA A 347 -2.37 40.84 16.31
CA ALA A 347 -2.34 40.41 14.92
C ALA A 347 -1.91 38.95 14.79
N ALA A 348 -1.06 38.49 15.72
CA ALA A 348 -0.57 37.13 15.70
C ALA A 348 -1.56 36.16 16.35
N GLY A 349 -2.68 36.70 16.82
CA GLY A 349 -3.71 35.88 17.46
C GLY A 349 -3.26 35.23 18.75
N LEU A 350 -2.33 35.87 19.44
CA LEU A 350 -1.80 35.35 20.69
C LEU A 350 -2.48 35.93 21.92
N LEU A 351 -3.39 36.88 21.69
CA LEU A 351 -4.13 37.50 22.79
C LEU A 351 -5.56 36.97 22.84
N MET B 1 16.72 12.19 -5.87
CA MET B 1 17.76 11.60 -4.97
C MET B 1 18.34 12.64 -4.01
N ARG B 2 17.88 12.58 -2.76
CA ARG B 2 18.34 13.49 -1.72
C ARG B 2 17.79 13.02 -0.37
N PRO B 3 18.67 12.73 0.58
CA PRO B 3 18.24 12.27 1.91
C PRO B 3 17.96 13.48 2.80
N PRO B 4 17.21 13.29 3.89
CA PRO B 4 16.94 14.43 4.76
C PRO B 4 18.29 14.93 5.26
N LEU B 5 18.46 16.25 5.32
CA LEU B 5 19.74 16.81 5.76
C LEU B 5 20.13 16.29 7.14
N ILE B 6 19.13 16.16 8.02
CA ILE B 6 19.38 15.68 9.38
C ILE B 6 19.97 14.26 9.37
N GLU B 7 19.56 13.44 8.41
CA GLU B 7 20.08 12.08 8.33
C GLU B 7 21.51 12.06 7.78
N ARG B 8 21.76 12.86 6.76
CA ARG B 8 23.09 12.93 6.17
C ARG B 8 24.16 13.25 7.19
N TYR B 9 23.87 14.20 8.09
CA TYR B 9 24.83 14.59 9.11
C TYR B 9 24.32 14.31 10.52
N ARG B 10 23.54 13.25 10.67
CA ARG B 10 22.99 12.87 11.97
C ARG B 10 24.04 12.86 13.09
N ASN B 11 25.18 12.24 12.83
CA ASN B 11 26.25 12.13 13.84
C ASN B 11 26.88 13.44 14.27
N LEU B 12 26.69 14.50 13.49
CA LEU B 12 27.27 15.81 13.81
C LEU B 12 26.23 16.86 14.19
N LEU B 13 25.01 16.42 14.45
CA LEU B 13 23.94 17.33 14.84
C LEU B 13 23.36 16.99 16.23
N PRO B 14 22.72 17.97 16.88
CA PRO B 14 22.13 17.75 18.21
C PRO B 14 20.79 17.00 18.16
N VAL B 15 20.83 15.78 17.62
CA VAL B 15 19.64 14.96 17.52
C VAL B 15 19.93 13.57 18.07
N SER B 16 18.86 12.81 18.32
CA SER B 16 19.00 11.45 18.83
C SER B 16 17.87 10.65 18.20
N GLU B 17 17.67 9.42 18.67
CA GLU B 17 16.62 8.58 18.11
C GLU B 17 15.23 9.14 18.37
N LYS B 18 15.07 9.96 19.40
CA LYS B 18 13.77 10.53 19.71
C LYS B 18 13.46 11.85 19.00
N THR B 19 14.36 12.28 18.12
CA THR B 19 14.13 13.52 17.38
C THR B 19 13.25 13.28 16.15
N PRO B 20 12.09 13.95 16.09
CA PRO B 20 11.18 13.78 14.94
C PRO B 20 11.85 14.46 13.75
N VAL B 21 12.10 13.71 12.68
CA VAL B 21 12.75 14.32 11.52
C VAL B 21 11.78 15.02 10.58
N ILE B 22 11.66 16.34 10.73
CA ILE B 22 10.77 17.13 9.88
C ILE B 22 11.58 17.64 8.69
N SER B 23 11.51 16.91 7.58
CA SER B 23 12.28 17.27 6.40
C SER B 23 11.46 17.41 5.12
N LEU B 24 11.96 18.26 4.23
CA LEU B 24 11.36 18.49 2.92
C LEU B 24 12.45 18.13 1.91
N LEU B 25 13.43 17.37 2.40
CA LEU B 25 14.58 16.93 1.62
C LEU B 25 15.38 18.15 1.16
N GLU B 26 16.05 18.77 2.12
CA GLU B 26 16.85 19.96 1.91
C GLU B 26 18.33 19.60 1.92
N GLY B 27 19.18 20.59 1.68
CA GLY B 27 20.61 20.36 1.65
C GLY B 27 21.03 19.57 0.42
N SER B 28 22.30 19.16 0.38
CA SER B 28 22.83 18.40 -0.75
C SER B 28 22.57 19.13 -2.06
N THR B 29 22.76 20.45 -2.03
CA THR B 29 22.56 21.30 -3.20
C THR B 29 23.78 21.24 -4.11
N PRO B 30 23.60 21.60 -5.40
CA PRO B 30 24.73 21.56 -6.31
C PRO B 30 25.81 22.62 -6.11
N LEU B 31 27.05 22.22 -6.39
CA LEU B 31 28.21 23.10 -6.29
C LEU B 31 28.63 23.29 -7.75
N ILE B 32 28.10 24.34 -8.36
CA ILE B 32 28.37 24.63 -9.77
C ILE B 32 29.71 25.30 -10.05
N PRO B 33 30.55 24.66 -10.87
CA PRO B 33 31.84 25.28 -11.19
C PRO B 33 31.57 26.42 -12.17
N LEU B 34 32.04 27.62 -11.85
CA LEU B 34 31.80 28.75 -12.73
C LEU B 34 32.83 28.84 -13.85
N LYS B 35 32.42 29.38 -14.99
CA LYS B 35 33.34 29.52 -16.12
C LYS B 35 34.38 30.59 -15.84
N GLY B 36 33.96 31.67 -15.19
CA GLY B 36 34.90 32.75 -14.94
C GLY B 36 34.79 33.32 -13.54
N PRO B 37 34.85 34.65 -13.41
CA PRO B 37 35.01 35.62 -14.49
C PRO B 37 36.41 35.60 -15.13
N GLU B 38 36.57 36.43 -16.16
CA GLU B 38 37.84 36.52 -16.87
C GLU B 38 38.99 36.92 -15.95
N GLU B 39 38.74 37.90 -15.09
CA GLU B 39 39.75 38.39 -14.16
C GLU B 39 40.25 37.27 -13.24
N ALA B 40 39.37 36.32 -12.96
CA ALA B 40 39.73 35.18 -12.09
C ALA B 40 40.52 34.14 -12.88
N ARG B 41 40.01 33.80 -14.05
CA ARG B 41 40.61 32.81 -14.92
C ARG B 41 42.07 33.16 -15.23
N LYS B 42 42.35 34.46 -15.41
CA LYS B 42 43.70 34.92 -15.73
C LYS B 42 44.69 34.65 -14.60
N LYS B 43 44.17 34.49 -13.38
CA LYS B 43 44.99 34.22 -12.21
C LYS B 43 44.92 32.73 -11.83
N GLY B 44 44.28 31.94 -12.67
CA GLY B 44 44.13 30.52 -12.38
C GLY B 44 43.20 30.33 -11.20
N ILE B 45 42.46 31.37 -10.85
CA ILE B 45 41.51 31.31 -9.73
C ILE B 45 40.22 30.61 -10.17
N ARG B 46 39.79 29.60 -9.41
CA ARG B 46 38.56 28.88 -9.73
C ARG B 46 37.44 29.19 -8.75
N LEU B 47 36.25 29.43 -9.29
CA LEU B 47 35.07 29.75 -8.48
C LEU B 47 34.01 28.65 -8.56
N TYR B 48 33.37 28.37 -7.43
CA TYR B 48 32.29 27.38 -7.39
C TYR B 48 31.10 28.04 -6.71
N ALA B 49 29.91 27.78 -7.22
CA ALA B 49 28.72 28.36 -6.64
C ALA B 49 27.88 27.30 -5.93
N LYS B 50 27.80 27.40 -4.61
CA LYS B 50 26.97 26.48 -3.83
C LYS B 50 25.60 27.12 -4.00
N TYR B 51 24.78 26.52 -4.86
CA TYR B 51 23.45 27.03 -5.19
C TYR B 51 22.35 26.68 -4.20
N GLU B 52 22.27 27.45 -3.12
CA GLU B 52 21.27 27.24 -2.08
C GLU B 52 19.87 27.60 -2.53
N GLY B 53 19.78 28.16 -3.74
CA GLY B 53 18.48 28.52 -4.28
C GLY B 53 17.71 27.26 -4.62
N LEU B 54 18.40 26.12 -4.65
CA LEU B 54 17.73 24.86 -4.97
C LEU B 54 17.28 24.04 -3.76
N ASN B 55 17.18 24.71 -2.62
CA ASN B 55 16.66 24.07 -1.41
C ASN B 55 15.14 24.12 -1.66
N PRO B 56 14.37 23.26 -0.97
CA PRO B 56 12.92 23.23 -1.13
C PRO B 56 12.19 24.59 -1.22
N THR B 57 12.50 25.51 -0.31
CA THR B 57 11.84 26.82 -0.34
C THR B 57 12.66 27.87 -1.06
N GLY B 58 13.73 27.45 -1.75
CA GLY B 58 14.54 28.39 -2.50
C GLY B 58 15.61 29.19 -1.79
N SER B 59 15.94 28.84 -0.55
CA SER B 59 17.01 29.56 0.17
C SER B 59 17.70 28.63 1.15
N PHE B 60 18.87 29.03 1.61
CA PHE B 60 19.64 28.21 2.55
C PHE B 60 18.98 28.06 3.92
N LYS B 61 17.96 28.88 4.19
CA LYS B 61 17.29 28.83 5.48
C LYS B 61 16.76 27.43 5.81
N ASP B 62 16.41 26.66 4.79
CA ASP B 62 15.89 25.31 5.02
C ASP B 62 16.89 24.48 5.84
N ARG B 63 18.18 24.70 5.62
CA ARG B 63 19.22 23.98 6.37
C ARG B 63 19.00 24.18 7.86
N GLY B 64 18.77 25.42 8.25
CA GLY B 64 18.57 25.73 9.65
C GLY B 64 17.18 25.41 10.16
N MET B 65 16.17 25.64 9.32
CA MET B 65 14.79 25.41 9.73
C MET B 65 14.45 23.95 9.97
N THR B 66 15.00 23.04 9.15
CA THR B 66 14.69 21.63 9.34
C THR B 66 15.11 21.20 10.74
N LEU B 67 16.27 21.66 11.21
CA LEU B 67 16.72 21.29 12.55
C LEU B 67 15.93 22.03 13.62
N ALA B 68 15.79 23.34 13.46
CA ALA B 68 15.06 24.16 14.42
C ALA B 68 13.64 23.64 14.65
N VAL B 69 12.94 23.33 13.57
CA VAL B 69 11.56 22.84 13.70
C VAL B 69 11.50 21.42 14.25
N SER B 70 12.43 20.57 13.79
CA SER B 70 12.47 19.20 14.28
C SER B 70 12.66 19.19 15.80
N LYS B 71 13.61 19.99 16.28
CA LYS B 71 13.88 20.07 17.71
C LYS B 71 12.75 20.75 18.45
N ALA B 72 12.11 21.74 17.83
CA ALA B 72 11.00 22.43 18.47
C ALA B 72 9.91 21.40 18.74
N VAL B 73 9.53 20.67 17.69
CA VAL B 73 8.51 19.65 17.83
C VAL B 73 8.92 18.63 18.90
N GLU B 74 10.19 18.23 18.90
CA GLU B 74 10.69 17.29 19.88
C GLU B 74 10.43 17.84 21.28
N GLY B 75 10.50 19.16 21.42
CA GLY B 75 10.27 19.79 22.70
C GLY B 75 8.79 19.96 23.00
N GLY B 76 7.94 19.54 22.06
CA GLY B 76 6.50 19.63 22.23
C GLY B 76 5.88 20.94 21.78
N ALA B 77 6.57 21.68 20.94
CA ALA B 77 6.04 22.97 20.47
C ALA B 77 4.88 22.79 19.50
N GLN B 78 3.90 23.69 19.62
CA GLN B 78 2.72 23.67 18.76
C GLN B 78 2.81 24.78 17.70
N ALA B 79 3.79 25.66 17.86
CA ALA B 79 3.98 26.75 16.92
C ALA B 79 5.39 27.31 16.99
N VAL B 80 5.82 27.89 15.87
CA VAL B 80 7.12 28.53 15.79
C VAL B 80 6.87 29.96 15.29
N ALA B 81 7.79 30.86 15.61
CA ALA B 81 7.65 32.26 15.19
C ALA B 81 9.02 32.81 14.79
N CYS B 82 9.02 33.83 13.94
CA CYS B 82 10.26 34.45 13.51
C CYS B 82 10.02 35.76 12.76
N ALA B 83 10.95 36.70 12.91
CA ALA B 83 10.87 37.96 12.20
C ALA B 83 11.70 37.65 10.94
N SER B 84 11.40 38.30 9.82
CA SER B 84 12.12 37.97 8.59
C SER B 84 12.08 39.01 7.48
N THR B 85 13.10 38.98 6.63
CA THR B 85 13.14 39.87 5.48
C THR B 85 12.52 39.09 4.32
N GLY B 86 11.99 37.92 4.63
CA GLY B 86 11.35 37.09 3.62
C GLY B 86 11.65 35.61 3.59
N ASN B 87 12.93 35.25 3.47
CA ASN B 87 13.31 33.84 3.37
C ASN B 87 13.15 32.96 4.59
N THR B 88 13.58 33.43 5.76
CA THR B 88 13.45 32.62 6.96
C THR B 88 11.96 32.36 7.22
N ALA B 89 11.14 33.37 6.98
CA ALA B 89 9.69 33.27 7.15
C ALA B 89 9.11 32.21 6.22
N ALA B 90 9.49 32.26 4.95
CA ALA B 90 9.00 31.31 3.97
C ALA B 90 9.38 29.88 4.39
N SER B 91 10.60 29.74 4.89
CA SER B 91 11.11 28.44 5.33
C SER B 91 10.28 27.95 6.52
N ALA B 92 10.13 28.81 7.52
CA ALA B 92 9.37 28.44 8.71
C ALA B 92 7.96 27.98 8.30
N ALA B 93 7.34 28.75 7.42
CA ALA B 93 5.99 28.44 6.93
C ALA B 93 5.93 27.04 6.32
N ALA B 94 6.86 26.76 5.42
CA ALA B 94 6.90 25.46 4.75
C ALA B 94 7.11 24.28 5.72
N TYR B 95 8.08 24.41 6.62
CA TYR B 95 8.33 23.33 7.57
C TYR B 95 7.19 23.18 8.58
N ALA B 96 6.58 24.29 8.96
CA ALA B 96 5.47 24.25 9.89
C ALA B 96 4.37 23.41 9.24
N ALA B 97 4.13 23.67 7.96
CA ALA B 97 3.12 22.94 7.19
C ALA B 97 3.47 21.47 7.15
N ARG B 98 4.75 21.19 6.91
CA ARG B 98 5.24 19.82 6.84
C ARG B 98 4.98 19.09 8.17
N ALA B 99 5.34 19.73 9.27
CA ALA B 99 5.18 19.17 10.61
C ALA B 99 3.73 19.20 11.08
N GLY B 100 2.94 20.09 10.49
CA GLY B 100 1.55 20.21 10.88
C GLY B 100 1.34 21.10 12.09
N ILE B 101 2.14 22.14 12.20
CA ILE B 101 2.02 23.08 13.31
C ILE B 101 1.86 24.49 12.79
N LEU B 102 1.74 25.44 13.70
CA LEU B 102 1.56 26.84 13.35
C LEU B 102 2.86 27.60 13.15
N ALA B 103 2.87 28.48 12.17
CA ALA B 103 4.01 29.33 11.87
C ALA B 103 3.50 30.77 11.91
N ILE B 104 4.16 31.60 12.71
CA ILE B 104 3.81 33.00 12.84
C ILE B 104 5.01 33.77 12.31
N VAL B 105 4.82 34.56 11.27
CA VAL B 105 5.91 35.33 10.70
C VAL B 105 5.66 36.82 10.76
N VAL B 106 6.69 37.55 11.20
CA VAL B 106 6.63 39.00 11.34
C VAL B 106 7.53 39.64 10.30
N LEU B 107 6.91 40.37 9.36
CA LEU B 107 7.63 40.98 8.26
C LEU B 107 7.56 42.51 8.18
N PRO B 108 8.62 43.13 7.64
CA PRO B 108 8.65 44.60 7.50
C PRO B 108 7.76 44.94 6.30
N ALA B 109 6.72 45.72 6.56
CA ALA B 109 5.79 46.09 5.49
C ALA B 109 6.50 46.79 4.33
N GLY B 110 6.18 46.34 3.12
CA GLY B 110 6.78 46.95 1.94
C GLY B 110 8.21 46.57 1.60
N TYR B 111 8.87 45.79 2.45
CA TYR B 111 10.25 45.42 2.16
C TYR B 111 10.55 43.93 2.10
N VAL B 112 9.58 43.15 1.66
CA VAL B 112 9.77 41.71 1.51
C VAL B 112 9.44 41.42 0.05
N ALA B 113 10.38 40.78 -0.65
CA ALA B 113 10.20 40.45 -2.06
C ALA B 113 8.91 39.67 -2.33
N LEU B 114 8.35 39.89 -3.51
CA LEU B 114 7.11 39.25 -3.94
C LEU B 114 7.09 37.73 -3.84
N GLY B 115 8.18 37.10 -4.24
CA GLY B 115 8.24 35.65 -4.17
C GLY B 115 8.08 35.17 -2.75
N LYS B 116 8.80 35.82 -1.85
CA LYS B 116 8.80 35.47 -0.44
C LYS B 116 7.42 35.63 0.21
N VAL B 117 6.73 36.73 -0.09
CA VAL B 117 5.41 36.97 0.46
C VAL B 117 4.46 35.86 0.00
N ALA B 118 4.55 35.50 -1.28
CA ALA B 118 3.69 34.46 -1.83
C ALA B 118 3.86 33.14 -1.07
N GLN B 119 5.09 32.83 -0.70
CA GLN B 119 5.38 31.60 0.04
C GLN B 119 4.74 31.55 1.43
N SER B 120 4.97 32.58 2.24
CA SER B 120 4.38 32.58 3.58
C SER B 120 2.87 32.54 3.46
N LEU B 121 2.36 33.19 2.42
CA LEU B 121 0.93 33.23 2.17
C LEU B 121 0.38 31.83 1.85
N VAL B 122 0.86 31.24 0.76
CA VAL B 122 0.40 29.94 0.32
C VAL B 122 0.63 28.79 1.30
N HIS B 123 1.74 28.81 2.03
CA HIS B 123 2.04 27.75 2.99
C HIS B 123 1.15 27.82 4.24
N GLY B 124 0.40 28.92 4.39
CA GLY B 124 -0.51 29.07 5.51
C GLY B 124 0.02 29.66 6.80
N ALA B 125 1.10 30.42 6.73
CA ALA B 125 1.64 31.03 7.94
C ALA B 125 0.72 32.16 8.38
N ARG B 126 0.74 32.48 9.67
CA ARG B 126 -0.07 33.58 10.18
C ARG B 126 0.89 34.76 10.00
N ILE B 127 0.56 35.63 9.06
CA ILE B 127 1.39 36.77 8.74
C ILE B 127 1.06 38.06 9.47
N VAL B 128 2.10 38.76 9.89
CA VAL B 128 1.95 40.04 10.58
C VAL B 128 2.93 41.01 9.92
N GLN B 129 2.40 42.05 9.30
CA GLN B 129 3.27 43.04 8.66
C GLN B 129 3.33 44.24 9.60
N VAL B 130 4.54 44.66 9.95
CA VAL B 130 4.73 45.78 10.84
C VAL B 130 5.24 47.00 10.09
N GLU B 131 4.79 48.17 10.53
CA GLU B 131 5.20 49.42 9.93
C GLU B 131 6.54 49.80 10.55
N GLY B 132 7.56 49.03 10.18
CA GLY B 132 8.91 49.23 10.65
C GLY B 132 9.81 48.31 9.85
N ASN B 133 11.11 48.33 10.13
CA ASN B 133 12.04 47.49 9.40
C ASN B 133 12.29 46.14 10.05
N PHE B 134 13.13 45.32 9.43
CA PHE B 134 13.43 44.00 9.97
C PHE B 134 13.90 44.07 11.42
N ASP B 135 14.84 44.97 11.69
CA ASP B 135 15.37 45.12 13.05
C ASP B 135 14.25 45.33 14.07
N ASP B 136 13.24 46.11 13.71
CA ASP B 136 12.11 46.35 14.60
C ASP B 136 11.32 45.05 14.78
N ALA B 137 11.12 44.35 13.66
CA ALA B 137 10.39 43.08 13.67
C ALA B 137 11.04 42.04 14.57
N LEU B 138 12.37 41.94 14.51
CA LEU B 138 13.10 40.96 15.32
C LEU B 138 12.98 41.31 16.81
N ARG B 139 13.11 42.60 17.12
CA ARG B 139 13.01 43.08 18.49
C ARG B 139 11.64 42.72 19.07
N LEU B 140 10.58 43.03 18.32
CA LEU B 140 9.22 42.74 18.77
C LEU B 140 8.92 41.24 18.85
N THR B 141 9.43 40.48 17.89
CA THR B 141 9.19 39.04 17.86
C THR B 141 9.86 38.33 19.04
N GLN B 142 11.07 38.75 19.40
CA GLN B 142 11.78 38.12 20.52
C GLN B 142 10.99 38.30 21.81
N LYS B 143 10.37 39.47 21.97
CA LYS B 143 9.55 39.75 23.14
C LYS B 143 8.35 38.79 23.15
N LEU B 144 7.79 38.58 21.96
CA LEU B 144 6.66 37.68 21.80
C LEU B 144 7.00 36.28 22.33
N THR B 145 8.14 35.76 21.87
CA THR B 145 8.55 34.43 22.28
C THR B 145 9.06 34.33 23.72
N GLU B 146 9.27 35.48 24.37
CA GLU B 146 9.70 35.49 25.77
C GLU B 146 8.48 35.37 26.69
N ALA B 147 7.30 35.63 26.12
CA ALA B 147 6.07 35.56 26.88
C ALA B 147 5.21 34.35 26.49
N PHE B 148 5.00 34.18 25.20
CA PHE B 148 4.16 33.10 24.69
C PHE B 148 4.87 31.77 24.42
N PRO B 149 4.13 30.66 24.59
CA PRO B 149 4.67 29.33 24.36
C PRO B 149 4.76 29.06 22.87
N VAL B 150 5.56 29.88 22.19
CA VAL B 150 5.78 29.73 20.75
C VAL B 150 7.29 29.70 20.58
N ALA B 151 7.80 28.67 19.92
CA ALA B 151 9.24 28.52 19.71
C ALA B 151 9.81 29.50 18.70
N LEU B 152 10.83 30.24 19.12
CA LEU B 152 11.49 31.20 18.24
C LEU B 152 12.41 30.45 17.27
N VAL B 153 12.24 30.66 15.96
CA VAL B 153 13.10 29.97 14.99
C VAL B 153 14.05 30.91 14.24
N ASN B 154 14.29 32.09 14.81
CA ASN B 154 15.23 33.03 14.22
C ASN B 154 16.63 32.49 14.53
N SER B 155 17.64 32.97 13.81
CA SER B 155 19.02 32.50 13.97
C SER B 155 19.58 32.54 15.41
N VAL B 156 18.91 33.25 16.31
CA VAL B 156 19.38 33.29 17.69
C VAL B 156 19.18 31.91 18.33
N ASN B 157 18.28 31.12 17.74
CA ASN B 157 18.02 29.75 18.19
C ASN B 157 19.27 29.00 17.70
N PRO B 158 20.09 28.48 18.64
CA PRO B 158 21.30 27.77 18.21
C PRO B 158 21.11 26.65 17.18
N HIS B 159 19.93 26.03 17.15
CA HIS B 159 19.69 24.96 16.18
C HIS B 159 19.76 25.45 14.72
N ARG B 160 19.44 26.72 14.49
CA ARG B 160 19.50 27.26 13.14
C ARG B 160 20.93 27.22 12.63
N LEU B 161 21.88 27.62 13.47
CA LEU B 161 23.27 27.64 13.08
C LEU B 161 23.85 26.23 12.91
N GLU B 162 23.39 25.30 13.75
CA GLU B 162 23.85 23.92 13.67
C GLU B 162 23.41 23.33 12.34
N GLY B 163 22.20 23.69 11.92
CA GLY B 163 21.70 23.20 10.66
C GLY B 163 22.44 23.81 9.49
N GLN B 164 22.65 25.12 9.56
CA GLN B 164 23.33 25.84 8.50
C GLN B 164 24.83 25.54 8.34
N LYS B 165 25.48 25.04 9.40
CA LYS B 165 26.92 24.73 9.32
C LYS B 165 27.18 23.60 8.34
N THR B 166 26.16 22.79 8.07
CA THR B 166 26.27 21.67 7.15
C THR B 166 26.68 22.04 5.72
N LEU B 167 26.49 23.30 5.35
CA LEU B 167 26.84 23.75 4.01
C LEU B 167 28.36 23.62 3.82
N ALA B 168 29.11 23.94 4.87
CA ALA B 168 30.56 23.84 4.83
C ALA B 168 30.92 22.37 4.69
N PHE B 169 30.23 21.52 5.44
CA PHE B 169 30.44 20.06 5.39
C PHE B 169 30.34 19.56 3.95
N GLU B 170 29.26 19.94 3.28
CA GLU B 170 29.01 19.54 1.91
C GLU B 170 30.10 20.00 0.93
N VAL B 171 30.57 21.23 1.09
CA VAL B 171 31.61 21.74 0.21
C VAL B 171 32.87 20.88 0.38
N VAL B 172 33.24 20.59 1.63
CA VAL B 172 34.42 19.77 1.90
C VAL B 172 34.21 18.32 1.41
N ASP B 173 33.01 17.77 1.62
CA ASP B 173 32.74 16.41 1.17
C ASP B 173 32.96 16.31 -0.34
N GLU B 174 32.52 17.32 -1.08
CA GLU B 174 32.64 17.30 -2.53
C GLU B 174 34.02 17.68 -3.07
N LEU B 175 34.60 18.77 -2.57
CA LEU B 175 35.91 19.23 -3.05
C LEU B 175 37.10 18.45 -2.53
N GLY B 176 36.96 17.84 -1.35
CA GLY B 176 38.05 17.06 -0.79
C GLY B 176 38.77 17.77 0.34
N ASP B 177 38.64 19.09 0.37
CA ASP B 177 39.28 19.92 1.39
C ASP B 177 38.48 21.23 1.38
N ALA B 178 38.72 22.11 2.35
CA ALA B 178 38.03 23.39 2.38
C ALA B 178 38.67 24.29 1.34
N PRO B 179 37.90 25.25 0.78
CA PRO B 179 38.45 26.17 -0.24
C PRO B 179 39.38 27.22 0.39
N HIS B 180 40.14 27.93 -0.43
CA HIS B 180 41.03 28.95 0.09
C HIS B 180 40.19 30.11 0.62
N TYR B 181 39.10 30.41 -0.10
CA TYR B 181 38.19 31.49 0.29
C TYR B 181 36.75 31.07 0.13
N HIS B 182 35.87 31.58 1.00
CA HIS B 182 34.45 31.29 0.90
C HIS B 182 33.71 32.60 1.12
N ALA B 183 33.07 33.09 0.06
CA ALA B 183 32.34 34.35 0.12
C ALA B 183 30.84 34.16 0.27
N LEU B 184 30.21 35.05 1.03
CA LEU B 184 28.77 34.99 1.26
C LEU B 184 28.26 36.37 1.71
N PRO B 185 26.94 36.60 1.58
CA PRO B 185 26.38 37.88 1.99
C PRO B 185 26.21 37.85 3.51
N VAL B 186 26.21 39.02 4.13
CA VAL B 186 26.01 39.10 5.57
C VAL B 186 24.92 40.10 5.90
N GLY B 187 23.80 39.58 6.43
CA GLY B 187 22.69 40.42 6.81
C GLY B 187 22.53 40.39 8.32
N ASN B 188 21.95 39.31 8.85
CA ASN B 188 21.77 39.19 10.29
C ASN B 188 22.94 38.43 10.92
N ALA B 189 23.89 38.02 10.07
CA ALA B 189 25.13 37.35 10.47
C ALA B 189 25.12 35.88 10.88
N GLY B 190 23.97 35.24 10.85
CA GLY B 190 23.91 33.84 11.23
C GLY B 190 24.67 32.90 10.31
N ASN B 191 24.58 33.12 9.00
CA ASN B 191 25.23 32.25 8.03
C ASN B 191 26.76 32.22 8.06
N ILE B 192 27.41 33.38 8.08
CA ILE B 192 28.86 33.39 8.13
C ILE B 192 29.34 32.72 9.41
N THR B 193 28.60 32.90 10.50
CA THR B 193 28.95 32.28 11.77
C THR B 193 28.85 30.77 11.60
N ALA B 194 27.74 30.32 11.03
CA ALA B 194 27.49 28.90 10.81
C ALA B 194 28.53 28.28 9.87
N HIS B 195 28.87 29.00 8.81
CA HIS B 195 29.86 28.51 7.85
C HIS B 195 31.17 28.20 8.55
N TRP B 196 31.64 29.15 9.35
CA TRP B 196 32.90 29.01 10.08
C TRP B 196 32.81 27.86 11.09
N MET B 197 31.69 27.76 11.79
CA MET B 197 31.50 26.67 12.75
C MET B 197 31.77 25.36 12.03
N GLY B 198 31.15 25.23 10.85
CA GLY B 198 31.28 24.02 10.05
C GLY B 198 32.70 23.70 9.62
N TYR B 199 33.41 24.69 9.08
CA TYR B 199 34.77 24.48 8.64
C TYR B 199 35.72 24.15 9.79
N LYS B 200 35.54 24.80 10.94
CA LYS B 200 36.40 24.50 12.08
C LYS B 200 36.16 23.07 12.56
N ALA B 201 34.89 22.68 12.64
CA ALA B 201 34.55 21.34 13.07
C ALA B 201 35.21 20.30 12.16
N TYR B 202 34.95 20.40 10.86
CA TYR B 202 35.52 19.46 9.89
C TYR B 202 37.04 19.44 9.93
N HIS B 203 37.64 20.59 10.19
CA HIS B 203 39.08 20.68 10.24
C HIS B 203 39.61 19.99 11.51
N ALA B 204 38.86 20.10 12.60
CA ALA B 204 39.26 19.46 13.85
C ALA B 204 39.11 17.94 13.75
N LEU B 205 38.19 17.48 12.90
CA LEU B 205 37.96 16.06 12.71
C LEU B 205 38.83 15.44 11.61
N GLY B 206 39.71 16.26 11.04
CA GLY B 206 40.62 15.77 10.01
C GLY B 206 40.02 15.60 8.63
N LYS B 207 38.78 16.06 8.46
CA LYS B 207 38.11 15.95 7.15
C LYS B 207 38.57 17.05 6.22
N ALA B 208 39.10 18.12 6.79
CA ALA B 208 39.61 19.23 6.00
C ALA B 208 41.02 19.55 6.48
N LYS B 209 41.93 19.74 5.54
CA LYS B 209 43.32 20.07 5.89
C LYS B 209 43.50 21.57 6.08
N ARG B 210 42.76 22.38 5.32
CA ARG B 210 42.89 23.83 5.47
C ARG B 210 41.62 24.48 6.02
N LEU B 211 41.76 25.74 6.40
CA LEU B 211 40.65 26.54 6.92
C LEU B 211 40.50 27.69 5.94
N PRO B 212 39.29 27.90 5.40
CA PRO B 212 39.13 28.99 4.44
C PRO B 212 39.10 30.37 5.08
N ARG B 213 39.38 31.39 4.27
CA ARG B 213 39.30 32.77 4.73
C ARG B 213 37.87 33.18 4.35
N MET B 214 37.06 33.46 5.36
CA MET B 214 35.68 33.86 5.15
C MET B 214 35.60 35.29 4.61
N LEU B 215 34.84 35.45 3.53
CA LEU B 215 34.67 36.76 2.91
C LEU B 215 33.19 37.12 2.96
N GLY B 216 32.81 37.99 3.89
CA GLY B 216 31.42 38.40 4.01
C GLY B 216 31.22 39.76 3.39
N PHE B 217 30.06 39.99 2.79
CA PHE B 217 29.79 41.28 2.17
C PHE B 217 28.40 41.80 2.47
N GLN B 218 28.33 43.11 2.70
CA GLN B 218 27.08 43.77 3.00
C GLN B 218 26.77 44.87 1.98
N ALA B 219 25.48 45.15 1.80
CA ALA B 219 25.08 46.20 0.88
C ALA B 219 25.55 47.50 1.53
N ALA B 220 26.15 48.37 0.72
CA ALA B 220 26.67 49.65 1.19
C ALA B 220 25.67 50.44 2.04
N GLY B 221 24.39 50.32 1.71
CA GLY B 221 23.35 51.04 2.44
C GLY B 221 22.91 50.37 3.72
N ALA B 222 23.43 49.17 3.98
CA ALA B 222 23.08 48.43 5.18
C ALA B 222 24.34 47.68 5.63
N ALA B 223 25.38 48.43 5.97
CA ALA B 223 26.65 47.83 6.35
C ALA B 223 27.16 48.20 7.74
N PRO B 224 26.42 47.84 8.79
CA PRO B 224 26.86 48.15 10.15
C PRO B 224 28.20 47.50 10.53
N LEU B 225 28.45 46.29 10.02
CA LEU B 225 29.70 45.59 10.32
C LEU B 225 30.89 46.27 9.64
N VAL B 226 30.61 47.01 8.57
CA VAL B 226 31.65 47.72 7.84
C VAL B 226 31.87 49.09 8.51
N LEU B 227 30.78 49.76 8.86
CA LEU B 227 30.87 51.06 9.53
C LEU B 227 31.33 50.92 10.96
N GLY B 228 31.03 49.78 11.57
CA GLY B 228 31.43 49.55 12.95
C GLY B 228 30.39 49.87 14.01
N ARG B 229 29.18 50.26 13.58
CA ARG B 229 28.11 50.58 14.51
C ARG B 229 26.76 50.27 13.87
N PRO B 230 25.70 50.11 14.67
CA PRO B 230 24.38 49.82 14.12
C PRO B 230 23.89 50.87 13.14
N VAL B 231 23.26 50.42 12.06
CA VAL B 231 22.72 51.34 11.06
C VAL B 231 21.24 51.50 11.36
N GLU B 232 20.87 52.69 11.81
CA GLU B 232 19.50 52.99 12.18
C GLU B 232 18.48 52.88 11.04
N ARG B 233 18.87 53.31 9.85
CA ARG B 233 17.97 53.31 8.70
C ARG B 233 18.57 52.54 7.52
N PRO B 234 18.71 51.22 7.65
CA PRO B 234 19.28 50.44 6.55
C PRO B 234 18.45 50.55 5.27
N GLU B 235 19.14 50.63 4.13
CA GLU B 235 18.46 50.72 2.85
C GLU B 235 19.25 50.06 1.72
N THR B 236 18.56 49.26 0.92
CA THR B 236 19.17 48.56 -0.20
C THR B 236 18.09 47.85 -1.01
N LEU B 237 18.30 47.75 -2.31
CA LEU B 237 17.35 47.04 -3.18
C LEU B 237 17.43 45.52 -2.90
N ALA B 238 18.50 45.10 -2.21
CA ALA B 238 18.66 43.70 -1.85
C ALA B 238 18.02 43.58 -0.46
N THR B 239 16.69 43.72 -0.42
CA THR B 239 15.94 43.70 0.83
C THR B 239 16.20 42.53 1.78
N ALA B 240 16.67 41.41 1.25
CA ALA B 240 16.96 40.25 2.10
C ALA B 240 17.96 40.65 3.20
N ILE B 241 18.89 41.54 2.88
CA ILE B 241 19.88 41.98 3.87
C ILE B 241 19.75 43.44 4.30
N ARG B 242 18.52 43.97 4.21
CA ARG B 242 18.24 45.33 4.63
C ARG B 242 18.18 45.22 6.16
N ILE B 243 19.34 44.96 6.75
CA ILE B 243 19.46 44.76 8.20
C ILE B 243 20.52 45.68 8.81
N GLY B 244 20.14 46.40 9.86
CA GLY B 244 21.07 47.32 10.48
C GLY B 244 21.71 46.93 11.80
N ASN B 245 21.18 45.91 12.48
CA ASN B 245 21.75 45.50 13.75
C ASN B 245 21.78 43.97 13.85
N PRO B 246 22.71 43.35 13.10
CA PRO B 246 22.87 41.89 13.07
C PRO B 246 22.92 41.25 14.45
N ALA B 247 22.03 40.28 14.66
CA ALA B 247 21.94 39.56 15.93
C ALA B 247 23.22 38.79 16.25
N SER B 248 23.85 38.22 15.23
CA SER B 248 25.09 37.46 15.39
C SER B 248 26.33 38.31 15.09
N TRP B 249 26.29 39.56 15.51
CA TRP B 249 27.38 40.51 15.30
C TRP B 249 28.74 39.95 15.71
N GLN B 250 28.85 39.49 16.96
CA GLN B 250 30.13 38.97 17.44
C GLN B 250 30.53 37.71 16.71
N GLY B 251 29.55 36.88 16.37
CA GLY B 251 29.83 35.66 15.65
C GLY B 251 30.48 35.98 14.32
N ALA B 252 29.99 37.01 13.65
CA ALA B 252 30.53 37.42 12.35
C ALA B 252 31.96 37.96 12.51
N VAL B 253 32.15 38.86 13.47
CA VAL B 253 33.45 39.45 13.72
C VAL B 253 34.50 38.39 14.05
N ARG B 254 34.13 37.40 14.87
CA ARG B 254 35.03 36.32 15.25
C ARG B 254 35.37 35.42 14.05
N ALA B 255 34.40 35.16 13.19
CA ALA B 255 34.62 34.33 12.01
C ALA B 255 35.60 35.05 11.09
N LYS B 256 35.39 36.36 10.93
CA LYS B 256 36.26 37.19 10.11
C LYS B 256 37.69 37.11 10.63
N GLU B 257 37.84 37.41 11.92
CA GLU B 257 39.14 37.42 12.59
C GLU B 257 39.88 36.08 12.57
N GLU B 258 39.24 35.04 13.09
CA GLU B 258 39.84 33.72 13.15
C GLU B 258 40.20 33.10 11.81
N SER B 259 39.38 33.36 10.79
CA SER B 259 39.63 32.80 9.46
C SER B 259 40.59 33.65 8.64
N GLY B 260 40.84 34.85 9.13
CA GLY B 260 41.72 35.75 8.40
C GLY B 260 41.01 36.31 7.17
N GLY B 261 39.69 36.49 7.29
CA GLY B 261 38.92 37.00 6.18
C GLY B 261 38.56 38.47 6.36
N VAL B 262 37.50 38.92 5.68
CA VAL B 262 37.08 40.30 5.80
C VAL B 262 35.57 40.42 5.72
N ILE B 263 35.07 41.60 6.06
CA ILE B 263 33.65 41.88 5.94
C ILE B 263 33.64 43.30 5.37
N GLU B 264 33.28 43.40 4.10
CA GLU B 264 33.29 44.70 3.44
C GLU B 264 31.95 44.97 2.74
N ALA B 265 31.81 46.16 2.18
CA ALA B 265 30.58 46.53 1.51
C ALA B 265 30.64 46.55 -0.01
N VAL B 266 29.48 46.35 -0.63
CA VAL B 266 29.33 46.42 -2.08
C VAL B 266 28.11 47.30 -2.30
N THR B 267 28.18 48.20 -3.29
CA THR B 267 27.07 49.10 -3.57
C THR B 267 25.94 48.34 -4.25
N ASP B 268 24.75 48.93 -4.25
CA ASP B 268 23.61 48.30 -4.90
C ASP B 268 23.93 48.14 -6.39
N GLU B 269 24.64 49.12 -6.93
CA GLU B 269 25.03 49.12 -8.34
C GLU B 269 25.97 47.92 -8.61
N GLU B 270 26.90 47.68 -7.70
CA GLU B 270 27.83 46.55 -7.86
C GLU B 270 27.08 45.24 -7.69
N ILE B 271 26.07 45.23 -6.82
CA ILE B 271 25.27 44.03 -6.61
C ILE B 271 24.54 43.71 -7.92
N LEU B 272 23.91 44.72 -8.52
CA LEU B 272 23.18 44.51 -9.77
C LEU B 272 24.12 44.01 -10.86
N PHE B 273 25.34 44.53 -10.88
CA PHE B 273 26.32 44.10 -11.87
C PHE B 273 26.63 42.60 -11.73
N ALA B 274 26.85 42.15 -10.50
CA ALA B 274 27.16 40.74 -10.25
C ALA B 274 25.93 39.85 -10.49
N TYR B 275 24.76 40.41 -10.19
CA TYR B 275 23.46 39.75 -10.35
C TYR B 275 23.28 39.43 -11.82
N ARG B 276 23.54 40.43 -12.65
CA ARG B 276 23.42 40.31 -14.10
C ARG B 276 24.49 39.35 -14.64
N TYR B 277 25.70 39.47 -14.10
CA TYR B 277 26.81 38.60 -14.52
C TYR B 277 26.48 37.12 -14.35
N LEU B 278 26.10 36.75 -13.13
CA LEU B 278 25.79 35.36 -12.84
C LEU B 278 24.72 34.80 -13.79
N ALA B 279 23.63 35.54 -13.95
CA ALA B 279 22.54 35.09 -14.80
C ALA B 279 22.89 35.05 -16.28
N ARG B 280 23.46 36.15 -16.78
CA ARG B 280 23.81 36.29 -18.19
C ARG B 280 25.06 35.55 -18.66
N GLU B 281 26.04 35.38 -17.77
CA GLU B 281 27.28 34.71 -18.14
C GLU B 281 27.38 33.27 -17.65
N GLU B 282 26.98 33.04 -16.41
CA GLU B 282 27.06 31.72 -15.82
C GLU B 282 25.77 30.92 -15.97
N GLY B 283 24.67 31.61 -16.25
CA GLY B 283 23.38 30.95 -16.39
C GLY B 283 22.76 30.64 -15.03
N ILE B 284 23.27 31.30 -13.99
CA ILE B 284 22.79 31.11 -12.63
C ILE B 284 21.99 32.32 -12.16
N PHE B 285 20.73 32.11 -11.82
CA PHE B 285 19.84 33.16 -11.36
C PHE B 285 19.65 33.11 -9.84
N CYS B 286 20.21 34.08 -9.13
CA CYS B 286 20.08 34.18 -7.68
C CYS B 286 19.56 35.58 -7.35
N GLU B 287 18.94 35.75 -6.18
CA GLU B 287 18.41 37.07 -5.86
C GLU B 287 19.53 38.06 -5.62
N PRO B 288 19.22 39.37 -5.72
CA PRO B 288 20.22 40.42 -5.52
C PRO B 288 21.13 40.20 -4.30
N ALA B 289 20.55 39.96 -3.13
CA ALA B 289 21.35 39.75 -1.92
C ALA B 289 22.43 38.68 -2.14
N SER B 290 22.04 37.58 -2.76
CA SER B 290 22.98 36.49 -3.03
C SER B 290 24.10 36.97 -3.94
N ALA B 291 23.76 37.81 -4.91
CA ALA B 291 24.75 38.33 -5.84
C ALA B 291 25.81 39.17 -5.14
N ALA B 292 25.50 39.68 -3.94
CA ALA B 292 26.46 40.48 -3.19
C ALA B 292 27.74 39.69 -2.94
N ALA B 293 27.63 38.38 -2.84
CA ALA B 293 28.80 37.53 -2.62
C ALA B 293 29.73 37.63 -3.82
N MET B 294 29.17 37.57 -5.03
CA MET B 294 29.95 37.66 -6.26
C MET B 294 30.50 39.07 -6.44
N ALA B 295 29.71 40.07 -6.05
CA ALA B 295 30.14 41.46 -6.15
C ALA B 295 31.39 41.61 -5.28
N GLY B 296 31.37 40.91 -4.14
CA GLY B 296 32.50 40.95 -3.24
C GLY B 296 33.72 40.34 -3.89
N VAL B 297 33.52 39.27 -4.65
CA VAL B 297 34.64 38.62 -5.32
C VAL B 297 35.22 39.51 -6.42
N PHE B 298 34.35 40.23 -7.13
CA PHE B 298 34.79 41.15 -8.19
C PHE B 298 35.64 42.24 -7.54
N LYS B 299 35.18 42.70 -6.38
CA LYS B 299 35.86 43.74 -5.61
C LYS B 299 37.30 43.35 -5.28
N LEU B 300 37.49 42.19 -4.65
CA LEU B 300 38.83 41.72 -4.29
C LEU B 300 39.69 41.37 -5.50
N LEU B 301 39.08 40.79 -6.54
CA LEU B 301 39.82 40.46 -7.75
C LEU B 301 40.38 41.74 -8.33
N ARG B 302 39.55 42.77 -8.34
CA ARG B 302 39.87 44.10 -8.84
C ARG B 302 41.00 44.74 -8.03
N GLU B 303 41.02 44.46 -6.74
CA GLU B 303 42.04 44.99 -5.85
C GLU B 303 43.23 44.04 -5.76
N GLY B 304 43.18 42.96 -6.53
CA GLY B 304 44.25 41.98 -6.53
C GLY B 304 44.50 41.36 -5.17
N ARG B 305 43.42 41.12 -4.42
CA ARG B 305 43.54 40.56 -3.09
C ARG B 305 43.22 39.07 -2.93
N LEU B 306 43.18 38.34 -4.04
CA LEU B 306 42.92 36.90 -3.99
C LEU B 306 44.12 36.16 -4.59
N GLU B 307 44.73 35.27 -3.81
CA GLU B 307 45.91 34.50 -4.23
C GLU B 307 45.66 33.84 -5.57
N PRO B 308 46.65 33.88 -6.47
CA PRO B 308 46.44 33.22 -7.76
C PRO B 308 46.42 31.70 -7.56
N GLU B 309 45.77 30.98 -8.45
CA GLU B 309 45.70 29.52 -8.36
C GLU B 309 44.88 29.04 -7.16
N SER B 310 44.06 29.92 -6.60
CA SER B 310 43.25 29.55 -5.44
C SER B 310 41.83 29.12 -5.80
N THR B 311 41.16 28.47 -4.85
CA THR B 311 39.80 28.02 -5.03
C THR B 311 38.87 28.90 -4.20
N VAL B 312 37.83 29.41 -4.86
CA VAL B 312 36.87 30.29 -4.21
C VAL B 312 35.47 29.71 -4.29
N VAL B 313 34.82 29.55 -3.14
CA VAL B 313 33.46 29.05 -3.14
C VAL B 313 32.52 30.16 -2.71
N LEU B 314 31.42 30.29 -3.45
CA LEU B 314 30.42 31.32 -3.13
C LEU B 314 29.11 30.65 -2.73
N THR B 315 28.51 31.15 -1.65
CA THR B 315 27.23 30.63 -1.21
C THR B 315 26.15 31.54 -1.82
N LEU B 316 25.51 31.08 -2.89
CA LEU B 316 24.46 31.86 -3.52
C LEU B 316 23.21 31.50 -2.72
N THR B 317 22.92 32.36 -1.75
CA THR B 317 21.84 32.19 -0.78
C THR B 317 20.37 31.96 -1.17
N GLY B 318 19.88 32.64 -2.21
CA GLY B 318 18.50 32.45 -2.60
C GLY B 318 18.29 32.50 -4.10
N HIS B 319 17.30 31.76 -4.59
CA HIS B 319 17.00 31.71 -6.02
C HIS B 319 16.45 33.05 -6.53
N GLY B 320 16.83 33.42 -7.75
CA GLY B 320 16.36 34.67 -8.33
C GLY B 320 14.84 34.78 -8.37
N LEU B 321 14.14 33.65 -8.52
CA LEU B 321 12.69 33.65 -8.57
C LEU B 321 12.05 34.27 -7.32
N LYS B 322 12.84 34.44 -6.27
CA LYS B 322 12.38 35.03 -5.03
C LYS B 322 11.96 36.50 -5.21
N ASP B 323 12.70 37.20 -6.07
CA ASP B 323 12.48 38.62 -6.32
C ASP B 323 12.43 38.98 -7.82
N PRO B 324 11.32 38.63 -8.49
CA PRO B 324 11.15 38.92 -9.93
C PRO B 324 11.19 40.42 -10.29
N ALA B 325 10.73 41.27 -9.38
CA ALA B 325 10.72 42.72 -9.60
C ALA B 325 12.07 43.33 -9.99
N THR B 326 13.18 42.79 -9.46
CA THR B 326 14.49 43.36 -9.78
C THR B 326 15.00 43.04 -11.18
N ALA B 327 14.46 42.01 -11.82
CA ALA B 327 14.88 41.66 -13.17
C ALA B 327 14.82 42.89 -14.09
N GLU B 328 13.73 43.65 -13.96
CA GLU B 328 13.51 44.84 -14.77
C GLU B 328 14.53 45.96 -14.59
N ARG B 329 15.53 45.78 -13.73
CA ARG B 329 16.52 46.84 -13.57
C ARG B 329 17.88 46.45 -14.11
N VAL B 330 17.91 45.35 -14.85
CA VAL B 330 19.14 44.90 -15.49
C VAL B 330 18.81 44.60 -16.95
N ALA B 331 17.51 44.63 -17.28
CA ALA B 331 17.06 44.36 -18.64
C ALA B 331 15.67 44.94 -18.94
N GLU B 332 15.41 45.18 -20.22
CA GLU B 332 14.15 45.75 -20.67
C GLU B 332 13.27 44.75 -21.41
N LEU B 333 11.98 44.77 -21.10
CA LEU B 333 11.00 43.90 -21.75
C LEU B 333 10.42 44.67 -22.93
N PRO B 334 10.69 44.23 -24.17
CA PRO B 334 10.15 44.93 -25.34
C PRO B 334 8.64 44.75 -25.49
N PRO B 335 7.94 45.79 -25.96
CA PRO B 335 6.48 45.72 -26.15
C PRO B 335 6.06 44.66 -27.18
N PRO B 336 4.83 44.14 -27.04
CA PRO B 336 4.28 43.13 -27.94
C PRO B 336 4.21 43.56 -29.40
N VAL B 337 4.31 42.60 -30.31
CA VAL B 337 4.23 42.85 -31.75
C VAL B 337 3.20 41.89 -32.32
N PRO B 338 2.68 42.18 -33.53
CA PRO B 338 1.68 41.29 -34.14
C PRO B 338 2.19 39.86 -34.29
N ALA B 339 1.27 38.90 -34.17
CA ALA B 339 1.60 37.49 -34.30
C ALA B 339 1.85 37.12 -35.76
N ARG B 340 2.82 37.78 -36.39
CA ARG B 340 3.16 37.49 -37.79
C ARG B 340 4.66 37.21 -37.87
N LEU B 341 5.07 36.31 -38.77
CA LEU B 341 6.48 35.96 -38.89
C LEU B 341 7.40 37.17 -39.10
N GLU B 342 7.03 38.04 -40.03
CA GLU B 342 7.84 39.23 -40.31
C GLU B 342 8.01 40.10 -39.08
N ALA B 343 6.94 40.33 -38.32
CA ALA B 343 7.04 41.16 -37.13
C ALA B 343 7.96 40.47 -36.12
N VAL B 344 7.88 39.14 -36.06
CA VAL B 344 8.70 38.35 -35.14
C VAL B 344 10.18 38.37 -35.53
N ALA B 345 10.47 38.12 -36.80
CA ALA B 345 11.85 38.11 -37.29
C ALA B 345 12.53 39.45 -37.06
N ALA B 346 11.78 40.53 -37.26
CA ALA B 346 12.30 41.87 -37.05
C ALA B 346 12.55 42.11 -35.55
N ALA B 347 11.58 41.76 -34.73
CA ALA B 347 11.68 41.94 -33.29
C ALA B 347 12.86 41.14 -32.73
N ALA B 348 13.17 40.01 -33.36
CA ALA B 348 14.26 39.14 -32.92
C ALA B 348 15.64 39.64 -33.38
N GLY B 349 15.64 40.74 -34.13
CA GLY B 349 16.88 41.30 -34.63
C GLY B 349 17.51 40.48 -35.74
N LEU B 350 16.69 39.68 -36.43
CA LEU B 350 17.16 38.82 -37.50
C LEU B 350 17.01 39.38 -38.91
N LEU B 351 16.41 40.56 -39.06
CA LEU B 351 16.22 41.15 -40.40
C LEU B 351 16.96 42.46 -40.59
N MET C 1 -14.92 -32.29 -6.76
CA MET C 1 -16.16 -32.09 -7.56
C MET C 1 -17.36 -32.11 -6.63
N ARG C 2 -18.18 -31.07 -6.72
CA ARG C 2 -19.39 -30.98 -5.92
C ARG C 2 -20.39 -30.12 -6.68
N PRO C 3 -21.56 -30.67 -7.00
CA PRO C 3 -22.55 -29.89 -7.74
C PRO C 3 -23.32 -29.02 -6.75
N PRO C 4 -23.99 -27.97 -7.25
CA PRO C 4 -24.75 -27.15 -6.30
C PRO C 4 -25.77 -28.09 -5.68
N LEU C 5 -26.03 -27.94 -4.39
CA LEU C 5 -27.01 -28.79 -3.71
C LEU C 5 -28.38 -28.71 -4.39
N ILE C 6 -28.74 -27.53 -4.87
CA ILE C 6 -30.03 -27.35 -5.54
C ILE C 6 -30.10 -28.16 -6.84
N GLU C 7 -28.99 -28.26 -7.56
CA GLU C 7 -29.00 -29.04 -8.79
C GLU C 7 -29.10 -30.55 -8.52
N ARG C 8 -28.36 -31.04 -7.53
CA ARG C 8 -28.38 -32.47 -7.22
C ARG C 8 -29.77 -32.97 -6.86
N TYR C 9 -30.55 -32.15 -6.17
CA TYR C 9 -31.89 -32.53 -5.76
C TYR C 9 -32.98 -31.60 -6.31
N ARG C 10 -32.72 -30.99 -7.46
CA ARG C 10 -33.67 -30.06 -8.07
C ARG C 10 -35.10 -30.56 -8.08
N ASN C 11 -35.31 -31.78 -8.57
CA ASN C 11 -36.64 -32.37 -8.67
C ASN C 11 -37.39 -32.58 -7.36
N LEU C 12 -36.70 -32.38 -6.23
CA LEU C 12 -37.31 -32.54 -4.91
C LEU C 12 -37.37 -31.21 -4.16
N LEU C 13 -36.90 -30.13 -4.79
CA LEU C 13 -36.87 -28.82 -4.16
C LEU C 13 -37.87 -27.82 -4.76
N PRO C 14 -38.34 -26.86 -3.94
CA PRO C 14 -39.30 -25.85 -4.41
C PRO C 14 -38.63 -24.79 -5.29
N VAL C 15 -38.23 -25.20 -6.49
CA VAL C 15 -37.56 -24.31 -7.42
C VAL C 15 -38.05 -24.65 -8.83
N SER C 16 -37.74 -23.76 -9.78
CA SER C 16 -38.10 -23.99 -11.16
C SER C 16 -36.91 -23.59 -12.01
N GLU C 17 -37.02 -23.75 -13.32
CA GLU C 17 -35.93 -23.40 -14.20
C GLU C 17 -35.50 -21.95 -14.15
N LYS C 18 -36.35 -21.08 -13.60
CA LYS C 18 -36.01 -19.66 -13.52
C LYS C 18 -35.31 -19.27 -12.23
N THR C 19 -35.47 -20.08 -11.19
CA THR C 19 -34.85 -19.79 -9.90
C THR C 19 -33.35 -19.51 -9.97
N PRO C 20 -32.90 -18.35 -9.46
CA PRO C 20 -31.47 -18.05 -9.50
C PRO C 20 -30.74 -18.93 -8.48
N VAL C 21 -29.80 -19.75 -8.95
CA VAL C 21 -29.07 -20.62 -8.06
C VAL C 21 -27.88 -19.92 -7.40
N ILE C 22 -28.03 -19.62 -6.11
CA ILE C 22 -26.97 -18.97 -5.35
C ILE C 22 -26.30 -20.08 -4.55
N SER C 23 -25.22 -20.63 -5.10
CA SER C 23 -24.50 -21.74 -4.48
C SER C 23 -23.01 -21.51 -4.26
N LEU C 24 -22.49 -22.14 -3.21
CA LEU C 24 -21.07 -22.08 -2.87
C LEU C 24 -20.60 -23.53 -2.91
N LEU C 25 -21.41 -24.37 -3.54
CA LEU C 25 -21.17 -25.79 -3.68
C LEU C 25 -21.20 -26.45 -2.31
N GLU C 26 -22.39 -26.41 -1.71
CA GLU C 26 -22.65 -26.98 -0.41
C GLU C 26 -23.24 -28.37 -0.57
N GLY C 27 -23.34 -29.11 0.52
CA GLY C 27 -23.88 -30.46 0.45
C GLY C 27 -22.84 -31.45 -0.03
N SER C 28 -23.28 -32.66 -0.40
CA SER C 28 -22.38 -33.69 -0.87
C SER C 28 -21.17 -33.82 0.07
N THR C 29 -21.44 -33.83 1.37
CA THR C 29 -20.39 -33.94 2.38
C THR C 29 -20.05 -35.41 2.63
N PRO C 30 -18.84 -35.70 3.09
CA PRO C 30 -18.49 -37.10 3.34
C PRO C 30 -19.19 -37.75 4.53
N LEU C 31 -19.43 -39.05 4.41
CA LEU C 31 -20.04 -39.86 5.44
C LEU C 31 -18.92 -40.78 5.90
N ILE C 32 -18.24 -40.39 6.97
CA ILE C 32 -17.11 -41.13 7.50
C ILE C 32 -17.48 -42.30 8.41
N PRO C 33 -17.05 -43.53 8.07
CA PRO C 33 -17.34 -44.72 8.88
C PRO C 33 -16.42 -44.64 10.10
N LEU C 34 -16.98 -44.67 11.30
CA LEU C 34 -16.16 -44.59 12.50
C LEU C 34 -15.60 -45.95 12.91
N LYS C 35 -14.44 -45.95 13.55
CA LYS C 35 -13.84 -47.20 13.99
C LYS C 35 -14.62 -47.80 15.16
N GLY C 36 -15.08 -46.94 16.07
CA GLY C 36 -15.80 -47.43 17.22
C GLY C 36 -16.98 -46.58 17.63
N PRO C 37 -17.16 -46.34 18.94
CA PRO C 37 -16.31 -46.83 20.03
C PRO C 37 -16.44 -48.32 20.36
N GLU C 38 -15.58 -48.80 21.25
CA GLU C 38 -15.58 -50.20 21.69
C GLU C 38 -16.95 -50.63 22.19
N GLU C 39 -17.60 -49.75 22.93
CA GLU C 39 -18.92 -50.02 23.47
C GLU C 39 -19.86 -50.40 22.32
N ALA C 40 -19.70 -49.71 21.20
CA ALA C 40 -20.53 -49.96 20.03
C ALA C 40 -20.08 -51.21 19.27
N ARG C 41 -18.77 -51.32 19.02
CA ARG C 41 -18.25 -52.46 18.28
C ARG C 41 -18.54 -53.79 18.98
N LYS C 42 -18.54 -53.78 20.31
CA LYS C 42 -18.81 -54.98 21.11
C LYS C 42 -20.17 -55.60 20.77
N LYS C 43 -21.13 -54.76 20.38
CA LYS C 43 -22.47 -55.21 20.06
C LYS C 43 -22.76 -55.23 18.55
N GLY C 44 -21.71 -55.07 17.74
CA GLY C 44 -21.89 -55.07 16.31
C GLY C 44 -22.54 -53.80 15.79
N ILE C 45 -22.55 -52.75 16.61
CA ILE C 45 -23.17 -51.50 16.20
C ILE C 45 -22.14 -50.65 15.46
N ARG C 46 -22.48 -50.23 14.23
CA ARG C 46 -21.58 -49.39 13.44
C ARG C 46 -22.06 -47.95 13.40
N LEU C 47 -21.11 -47.03 13.51
CA LEU C 47 -21.40 -45.60 13.47
C LEU C 47 -20.82 -44.95 12.22
N TYR C 48 -21.52 -43.94 11.72
CA TYR C 48 -21.09 -43.19 10.56
C TYR C 48 -21.28 -41.71 10.88
N ALA C 49 -20.29 -40.88 10.52
CA ALA C 49 -20.38 -39.45 10.79
C ALA C 49 -20.61 -38.64 9.52
N LYS C 50 -21.78 -38.00 9.42
CA LYS C 50 -22.10 -37.15 8.27
C LYS C 50 -21.41 -35.84 8.65
N TYR C 51 -20.23 -35.63 8.10
CA TYR C 51 -19.39 -34.48 8.43
C TYR C 51 -19.80 -33.15 7.81
N GLU C 52 -20.85 -32.55 8.36
CA GLU C 52 -21.38 -31.28 7.87
C GLU C 52 -20.42 -30.11 8.09
N GLY C 53 -19.34 -30.36 8.81
CA GLY C 53 -18.36 -29.31 9.05
C GLY C 53 -17.62 -28.98 7.76
N LEU C 54 -17.78 -29.83 6.75
CA LEU C 54 -17.10 -29.60 5.48
C LEU C 54 -17.95 -28.87 4.44
N ASN C 55 -19.04 -28.24 4.88
CA ASN C 55 -19.85 -27.44 3.99
C ASN C 55 -19.05 -26.14 3.87
N PRO C 56 -19.25 -25.37 2.80
CA PRO C 56 -18.53 -24.12 2.58
C PRO C 56 -18.26 -23.23 3.80
N THR C 57 -19.27 -23.03 4.66
CA THR C 57 -19.05 -22.19 5.82
C THR C 57 -18.80 -22.94 7.12
N GLY C 58 -18.58 -24.25 7.03
CA GLY C 58 -18.30 -25.04 8.22
C GLY C 58 -19.46 -25.62 9.00
N SER C 59 -20.68 -25.51 8.48
CA SER C 59 -21.84 -26.08 9.17
C SER C 59 -22.94 -26.46 8.16
N PHE C 60 -23.90 -27.27 8.63
CA PHE C 60 -25.01 -27.74 7.80
C PHE C 60 -25.98 -26.64 7.37
N LYS C 61 -25.85 -25.46 7.97
CA LYS C 61 -26.74 -24.34 7.65
C LYS C 61 -26.75 -24.03 6.15
N ASP C 62 -25.62 -24.22 5.49
CA ASP C 62 -25.51 -23.95 4.05
C ASP C 62 -26.60 -24.69 3.25
N ARG C 63 -27.01 -25.86 3.71
CA ARG C 63 -28.05 -26.63 3.02
C ARG C 63 -29.34 -25.83 2.92
N GLY C 64 -29.75 -25.21 4.02
CA GLY C 64 -30.96 -24.44 4.02
C GLY C 64 -30.75 -23.04 3.45
N MET C 65 -29.59 -22.45 3.75
CA MET C 65 -29.27 -21.10 3.30
C MET C 65 -29.19 -20.93 1.78
N THR C 66 -28.59 -21.89 1.08
CA THR C 66 -28.49 -21.77 -0.38
C THR C 66 -29.89 -21.62 -0.95
N LEU C 67 -30.82 -22.46 -0.50
CA LEU C 67 -32.19 -22.40 -0.98
C LEU C 67 -32.90 -21.15 -0.50
N ALA C 68 -32.76 -20.83 0.79
CA ALA C 68 -33.41 -19.66 1.36
C ALA C 68 -33.02 -18.38 0.62
N VAL C 69 -31.73 -18.23 0.35
CA VAL C 69 -31.24 -17.05 -0.34
C VAL C 69 -31.58 -17.05 -1.83
N SER C 70 -31.50 -18.21 -2.48
CA SER C 70 -31.84 -18.28 -3.89
C SER C 70 -33.31 -17.88 -4.08
N LYS C 71 -34.17 -18.39 -3.21
CA LYS C 71 -35.60 -18.08 -3.28
C LYS C 71 -35.86 -16.60 -2.97
N ALA C 72 -35.19 -16.09 -1.94
CA ALA C 72 -35.33 -14.68 -1.57
C ALA C 72 -34.96 -13.81 -2.77
N VAL C 73 -33.80 -14.09 -3.37
CA VAL C 73 -33.34 -13.34 -4.53
C VAL C 73 -34.33 -13.50 -5.69
N GLU C 74 -34.88 -14.70 -5.84
CA GLU C 74 -35.86 -14.97 -6.90
C GLU C 74 -37.08 -14.08 -6.71
N GLY C 75 -37.33 -13.68 -5.46
CA GLY C 75 -38.47 -12.82 -5.15
C GLY C 75 -38.14 -11.35 -5.09
N GLY C 76 -36.90 -11.00 -5.45
CA GLY C 76 -36.49 -9.61 -5.44
C GLY C 76 -35.86 -9.06 -4.17
N ALA C 77 -35.59 -9.91 -3.20
CA ALA C 77 -34.99 -9.45 -1.95
C ALA C 77 -33.67 -8.69 -2.14
N GLN C 78 -33.51 -7.62 -1.37
CA GLN C 78 -32.32 -6.80 -1.42
C GLN C 78 -31.50 -7.07 -0.18
N ALA C 79 -32.11 -7.74 0.78
CA ALA C 79 -31.43 -8.04 2.03
C ALA C 79 -32.08 -9.21 2.74
N VAL C 80 -31.30 -9.88 3.57
CA VAL C 80 -31.77 -11.01 4.35
C VAL C 80 -31.34 -10.76 5.78
N ALA C 81 -32.02 -11.39 6.74
CA ALA C 81 -31.67 -11.21 8.13
C ALA C 81 -31.99 -12.46 8.93
N CYS C 82 -31.28 -12.63 10.05
CA CYS C 82 -31.49 -13.79 10.90
C CYS C 82 -30.82 -13.62 12.26
N ALA C 83 -31.42 -14.24 13.27
CA ALA C 83 -30.88 -14.26 14.61
C ALA C 83 -30.06 -15.54 14.59
N SER C 84 -28.99 -15.62 15.37
CA SER C 84 -28.18 -16.82 15.34
C SER C 84 -27.23 -17.00 16.52
N THR C 85 -26.86 -18.26 16.76
CA THR C 85 -25.91 -18.59 17.82
C THR C 85 -24.54 -18.56 17.14
N GLY C 86 -24.55 -18.23 15.85
CA GLY C 86 -23.31 -18.12 15.10
C GLY C 86 -23.25 -18.74 13.71
N ASN C 87 -23.70 -19.98 13.57
CA ASN C 87 -23.63 -20.66 12.29
C ASN C 87 -24.61 -20.22 11.21
N THR C 88 -25.86 -19.98 11.57
CA THR C 88 -26.85 -19.53 10.60
C THR C 88 -26.44 -18.13 10.13
N ALA C 89 -25.87 -17.34 11.04
CA ALA C 89 -25.41 -15.99 10.70
C ALA C 89 -24.23 -16.06 9.74
N ALA C 90 -23.28 -16.94 10.02
CA ALA C 90 -22.11 -17.11 9.17
C ALA C 90 -22.55 -17.54 7.77
N SER C 91 -23.47 -18.48 7.70
CA SER C 91 -23.96 -18.97 6.41
C SER C 91 -24.66 -17.84 5.66
N ALA C 92 -25.59 -17.17 6.34
CA ALA C 92 -26.33 -16.07 5.73
C ALA C 92 -25.36 -15.06 5.13
N ALA C 93 -24.37 -14.67 5.93
CA ALA C 93 -23.36 -13.71 5.52
C ALA C 93 -22.68 -14.13 4.22
N ALA C 94 -22.17 -15.35 4.18
CA ALA C 94 -21.48 -15.86 3.00
C ALA C 94 -22.38 -15.92 1.76
N TYR C 95 -23.58 -16.46 1.90
CA TYR C 95 -24.48 -16.55 0.75
C TYR C 95 -24.93 -15.18 0.28
N ALA C 96 -25.13 -14.26 1.22
CA ALA C 96 -25.52 -12.90 0.87
C ALA C 96 -24.39 -12.28 0.05
N ALA C 97 -23.15 -12.57 0.46
CA ALA C 97 -21.99 -12.05 -0.24
C ALA C 97 -21.97 -12.62 -1.65
N ARG C 98 -22.28 -13.91 -1.75
CA ARG C 98 -22.31 -14.63 -3.01
C ARG C 98 -23.39 -14.04 -3.93
N ALA C 99 -24.51 -13.65 -3.33
CA ALA C 99 -25.65 -13.10 -4.06
C ALA C 99 -25.53 -11.61 -4.35
N GLY C 100 -24.61 -10.94 -3.65
CA GLY C 100 -24.42 -9.53 -3.86
C GLY C 100 -25.51 -8.72 -3.18
N ILE C 101 -26.01 -9.21 -2.04
CA ILE C 101 -27.05 -8.52 -1.28
C ILE C 101 -26.64 -8.34 0.17
N LEU C 102 -27.45 -7.59 0.91
CA LEU C 102 -27.18 -7.32 2.32
C LEU C 102 -27.59 -8.47 3.26
N ALA C 103 -26.82 -8.62 4.33
CA ALA C 103 -27.10 -9.62 5.35
C ALA C 103 -27.03 -8.92 6.70
N ILE C 104 -28.10 -9.05 7.48
CA ILE C 104 -28.17 -8.45 8.81
C ILE C 104 -28.29 -9.62 9.79
N VAL C 105 -27.33 -9.74 10.68
CA VAL C 105 -27.33 -10.82 11.65
C VAL C 105 -27.40 -10.28 13.08
N VAL C 106 -28.27 -10.90 13.88
CA VAL C 106 -28.48 -10.49 15.26
C VAL C 106 -27.95 -11.61 16.15
N LEU C 107 -26.94 -11.30 16.94
CA LEU C 107 -26.30 -12.30 17.81
C LEU C 107 -26.44 -11.99 19.30
N PRO C 108 -26.36 -13.04 20.14
CA PRO C 108 -26.46 -12.82 21.58
C PRO C 108 -25.07 -12.40 22.04
N ALA C 109 -24.97 -11.20 22.60
CA ALA C 109 -23.67 -10.69 23.07
C ALA C 109 -22.95 -11.65 24.00
N GLY C 110 -21.72 -12.00 23.64
CA GLY C 110 -20.90 -12.87 24.45
C GLY C 110 -21.09 -14.37 24.34
N TYR C 111 -22.09 -14.82 23.57
CA TYR C 111 -22.33 -16.25 23.46
C TYR C 111 -22.26 -16.84 22.05
N VAL C 112 -21.33 -16.32 21.26
CA VAL C 112 -21.12 -16.79 19.90
C VAL C 112 -19.64 -17.11 19.75
N ALA C 113 -19.34 -18.32 19.30
CA ALA C 113 -17.96 -18.77 19.12
C ALA C 113 -17.10 -17.83 18.27
N LEU C 114 -15.84 -17.71 18.65
CA LEU C 114 -14.86 -16.86 17.96
C LEU C 114 -14.82 -17.06 16.45
N GLY C 115 -14.75 -18.32 16.03
CA GLY C 115 -14.71 -18.62 14.60
C GLY C 115 -15.93 -18.11 13.88
N LYS C 116 -17.08 -18.23 14.51
CA LYS C 116 -18.34 -17.78 13.92
C LYS C 116 -18.38 -16.26 13.77
N VAL C 117 -18.02 -15.53 14.83
CA VAL C 117 -18.02 -14.08 14.78
C VAL C 117 -17.12 -13.61 13.63
N ALA C 118 -15.95 -14.25 13.48
CA ALA C 118 -15.01 -13.89 12.43
C ALA C 118 -15.62 -14.03 11.04
N GLN C 119 -16.40 -15.09 10.83
CA GLN C 119 -17.03 -15.33 9.54
C GLN C 119 -18.02 -14.23 9.17
N SER C 120 -18.90 -13.87 10.10
CA SER C 120 -19.87 -12.82 9.85
C SER C 120 -19.13 -11.50 9.60
N LEU C 121 -18.05 -11.30 10.34
CA LEU C 121 -17.24 -10.09 10.18
C LEU C 121 -16.60 -9.96 8.80
N VAL C 122 -15.89 -11.00 8.38
CA VAL C 122 -15.17 -10.96 7.10
C VAL C 122 -16.05 -11.07 5.86
N HIS C 123 -17.21 -11.73 5.98
CA HIS C 123 -18.09 -11.84 4.83
C HIS C 123 -18.85 -10.53 4.60
N GLY C 124 -18.67 -9.59 5.51
CA GLY C 124 -19.31 -8.29 5.36
C GLY C 124 -20.75 -8.15 5.82
N ALA C 125 -21.17 -8.96 6.79
CA ALA C 125 -22.55 -8.85 7.28
C ALA C 125 -22.63 -7.66 8.22
N ARG C 126 -23.84 -7.09 8.35
CA ARG C 126 -24.03 -5.97 9.26
C ARG C 126 -24.42 -6.65 10.56
N ILE C 127 -23.50 -6.66 11.51
CA ILE C 127 -23.71 -7.32 12.78
C ILE C 127 -24.37 -6.49 13.89
N VAL C 128 -25.31 -7.11 14.58
CA VAL C 128 -26.00 -6.47 15.71
C VAL C 128 -25.91 -7.43 16.90
N GLN C 129 -25.20 -7.02 17.96
CA GLN C 129 -25.08 -7.84 19.16
C GLN C 129 -26.04 -7.29 20.21
N VAL C 130 -27.01 -8.10 20.63
CA VAL C 130 -28.00 -7.68 21.61
C VAL C 130 -27.70 -8.19 23.02
N GLU C 131 -28.00 -7.37 24.02
CA GLU C 131 -27.78 -7.75 25.40
C GLU C 131 -28.90 -8.69 25.81
N GLY C 132 -28.90 -9.85 25.18
CA GLY C 132 -29.91 -10.86 25.45
C GLY C 132 -29.40 -12.18 24.90
N ASN C 133 -30.17 -13.25 25.01
CA ASN C 133 -29.71 -14.53 24.49
C ASN C 133 -30.26 -14.74 23.09
N PHE C 134 -30.07 -15.94 22.55
CA PHE C 134 -30.57 -16.22 21.20
C PHE C 134 -32.07 -16.07 21.07
N ASP C 135 -32.80 -16.57 22.06
CA ASP C 135 -34.26 -16.49 22.03
C ASP C 135 -34.72 -15.04 21.89
N ASP C 136 -34.04 -14.14 22.58
CA ASP C 136 -34.38 -12.72 22.51
C ASP C 136 -34.05 -12.21 21.10
N ALA C 137 -32.89 -12.59 20.59
CA ALA C 137 -32.47 -12.14 19.26
C ALA C 137 -33.45 -12.60 18.18
N LEU C 138 -34.00 -13.81 18.33
CA LEU C 138 -34.94 -14.35 17.36
C LEU C 138 -36.25 -13.58 17.31
N ARG C 139 -36.84 -13.31 18.48
CA ARG C 139 -38.09 -12.58 18.50
C ARG C 139 -37.90 -11.15 17.99
N LEU C 140 -36.76 -10.55 18.31
CA LEU C 140 -36.49 -9.18 17.85
C LEU C 140 -36.25 -9.15 16.34
N THR C 141 -35.66 -10.20 15.81
CA THR C 141 -35.35 -10.26 14.38
C THR C 141 -36.58 -10.52 13.53
N GLN C 142 -37.53 -11.29 14.07
CA GLN C 142 -38.74 -11.59 13.32
C GLN C 142 -39.54 -10.30 13.21
N LYS C 143 -39.52 -9.51 14.27
CA LYS C 143 -40.21 -8.24 14.30
C LYS C 143 -39.58 -7.27 13.32
N LEU C 144 -38.26 -7.34 13.21
CA LEU C 144 -37.52 -6.48 12.29
C LEU C 144 -37.90 -6.78 10.83
N THR C 145 -38.09 -8.06 10.52
CA THR C 145 -38.45 -8.45 9.16
C THR C 145 -39.93 -8.26 8.88
N GLU C 146 -40.68 -7.92 9.92
CA GLU C 146 -42.11 -7.65 9.79
C GLU C 146 -42.24 -6.14 9.60
N ALA C 147 -41.25 -5.40 10.08
CA ALA C 147 -41.24 -3.96 9.97
C ALA C 147 -40.52 -3.44 8.73
N PHE C 148 -39.46 -4.12 8.32
CA PHE C 148 -38.69 -3.68 7.16
C PHE C 148 -38.62 -4.71 6.05
N PRO C 149 -38.40 -4.25 4.81
CA PRO C 149 -38.30 -5.08 3.60
C PRO C 149 -37.01 -5.90 3.58
N VAL C 150 -36.91 -6.82 4.53
CA VAL C 150 -35.74 -7.68 4.65
C VAL C 150 -36.23 -9.11 4.82
N ALA C 151 -35.83 -9.99 3.90
CA ALA C 151 -36.26 -11.39 3.95
C ALA C 151 -35.67 -12.15 5.14
N LEU C 152 -36.55 -12.79 5.89
CA LEU C 152 -36.13 -13.55 7.07
C LEU C 152 -35.61 -14.91 6.63
N VAL C 153 -34.36 -15.22 6.96
CA VAL C 153 -33.80 -16.51 6.58
C VAL C 153 -33.58 -17.43 7.76
N ASN C 154 -34.32 -17.22 8.85
CA ASN C 154 -34.21 -18.09 10.00
C ASN C 154 -35.00 -19.35 9.66
N SER C 155 -34.84 -20.39 10.47
CA SER C 155 -35.49 -21.67 10.22
C SER C 155 -37.00 -21.63 10.04
N VAL C 156 -37.67 -20.62 10.58
CA VAL C 156 -39.12 -20.53 10.43
C VAL C 156 -39.49 -20.39 8.95
N ASN C 157 -38.49 -20.01 8.14
CA ASN C 157 -38.66 -19.87 6.68
C ASN C 157 -38.66 -21.31 6.15
N PRO C 158 -39.81 -21.79 5.62
CA PRO C 158 -39.92 -23.15 5.09
C PRO C 158 -38.79 -23.58 4.17
N HIS C 159 -38.23 -22.64 3.43
CA HIS C 159 -37.13 -22.96 2.51
C HIS C 159 -35.90 -23.49 3.24
N ARG C 160 -35.71 -23.04 4.47
CA ARG C 160 -34.56 -23.50 5.25
C ARG C 160 -34.64 -25.02 5.48
N LEU C 161 -35.83 -25.52 5.79
CA LEU C 161 -35.98 -26.95 6.03
C LEU C 161 -36.02 -27.79 4.77
N GLU C 162 -36.52 -27.21 3.68
CA GLU C 162 -36.58 -27.92 2.40
C GLU C 162 -35.15 -28.18 1.93
N GLY C 163 -34.26 -27.23 2.20
CA GLY C 163 -32.88 -27.39 1.81
C GLY C 163 -32.13 -28.36 2.71
N GLN C 164 -32.40 -28.30 4.01
CA GLN C 164 -31.72 -29.15 4.98
C GLN C 164 -32.14 -30.62 4.96
N LYS C 165 -33.35 -30.91 4.46
CA LYS C 165 -33.84 -32.29 4.40
C LYS C 165 -32.96 -33.15 3.49
N THR C 166 -32.19 -32.50 2.62
CA THR C 166 -31.31 -33.21 1.69
C THR C 166 -30.24 -34.05 2.36
N LEU C 167 -29.93 -33.74 3.61
CA LEU C 167 -28.91 -34.50 4.34
C LEU C 167 -29.36 -35.96 4.36
N ALA C 168 -30.63 -36.18 4.71
CA ALA C 168 -31.18 -37.53 4.75
C ALA C 168 -31.05 -38.20 3.38
N PHE C 169 -31.39 -37.48 2.32
CA PHE C 169 -31.30 -38.03 0.95
C PHE C 169 -29.87 -38.52 0.69
N GLU C 170 -28.89 -37.71 1.07
CA GLU C 170 -27.49 -38.04 0.86
C GLU C 170 -27.04 -39.28 1.61
N VAL C 171 -27.56 -39.47 2.83
CA VAL C 171 -27.20 -40.63 3.64
C VAL C 171 -27.73 -41.90 2.99
N VAL C 172 -28.98 -41.86 2.52
CA VAL C 172 -29.58 -43.03 1.89
C VAL C 172 -28.93 -43.30 0.54
N ASP C 173 -28.60 -42.24 -0.19
CA ASP C 173 -27.95 -42.38 -1.49
C ASP C 173 -26.66 -43.18 -1.34
N GLU C 174 -25.96 -42.93 -0.24
CA GLU C 174 -24.69 -43.59 0.03
C GLU C 174 -24.80 -44.97 0.67
N LEU C 175 -25.58 -45.08 1.75
CA LEU C 175 -25.73 -46.35 2.45
C LEU C 175 -26.62 -47.37 1.75
N GLY C 176 -27.51 -46.90 0.88
CA GLY C 176 -28.41 -47.79 0.15
C GLY C 176 -29.73 -47.97 0.85
N ASP C 177 -29.85 -47.38 2.03
CA ASP C 177 -31.07 -47.47 2.84
C ASP C 177 -30.86 -46.47 3.98
N ALA C 178 -31.92 -46.22 4.75
CA ALA C 178 -31.79 -45.32 5.89
C ALA C 178 -31.13 -46.12 7.02
N PRO C 179 -30.45 -45.45 7.94
CA PRO C 179 -29.82 -46.20 9.04
C PRO C 179 -30.87 -46.58 10.07
N HIS C 180 -30.54 -47.51 10.96
CA HIS C 180 -31.51 -47.90 11.99
C HIS C 180 -31.73 -46.70 12.92
N TYR C 181 -30.67 -45.94 13.18
CA TYR C 181 -30.77 -44.77 14.04
C TYR C 181 -30.03 -43.58 13.44
N HIS C 182 -30.49 -42.37 13.74
CA HIS C 182 -29.81 -41.17 13.28
C HIS C 182 -29.79 -40.18 14.43
N ALA C 183 -28.60 -39.88 14.94
CA ALA C 183 -28.44 -38.97 16.05
C ALA C 183 -27.94 -37.60 15.59
N LEU C 184 -28.43 -36.55 16.24
CA LEU C 184 -28.04 -35.18 15.92
C LEU C 184 -28.40 -34.26 17.07
N PRO C 185 -27.80 -33.07 17.12
CA PRO C 185 -28.08 -32.12 18.19
C PRO C 185 -29.43 -31.42 17.93
N VAL C 186 -30.05 -30.88 18.98
CA VAL C 186 -31.31 -30.16 18.82
C VAL C 186 -31.26 -28.84 19.56
N GLY C 187 -31.31 -27.74 18.79
CA GLY C 187 -31.27 -26.42 19.38
C GLY C 187 -32.59 -25.70 19.11
N ASN C 188 -32.74 -25.18 17.89
CA ASN C 188 -33.96 -24.49 17.49
C ASN C 188 -34.88 -25.51 16.80
N ALA C 189 -34.39 -26.74 16.71
CA ALA C 189 -35.13 -27.88 16.14
C ALA C 189 -35.39 -27.93 14.64
N GLY C 190 -34.81 -27.01 13.88
CA GLY C 190 -35.05 -27.06 12.46
C GLY C 190 -34.47 -28.30 11.81
N ASN C 191 -33.26 -28.68 12.22
CA ASN C 191 -32.56 -29.83 11.65
C ASN C 191 -33.23 -31.19 11.87
N ILE C 192 -33.62 -31.51 13.10
CA ILE C 192 -34.26 -32.80 13.34
C ILE C 192 -35.57 -32.89 12.54
N THR C 193 -36.26 -31.76 12.42
CA THR C 193 -37.52 -31.71 11.68
C THR C 193 -37.25 -31.97 10.19
N ALA C 194 -36.20 -31.34 9.65
CA ALA C 194 -35.84 -31.50 8.24
C ALA C 194 -35.36 -32.92 7.96
N HIS C 195 -34.54 -33.47 8.86
CA HIS C 195 -34.03 -34.83 8.71
C HIS C 195 -35.19 -35.80 8.52
N TRP C 196 -36.21 -35.68 9.37
CA TRP C 196 -37.36 -36.57 9.30
C TRP C 196 -38.16 -36.35 8.01
N MET C 197 -38.29 -35.10 7.59
CA MET C 197 -39.00 -34.78 6.35
C MET C 197 -38.39 -35.56 5.19
N GLY C 198 -37.06 -35.54 5.13
CA GLY C 198 -36.34 -36.21 4.07
C GLY C 198 -36.44 -37.72 4.10
N TYR C 199 -36.28 -38.31 5.29
CA TYR C 199 -36.36 -39.76 5.42
C TYR C 199 -37.74 -40.29 5.03
N LYS C 200 -38.78 -39.59 5.45
CA LYS C 200 -40.14 -40.00 5.13
C LYS C 200 -40.39 -39.95 3.63
N ALA C 201 -39.85 -38.93 2.97
CA ALA C 201 -40.03 -38.76 1.53
C ALA C 201 -39.34 -39.88 0.76
N TYR C 202 -38.07 -40.12 1.05
CA TYR C 202 -37.33 -41.18 0.37
C TYR C 202 -37.94 -42.55 0.66
N HIS C 203 -38.52 -42.69 1.85
CA HIS C 203 -39.15 -43.94 2.24
C HIS C 203 -40.43 -44.18 1.42
N ALA C 204 -41.21 -43.13 1.27
CA ALA C 204 -42.45 -43.19 0.50
C ALA C 204 -42.12 -43.49 -0.95
N LEU C 205 -40.98 -42.99 -1.40
CA LEU C 205 -40.52 -43.20 -2.77
C LEU C 205 -39.84 -44.54 -2.96
N GLY C 206 -39.67 -45.28 -1.87
CA GLY C 206 -39.04 -46.58 -1.95
C GLY C 206 -37.53 -46.58 -2.07
N LYS C 207 -36.92 -45.41 -1.91
CA LYS C 207 -35.47 -45.33 -2.00
C LYS C 207 -34.86 -45.81 -0.68
N ALA C 208 -35.68 -45.77 0.37
CA ALA C 208 -35.29 -46.22 1.69
C ALA C 208 -36.34 -47.24 2.12
N LYS C 209 -35.90 -48.45 2.43
CA LYS C 209 -36.83 -49.47 2.87
C LYS C 209 -37.20 -49.36 4.33
N ARG C 210 -36.41 -48.61 5.09
CA ARG C 210 -36.72 -48.42 6.50
C ARG C 210 -36.70 -46.95 6.87
N LEU C 211 -37.33 -46.63 8.00
CA LEU C 211 -37.38 -45.29 8.54
C LEU C 211 -36.51 -45.33 9.78
N PRO C 212 -35.56 -44.40 9.92
CA PRO C 212 -34.69 -44.40 11.09
C PRO C 212 -35.39 -43.86 12.33
N ARG C 213 -34.84 -44.19 13.49
CA ARG C 213 -35.38 -43.68 14.74
C ARG C 213 -34.54 -42.42 14.97
N MET C 214 -35.19 -41.27 15.08
CA MET C 214 -34.45 -40.03 15.28
C MET C 214 -34.06 -39.86 16.74
N LEU C 215 -32.77 -39.63 16.98
CA LEU C 215 -32.25 -39.45 18.32
C LEU C 215 -31.70 -38.05 18.44
N GLY C 216 -32.49 -37.16 19.05
CA GLY C 216 -32.05 -35.79 19.22
C GLY C 216 -31.53 -35.59 20.63
N PHE C 217 -30.51 -34.74 20.77
CA PHE C 217 -29.94 -34.48 22.09
C PHE C 217 -29.66 -33.00 22.33
N GLN C 218 -30.04 -32.55 23.53
CA GLN C 218 -29.85 -31.18 23.95
C GLN C 218 -28.90 -31.14 25.12
N ALA C 219 -28.26 -30.00 25.33
CA ALA C 219 -27.36 -29.84 26.47
C ALA C 219 -28.28 -29.71 27.69
N ALA C 220 -27.86 -30.28 28.81
CA ALA C 220 -28.64 -30.26 30.04
C ALA C 220 -29.09 -28.88 30.51
N GLY C 221 -28.26 -27.87 30.29
CA GLY C 221 -28.60 -26.51 30.72
C GLY C 221 -29.57 -25.80 29.78
N ALA C 222 -29.89 -26.45 28.68
CA ALA C 222 -30.80 -25.89 27.68
C ALA C 222 -31.56 -27.04 27.07
N ALA C 223 -32.41 -27.68 27.86
CA ALA C 223 -33.18 -28.81 27.39
C ALA C 223 -34.70 -28.64 27.49
N PRO C 224 -35.24 -27.60 26.85
CA PRO C 224 -36.69 -27.35 26.90
C PRO C 224 -37.56 -28.49 26.36
N LEU C 225 -37.10 -29.15 25.29
CA LEU C 225 -37.85 -30.25 24.71
C LEU C 225 -37.82 -31.49 25.59
N VAL C 226 -36.75 -31.60 26.38
CA VAL C 226 -36.58 -32.72 27.30
C VAL C 226 -37.45 -32.48 28.53
N LEU C 227 -37.43 -31.25 29.04
CA LEU C 227 -38.22 -30.88 30.22
C LEU C 227 -39.70 -30.68 29.95
N GLY C 228 -40.04 -30.35 28.70
CA GLY C 228 -41.43 -30.14 28.33
C GLY C 228 -41.93 -28.71 28.39
N ARG C 229 -41.06 -27.78 28.77
CA ARG C 229 -41.44 -26.37 28.87
C ARG C 229 -40.28 -25.46 28.48
N PRO C 230 -40.58 -24.28 27.94
CA PRO C 230 -39.49 -23.38 27.56
C PRO C 230 -38.55 -23.10 28.74
N VAL C 231 -37.29 -22.82 28.42
CA VAL C 231 -36.28 -22.53 29.44
C VAL C 231 -35.95 -21.04 29.33
N GLU C 232 -36.23 -20.27 30.38
CA GLU C 232 -35.96 -18.84 30.41
C GLU C 232 -34.49 -18.47 30.27
N ARG C 233 -33.65 -19.15 31.04
CA ARG C 233 -32.22 -18.86 31.02
C ARG C 233 -31.38 -20.07 30.63
N PRO C 234 -31.39 -20.42 29.33
CA PRO C 234 -30.60 -21.57 28.88
C PRO C 234 -29.11 -21.30 29.09
N GLU C 235 -28.35 -22.35 29.42
CA GLU C 235 -26.91 -22.21 29.63
C GLU C 235 -26.19 -23.48 29.16
N THR C 236 -24.99 -23.30 28.61
CA THR C 236 -24.15 -24.43 28.15
C THR C 236 -22.90 -23.93 27.43
N LEU C 237 -21.81 -24.69 27.52
CA LEU C 237 -20.58 -24.31 26.85
C LEU C 237 -20.70 -24.55 25.36
N ALA C 238 -21.73 -25.30 24.97
CA ALA C 238 -21.99 -25.60 23.56
C ALA C 238 -22.97 -24.52 23.12
N THR C 239 -22.48 -23.28 23.08
CA THR C 239 -23.28 -22.11 22.75
C THR C 239 -24.15 -22.18 21.49
N ALA C 240 -23.79 -23.04 20.56
CA ALA C 240 -24.56 -23.20 19.33
C ALA C 240 -25.99 -23.62 19.65
N ILE C 241 -26.18 -24.36 20.74
CA ILE C 241 -27.52 -24.80 21.13
C ILE C 241 -28.01 -24.24 22.47
N ARG C 242 -27.49 -23.07 22.84
CA ARG C 242 -27.87 -22.39 24.07
C ARG C 242 -29.20 -21.71 23.74
N ILE C 243 -30.21 -22.53 23.47
CA ILE C 243 -31.55 -22.09 23.08
C ILE C 243 -32.62 -22.62 24.02
N GLY C 244 -33.50 -21.74 24.48
CA GLY C 244 -34.53 -22.15 25.42
C GLY C 244 -35.96 -22.28 24.91
N ASN C 245 -36.24 -21.85 23.69
CA ASN C 245 -37.59 -21.96 23.15
C ASN C 245 -37.50 -22.21 21.65
N PRO C 246 -37.23 -23.46 21.25
CA PRO C 246 -37.11 -23.88 19.85
C PRO C 246 -38.34 -23.60 18.99
N ALA C 247 -38.11 -22.94 17.86
CA ALA C 247 -39.17 -22.59 16.92
C ALA C 247 -39.88 -23.79 16.31
N SER C 248 -39.12 -24.84 16.02
CA SER C 248 -39.69 -26.04 15.42
C SER C 248 -40.05 -27.08 16.49
N TRP C 249 -40.45 -26.59 17.64
CA TRP C 249 -40.84 -27.43 18.77
C TRP C 249 -41.73 -28.57 18.33
N GLN C 250 -42.89 -28.24 17.76
CA GLN C 250 -43.82 -29.27 17.31
C GLN C 250 -43.23 -30.18 16.24
N GLY C 251 -42.41 -29.62 15.37
CA GLY C 251 -41.78 -30.42 14.34
C GLY C 251 -40.90 -31.49 14.96
N ALA C 252 -40.12 -31.09 15.96
CA ALA C 252 -39.22 -32.01 16.65
C ALA C 252 -40.00 -33.08 17.42
N VAL C 253 -41.05 -32.68 18.12
CA VAL C 253 -41.84 -33.64 18.87
C VAL C 253 -42.50 -34.66 17.94
N ARG C 254 -42.94 -34.22 16.77
CA ARG C 254 -43.58 -35.12 15.82
C ARG C 254 -42.54 -36.10 15.27
N ALA C 255 -41.35 -35.61 14.96
CA ALA C 255 -40.30 -36.47 14.42
C ALA C 255 -39.94 -37.54 15.45
N LYS C 256 -39.81 -37.10 16.70
CA LYS C 256 -39.49 -38.00 17.80
C LYS C 256 -40.55 -39.11 17.85
N GLU C 257 -41.81 -38.70 17.94
CA GLU C 257 -42.93 -39.64 18.02
C GLU C 257 -43.08 -40.53 16.81
N GLU C 258 -43.22 -39.92 15.63
CA GLU C 258 -43.39 -40.68 14.41
C GLU C 258 -42.27 -41.68 14.10
N SER C 259 -41.03 -41.31 14.43
CA SER C 259 -39.89 -42.19 14.16
C SER C 259 -39.61 -43.20 15.28
N GLY C 260 -40.26 -43.01 16.42
CA GLY C 260 -40.03 -43.91 17.53
C GLY C 260 -38.65 -43.68 18.11
N GLY C 261 -38.24 -42.41 18.15
CA GLY C 261 -36.94 -42.06 18.67
C GLY C 261 -37.03 -41.38 20.02
N VAL C 262 -36.09 -40.48 20.30
CA VAL C 262 -36.09 -39.78 21.58
C VAL C 262 -35.49 -38.39 21.45
N ILE C 263 -35.72 -37.58 22.49
CA ILE C 263 -35.14 -36.25 22.58
C ILE C 263 -34.73 -36.18 24.04
N GLU C 264 -33.43 -36.36 24.27
CA GLU C 264 -32.91 -36.37 25.62
C GLU C 264 -31.78 -35.39 25.84
N ALA C 265 -31.39 -35.22 27.10
CA ALA C 265 -30.31 -34.31 27.45
C ALA C 265 -29.03 -35.06 27.78
N VAL C 266 -27.91 -34.37 27.60
CA VAL C 266 -26.59 -34.89 27.89
C VAL C 266 -25.91 -33.70 28.56
N THR C 267 -25.13 -33.96 29.60
CA THR C 267 -24.46 -32.87 30.33
C THR C 267 -23.30 -32.28 29.54
N ASP C 268 -22.86 -31.09 29.92
CA ASP C 268 -21.73 -30.46 29.23
C ASP C 268 -20.51 -31.35 29.39
N GLU C 269 -20.37 -32.01 30.54
CA GLU C 269 -19.22 -32.88 30.74
C GLU C 269 -19.27 -34.03 29.73
N GLU C 270 -20.46 -34.57 29.52
CA GLU C 270 -20.62 -35.65 28.57
C GLU C 270 -20.32 -35.14 27.16
N ILE C 271 -20.70 -33.90 26.88
CA ILE C 271 -20.45 -33.31 25.57
C ILE C 271 -18.94 -33.22 25.34
N LEU C 272 -18.20 -32.72 26.31
CA LEU C 272 -16.74 -32.60 26.20
C LEU C 272 -16.10 -33.97 25.99
N PHE C 273 -16.58 -34.98 26.71
CA PHE C 273 -16.01 -36.32 26.57
C PHE C 273 -16.15 -36.80 25.13
N ALA C 274 -17.35 -36.66 24.56
CA ALA C 274 -17.61 -37.08 23.18
C ALA C 274 -16.79 -36.25 22.20
N TYR C 275 -16.68 -34.96 22.49
CA TYR C 275 -15.92 -34.00 21.69
C TYR C 275 -14.46 -34.46 21.59
N ARG C 276 -13.86 -34.77 22.74
CA ARG C 276 -12.47 -35.22 22.77
C ARG C 276 -12.36 -36.59 22.09
N TYR C 277 -13.33 -37.46 22.33
CA TYR C 277 -13.32 -38.79 21.73
C TYR C 277 -13.26 -38.75 20.21
N LEU C 278 -14.12 -37.92 19.60
CA LEU C 278 -14.15 -37.83 18.15
C LEU C 278 -12.83 -37.33 17.57
N ALA C 279 -12.25 -36.31 18.19
CA ALA C 279 -11.00 -35.76 17.70
C ALA C 279 -9.79 -36.68 17.94
N ARG C 280 -9.68 -37.17 19.17
CA ARG C 280 -8.56 -38.02 19.59
C ARG C 280 -8.57 -39.47 19.10
N GLU C 281 -9.75 -40.08 19.05
CA GLU C 281 -9.86 -41.47 18.63
C GLU C 281 -10.28 -41.68 17.17
N GLU C 282 -11.15 -40.82 16.65
CA GLU C 282 -11.61 -40.97 15.26
C GLU C 282 -10.93 -40.03 14.27
N GLY C 283 -10.30 -38.99 14.77
CA GLY C 283 -9.62 -38.03 13.89
C GLY C 283 -10.60 -37.05 13.29
N ILE C 284 -11.76 -36.93 13.90
CA ILE C 284 -12.80 -36.02 13.43
C ILE C 284 -13.04 -34.91 14.45
N PHE C 285 -12.81 -33.67 14.01
CA PHE C 285 -12.96 -32.50 14.83
C PHE C 285 -14.24 -31.71 14.54
N CYS C 286 -15.19 -31.75 15.46
CA CYS C 286 -16.45 -31.04 15.33
C CYS C 286 -16.58 -30.11 16.53
N GLU C 287 -17.43 -29.09 16.44
CA GLU C 287 -17.58 -28.18 17.56
C GLU C 287 -18.38 -28.87 18.68
N PRO C 288 -18.29 -28.36 19.91
CA PRO C 288 -19.01 -28.93 21.06
C PRO C 288 -20.45 -29.38 20.84
N ALA C 289 -21.30 -28.47 20.35
CA ALA C 289 -22.70 -28.80 20.10
C ALA C 289 -22.85 -30.07 19.26
N SER C 290 -22.07 -30.16 18.19
CA SER C 290 -22.11 -31.32 17.30
C SER C 290 -21.79 -32.59 18.07
N ALA C 291 -20.85 -32.49 19.02
CA ALA C 291 -20.45 -33.65 19.82
C ALA C 291 -21.58 -34.17 20.71
N ALA C 292 -22.60 -33.34 20.95
CA ALA C 292 -23.72 -33.78 21.78
C ALA C 292 -24.37 -34.99 21.14
N ALA C 293 -24.31 -35.08 19.82
CA ALA C 293 -24.88 -36.20 19.09
C ALA C 293 -24.21 -37.50 19.56
N MET C 294 -22.88 -37.50 19.57
CA MET C 294 -22.09 -38.67 19.99
C MET C 294 -22.28 -38.94 21.48
N ALA C 295 -22.41 -37.89 22.28
CA ALA C 295 -22.62 -38.04 23.71
C ALA C 295 -23.92 -38.82 23.92
N GLY C 296 -24.92 -38.50 23.09
CA GLY C 296 -26.19 -39.19 23.18
C GLY C 296 -26.03 -40.67 22.86
N VAL C 297 -25.24 -40.95 21.83
CA VAL C 297 -24.99 -42.35 21.45
C VAL C 297 -24.34 -43.09 22.62
N PHE C 298 -23.36 -42.45 23.26
CA PHE C 298 -22.68 -43.04 24.40
C PHE C 298 -23.69 -43.34 25.51
N LYS C 299 -24.55 -42.37 25.78
CA LYS C 299 -25.58 -42.50 26.80
C LYS C 299 -26.49 -43.70 26.55
N LEU C 300 -26.98 -43.82 25.32
CA LEU C 300 -27.88 -44.93 24.98
C LEU C 300 -27.18 -46.30 24.99
N LEU C 301 -25.93 -46.33 24.53
CA LEU C 301 -25.16 -47.59 24.51
C LEU C 301 -25.00 -48.08 25.95
N ARG C 302 -24.76 -47.11 26.82
CA ARG C 302 -24.57 -47.33 28.25
C ARG C 302 -25.80 -47.98 28.88
N GLU C 303 -26.98 -47.57 28.41
CA GLU C 303 -28.23 -48.11 28.94
C GLU C 303 -28.73 -49.27 28.09
N GLY C 304 -27.93 -49.69 27.11
CA GLY C 304 -28.32 -50.80 26.25
C GLY C 304 -29.55 -50.50 25.42
N ARG C 305 -29.75 -49.23 25.08
CA ARG C 305 -30.91 -48.83 24.31
C ARG C 305 -30.73 -48.76 22.80
N LEU C 306 -29.61 -49.28 22.31
CA LEU C 306 -29.36 -49.34 20.87
C LEU C 306 -29.28 -50.81 20.53
N GLU C 307 -30.13 -51.28 19.62
CA GLU C 307 -30.12 -52.68 19.26
C GLU C 307 -28.81 -53.14 18.64
N PRO C 308 -28.35 -54.33 19.02
CA PRO C 308 -27.10 -54.90 18.50
C PRO C 308 -27.15 -54.97 16.98
N GLU C 309 -25.99 -54.87 16.34
CA GLU C 309 -25.87 -54.96 14.88
C GLU C 309 -26.57 -53.82 14.15
N SER C 310 -26.83 -52.73 14.87
CA SER C 310 -27.49 -51.58 14.27
C SER C 310 -26.50 -50.62 13.60
N THR C 311 -27.04 -49.80 12.70
CA THR C 311 -26.26 -48.79 12.01
C THR C 311 -26.75 -47.47 12.60
N VAL C 312 -25.80 -46.64 13.03
CA VAL C 312 -26.12 -45.36 13.62
C VAL C 312 -25.40 -44.25 12.86
N VAL C 313 -26.15 -43.28 12.37
CA VAL C 313 -25.53 -42.17 11.67
C VAL C 313 -25.60 -40.95 12.57
N LEU C 314 -24.51 -40.21 12.62
CA LEU C 314 -24.47 -39.00 13.42
C LEU C 314 -24.28 -37.81 12.49
N THR C 315 -25.06 -36.76 12.71
CA THR C 315 -24.89 -35.57 11.92
C THR C 315 -23.99 -34.67 12.76
N LEU C 316 -22.71 -34.58 12.40
CA LEU C 316 -21.78 -33.71 13.10
C LEU C 316 -21.95 -32.36 12.43
N THR C 317 -22.82 -31.56 13.04
CA THR C 317 -23.23 -30.25 12.57
C THR C 317 -22.24 -29.14 12.21
N GLY C 318 -21.19 -28.95 12.98
CA GLY C 318 -20.24 -27.88 12.66
C GLY C 318 -18.79 -28.29 12.86
N HIS C 319 -17.89 -27.71 12.07
CA HIS C 319 -16.46 -28.04 12.18
C HIS C 319 -15.91 -27.54 13.51
N GLY C 320 -14.93 -28.27 14.04
CA GLY C 320 -14.33 -27.88 15.32
C GLY C 320 -13.66 -26.52 15.26
N LEU C 321 -13.13 -26.13 14.10
CA LEU C 321 -12.47 -24.84 13.95
C LEU C 321 -13.40 -23.68 14.26
N LYS C 322 -14.70 -23.96 14.34
CA LYS C 322 -15.69 -22.94 14.65
C LYS C 322 -15.49 -22.37 16.04
N ASP C 323 -15.00 -23.20 16.96
CA ASP C 323 -14.84 -22.80 18.35
C ASP C 323 -13.51 -23.25 18.93
N PRO C 324 -12.42 -22.56 18.55
CA PRO C 324 -11.06 -22.85 19.00
C PRO C 324 -10.88 -22.77 20.52
N ALA C 325 -11.61 -21.85 21.15
CA ALA C 325 -11.52 -21.65 22.60
C ALA C 325 -11.64 -22.94 23.39
N THR C 326 -12.67 -23.72 23.09
CA THR C 326 -12.92 -24.97 23.80
C THR C 326 -11.84 -26.05 23.68
N ALA C 327 -10.98 -25.97 22.67
CA ALA C 327 -9.92 -26.96 22.52
C ALA C 327 -9.07 -27.09 23.79
N GLU C 328 -8.79 -25.97 24.45
CA GLU C 328 -7.97 -26.00 25.68
C GLU C 328 -8.69 -26.60 26.88
N ARG C 329 -9.98 -26.89 26.77
CA ARG C 329 -10.71 -27.46 27.88
C ARG C 329 -10.47 -28.95 28.02
N VAL C 330 -10.03 -29.59 26.93
CA VAL C 330 -9.76 -31.03 26.95
C VAL C 330 -8.32 -31.39 26.68
N ALA C 331 -7.46 -30.39 26.48
CA ALA C 331 -6.04 -30.66 26.23
C ALA C 331 -5.20 -29.48 26.71
N GLU C 332 -3.99 -29.77 27.16
CA GLU C 332 -3.08 -28.73 27.67
C GLU C 332 -1.96 -28.44 26.67
N LEU C 333 -1.66 -27.16 26.50
CA LEU C 333 -0.60 -26.73 25.60
C LEU C 333 0.64 -26.40 26.44
N PRO C 334 1.75 -27.12 26.21
CA PRO C 334 2.98 -26.88 26.97
C PRO C 334 3.78 -25.68 26.48
N PRO C 335 4.44 -24.97 27.41
CA PRO C 335 5.25 -23.79 27.10
C PRO C 335 6.43 -24.13 26.19
N PRO C 336 6.92 -23.14 25.42
CA PRO C 336 8.04 -23.32 24.49
C PRO C 336 9.36 -23.69 25.16
N VAL C 337 10.23 -24.32 24.38
CA VAL C 337 11.55 -24.75 24.82
C VAL C 337 12.54 -24.24 23.78
N PRO C 338 13.85 -24.30 24.09
CA PRO C 338 14.88 -23.83 23.14
C PRO C 338 14.97 -24.65 21.86
N ALA C 339 15.38 -24.01 20.77
CA ALA C 339 15.53 -24.70 19.49
C ALA C 339 16.76 -25.60 19.50
N ARG C 340 16.73 -26.62 20.37
CA ARG C 340 17.83 -27.57 20.52
C ARG C 340 17.27 -28.99 20.49
N LEU C 341 17.92 -29.89 19.76
CA LEU C 341 17.42 -31.26 19.66
C LEU C 341 17.16 -31.87 21.03
N GLU C 342 18.08 -31.61 21.96
CA GLU C 342 17.96 -32.11 23.33
C GLU C 342 16.64 -31.69 23.94
N ALA C 343 16.37 -30.38 23.90
CA ALA C 343 15.15 -29.81 24.45
C ALA C 343 13.87 -30.29 23.77
N VAL C 344 13.91 -30.48 22.46
CA VAL C 344 12.74 -30.95 21.72
C VAL C 344 12.36 -32.38 22.10
N ALA C 345 13.36 -33.26 22.11
CA ALA C 345 13.14 -34.67 22.45
C ALA C 345 12.55 -34.83 23.85
N ALA C 346 12.97 -33.98 24.77
CA ALA C 346 12.46 -34.03 26.13
C ALA C 346 11.01 -33.55 26.13
N ALA C 347 10.76 -32.47 25.39
CA ALA C 347 9.41 -31.90 25.33
C ALA C 347 8.43 -32.87 24.66
N ALA C 348 8.95 -33.72 23.77
CA ALA C 348 8.12 -34.70 23.08
C ALA C 348 7.92 -35.98 23.87
N GLY C 349 8.39 -36.00 25.11
CA GLY C 349 8.26 -37.18 25.96
C GLY C 349 9.09 -38.37 25.49
N LEU C 350 10.20 -38.09 24.83
CA LEU C 350 11.05 -39.16 24.30
C LEU C 350 12.29 -39.45 25.15
N LEU C 351 12.50 -38.67 26.20
CA LEU C 351 13.66 -38.87 27.06
C LEU C 351 13.29 -39.11 28.52
N MET D 1 -21.05 -37.33 -0.54
CA MET D 1 -20.23 -38.57 -0.67
C MET D 1 -18.82 -38.18 -1.11
N ARG D 2 -17.83 -38.88 -0.57
CA ARG D 2 -16.44 -38.64 -0.94
C ARG D 2 -15.67 -39.96 -0.77
N PRO D 3 -15.08 -40.48 -1.87
CA PRO D 3 -14.32 -41.74 -1.76
C PRO D 3 -12.95 -41.44 -1.21
N PRO D 4 -12.26 -42.46 -0.65
CA PRO D 4 -10.93 -42.18 -0.13
C PRO D 4 -10.08 -41.71 -1.31
N LEU D 5 -9.30 -40.64 -1.10
CA LEU D 5 -8.46 -40.12 -2.16
C LEU D 5 -7.60 -41.24 -2.75
N ILE D 6 -6.99 -42.04 -1.89
CA ILE D 6 -6.15 -43.13 -2.35
C ILE D 6 -6.90 -44.07 -3.30
N GLU D 7 -8.18 -44.32 -3.03
CA GLU D 7 -8.95 -45.21 -3.90
C GLU D 7 -9.27 -44.55 -5.24
N ARG D 8 -9.62 -43.27 -5.19
CA ARG D 8 -9.95 -42.53 -6.40
C ARG D 8 -8.81 -42.54 -7.41
N TYR D 9 -7.58 -42.43 -6.91
CA TYR D 9 -6.43 -42.40 -7.80
C TYR D 9 -5.42 -43.52 -7.52
N ARG D 10 -5.94 -44.65 -7.05
CA ARG D 10 -5.12 -45.82 -6.74
C ARG D 10 -4.09 -46.16 -7.81
N ASN D 11 -4.55 -46.24 -9.06
CA ASN D 11 -3.67 -46.59 -10.16
C ASN D 11 -2.55 -45.58 -10.47
N LEU D 12 -2.59 -44.42 -9.83
CA LEU D 12 -1.56 -43.40 -10.06
C LEU D 12 -0.81 -43.03 -8.79
N LEU D 13 -0.94 -43.88 -7.77
CA LEU D 13 -0.27 -43.66 -6.50
C LEU D 13 0.59 -44.87 -6.12
N PRO D 14 1.62 -44.67 -5.28
CA PRO D 14 2.50 -45.75 -4.86
C PRO D 14 1.86 -46.63 -3.77
N VAL D 15 0.80 -47.34 -4.14
CA VAL D 15 0.08 -48.22 -3.23
C VAL D 15 -0.21 -49.56 -3.87
N SER D 16 -0.67 -50.52 -3.07
CA SER D 16 -1.00 -51.84 -3.57
C SER D 16 -2.02 -52.45 -2.64
N GLU D 17 -2.35 -53.71 -2.86
CA GLU D 17 -3.32 -54.41 -2.02
C GLU D 17 -2.84 -54.46 -0.57
N LYS D 18 -1.53 -54.30 -0.38
CA LYS D 18 -0.92 -54.36 0.95
C LYS D 18 -1.06 -53.06 1.72
N THR D 19 -1.32 -51.97 1.02
CA THR D 19 -1.42 -50.68 1.66
C THR D 19 -2.69 -50.46 2.50
N PRO D 20 -2.51 -50.21 3.81
CA PRO D 20 -3.64 -49.98 4.69
C PRO D 20 -4.14 -48.56 4.43
N VAL D 21 -5.34 -48.43 3.87
CA VAL D 21 -5.88 -47.11 3.56
C VAL D 21 -6.34 -46.34 4.79
N ILE D 22 -5.54 -45.37 5.22
CA ILE D 22 -5.87 -44.54 6.38
C ILE D 22 -6.48 -43.25 5.82
N SER D 23 -7.80 -43.17 5.81
CA SER D 23 -8.49 -42.02 5.24
C SER D 23 -9.59 -41.38 6.09
N LEU D 24 -9.78 -40.08 5.87
CA LEU D 24 -10.80 -39.30 6.54
C LEU D 24 -11.73 -38.74 5.45
N LEU D 25 -11.65 -39.38 4.29
CA LEU D 25 -12.44 -39.00 3.11
C LEU D 25 -12.06 -37.58 2.69
N GLU D 26 -10.79 -37.44 2.34
CA GLU D 26 -10.21 -36.19 1.89
C GLU D 26 -10.23 -36.09 0.37
N GLY D 27 -9.87 -34.92 -0.15
CA GLY D 27 -9.86 -34.72 -1.59
C GLY D 27 -11.25 -34.45 -2.12
N SER D 28 -11.40 -34.50 -3.44
CA SER D 28 -12.69 -34.27 -4.09
C SER D 28 -13.35 -33.00 -3.56
N THR D 29 -12.54 -31.96 -3.41
CA THR D 29 -13.02 -30.68 -2.92
C THR D 29 -13.69 -29.89 -4.06
N PRO D 30 -14.55 -28.93 -3.71
CA PRO D 30 -15.26 -28.11 -4.70
C PRO D 30 -14.36 -27.19 -5.51
N LEU D 31 -14.75 -26.98 -6.77
CA LEU D 31 -14.04 -26.09 -7.68
C LEU D 31 -15.07 -24.98 -7.95
N ILE D 32 -15.06 -23.97 -7.07
CA ILE D 32 -16.01 -22.87 -7.13
C ILE D 32 -15.71 -21.81 -8.17
N PRO D 33 -16.62 -21.65 -9.15
CA PRO D 33 -16.39 -20.64 -10.18
C PRO D 33 -16.60 -19.27 -9.55
N LEU D 34 -15.65 -18.36 -9.77
CA LEU D 34 -15.76 -17.03 -9.20
C LEU D 34 -16.50 -16.07 -10.13
N LYS D 35 -17.19 -15.12 -9.53
CA LYS D 35 -17.95 -14.11 -10.26
C LYS D 35 -17.02 -13.11 -10.94
N GLY D 36 -15.95 -12.73 -10.26
CA GLY D 36 -15.02 -11.76 -10.83
C GLY D 36 -13.55 -12.10 -10.68
N PRO D 37 -12.68 -11.08 -10.47
CA PRO D 37 -12.98 -9.65 -10.36
C PRO D 37 -13.34 -9.00 -11.70
N GLU D 38 -13.73 -7.73 -11.64
CA GLU D 38 -14.15 -7.01 -12.85
C GLU D 38 -13.03 -6.84 -13.88
N GLU D 39 -11.78 -6.85 -13.43
CA GLU D 39 -10.67 -6.71 -14.36
C GLU D 39 -10.50 -8.02 -15.12
N ALA D 40 -11.04 -9.09 -14.54
CA ALA D 40 -10.97 -10.41 -15.17
C ALA D 40 -12.13 -10.54 -16.14
N ARG D 41 -13.31 -10.04 -15.72
CA ARG D 41 -14.49 -10.08 -16.57
C ARG D 41 -14.20 -9.37 -17.88
N LYS D 42 -13.83 -8.09 -17.78
CA LYS D 42 -13.52 -7.29 -18.97
C LYS D 42 -12.75 -8.03 -20.05
N LYS D 43 -11.82 -8.90 -19.63
CA LYS D 43 -11.02 -9.64 -20.60
C LYS D 43 -11.50 -11.06 -20.88
N GLY D 44 -12.66 -11.42 -20.36
CA GLY D 44 -13.18 -12.77 -20.59
C GLY D 44 -12.42 -13.85 -19.82
N ILE D 45 -11.65 -13.44 -18.82
CA ILE D 45 -10.89 -14.40 -18.02
C ILE D 45 -11.78 -15.00 -16.92
N ARG D 46 -11.75 -16.32 -16.80
CA ARG D 46 -12.57 -17.01 -15.80
C ARG D 46 -11.72 -17.62 -14.69
N LEU D 47 -12.12 -17.36 -13.44
CA LEU D 47 -11.41 -17.88 -12.29
C LEU D 47 -12.22 -18.93 -11.54
N TYR D 48 -11.54 -19.98 -11.09
CA TYR D 48 -12.17 -21.03 -10.31
C TYR D 48 -11.32 -21.20 -9.07
N ALA D 49 -11.97 -21.48 -7.94
CA ALA D 49 -11.26 -21.65 -6.70
C ALA D 49 -11.37 -23.09 -6.20
N LYS D 50 -10.24 -23.80 -6.20
CA LYS D 50 -10.21 -25.18 -5.70
C LYS D 50 -10.12 -24.97 -4.20
N TYR D 51 -11.27 -25.05 -3.53
CA TYR D 51 -11.40 -24.81 -2.10
C TYR D 51 -10.90 -25.96 -1.23
N GLU D 52 -9.59 -25.99 -0.99
CA GLU D 52 -8.99 -27.04 -0.18
C GLU D 52 -9.29 -26.88 1.30
N GLY D 53 -9.94 -25.78 1.66
CA GLY D 53 -10.29 -25.55 3.04
C GLY D 53 -11.40 -26.49 3.47
N LEU D 54 -11.97 -27.21 2.50
CA LEU D 54 -13.03 -28.15 2.82
C LEU D 54 -12.54 -29.59 2.94
N ASN D 55 -11.23 -29.73 3.16
CA ASN D 55 -10.66 -31.04 3.38
C ASN D 55 -10.96 -31.29 4.85
N PRO D 56 -10.93 -32.55 5.29
CA PRO D 56 -11.20 -32.90 6.69
C PRO D 56 -10.60 -31.97 7.75
N THR D 57 -9.31 -31.68 7.66
CA THR D 57 -8.69 -30.82 8.66
C THR D 57 -8.64 -29.35 8.24
N GLY D 58 -9.25 -29.04 7.10
CA GLY D 58 -9.30 -27.66 6.64
C GLY D 58 -8.14 -27.15 5.79
N SER D 59 -7.35 -28.05 5.21
CA SER D 59 -6.25 -27.62 4.35
C SER D 59 -5.91 -28.73 3.37
N PHE D 60 -5.15 -28.39 2.33
CA PHE D 60 -4.76 -29.36 1.31
C PHE D 60 -3.82 -30.42 1.86
N LYS D 61 -3.27 -30.17 3.05
CA LYS D 61 -2.34 -31.12 3.66
C LYS D 61 -2.87 -32.54 3.72
N ASP D 62 -4.17 -32.68 3.91
CA ASP D 62 -4.78 -34.00 3.98
C ASP D 62 -4.47 -34.88 2.76
N ARG D 63 -4.26 -34.24 1.61
CA ARG D 63 -3.95 -34.97 0.38
C ARG D 63 -2.64 -35.75 0.50
N GLY D 64 -1.63 -35.10 1.06
CA GLY D 64 -0.35 -35.76 1.21
C GLY D 64 -0.30 -36.60 2.48
N MET D 65 -0.99 -36.14 3.52
CA MET D 65 -0.98 -36.85 4.80
C MET D 65 -1.66 -38.21 4.76
N THR D 66 -2.71 -38.35 3.96
CA THR D 66 -3.38 -39.64 3.89
C THR D 66 -2.41 -40.67 3.29
N LEU D 67 -1.67 -40.28 2.27
CA LEU D 67 -0.71 -41.20 1.66
C LEU D 67 0.50 -41.41 2.55
N ALA D 68 1.04 -40.34 3.12
CA ALA D 68 2.21 -40.44 3.98
C ALA D 68 1.97 -41.36 5.18
N VAL D 69 0.85 -41.16 5.87
CA VAL D 69 0.52 -41.97 7.03
C VAL D 69 0.16 -43.40 6.64
N SER D 70 -0.59 -43.57 5.55
CA SER D 70 -0.95 -44.91 5.08
C SER D 70 0.31 -45.73 4.79
N LYS D 71 1.28 -45.11 4.10
CA LYS D 71 2.52 -45.78 3.76
C LYS D 71 3.39 -46.01 4.99
N ALA D 72 3.29 -45.13 5.98
CA ALA D 72 4.07 -45.26 7.20
C ALA D 72 3.56 -46.48 7.97
N VAL D 73 2.23 -46.58 8.08
CA VAL D 73 1.60 -47.70 8.77
C VAL D 73 1.94 -49.00 8.02
N GLU D 74 1.94 -48.93 6.68
CA GLU D 74 2.26 -50.10 5.88
C GLU D 74 3.68 -50.57 6.19
N GLY D 75 4.55 -49.62 6.49
CA GLY D 75 5.93 -49.94 6.82
C GLY D 75 6.07 -50.30 8.29
N GLY D 76 4.95 -50.28 9.00
CA GLY D 76 4.95 -50.64 10.42
C GLY D 76 5.24 -49.53 11.42
N ALA D 77 5.25 -48.29 10.97
CA ALA D 77 5.51 -47.17 11.87
C ALA D 77 4.41 -47.09 12.91
N GLN D 78 4.76 -46.64 14.10
CA GLN D 78 3.79 -46.51 15.17
C GLN D 78 3.78 -45.07 15.67
N ALA D 79 4.48 -44.21 14.94
CA ALA D 79 4.56 -42.80 15.27
C ALA D 79 5.05 -41.98 14.07
N VAL D 80 4.54 -40.77 13.95
CA VAL D 80 4.92 -39.86 12.87
C VAL D 80 5.25 -38.51 13.48
N ALA D 81 6.13 -37.76 12.82
CA ALA D 81 6.54 -36.45 13.29
C ALA D 81 6.67 -35.46 12.14
N CYS D 82 6.47 -34.18 12.44
CA CYS D 82 6.59 -33.12 11.44
C CYS D 82 6.73 -31.74 12.07
N ALA D 83 7.47 -30.87 11.40
CA ALA D 83 7.64 -29.48 11.82
C ALA D 83 6.53 -28.80 11.03
N SER D 84 5.97 -27.71 11.56
CA SER D 84 4.87 -27.07 10.86
C SER D 84 4.52 -25.65 11.29
N THR D 85 3.94 -24.90 10.37
CA THR D 85 3.49 -23.55 10.67
C THR D 85 2.03 -23.68 11.14
N GLY D 86 1.58 -24.92 11.25
CA GLY D 86 0.21 -25.16 11.73
C GLY D 86 -0.62 -26.21 11.02
N ASN D 87 -0.84 -26.06 9.72
CA ASN D 87 -1.67 -26.98 8.96
C ASN D 87 -1.16 -28.40 8.77
N THR D 88 0.12 -28.56 8.44
CA THR D 88 0.68 -29.90 8.26
C THR D 88 0.61 -30.63 9.59
N ALA D 89 0.79 -29.90 10.69
CA ALA D 89 0.73 -30.51 12.02
C ALA D 89 -0.70 -30.94 12.36
N ALA D 90 -1.66 -30.07 12.07
CA ALA D 90 -3.06 -30.39 12.34
C ALA D 90 -3.44 -31.64 11.56
N SER D 91 -2.97 -31.73 10.33
CA SER D 91 -3.24 -32.86 9.45
C SER D 91 -2.62 -34.15 9.99
N ALA D 92 -1.33 -34.08 10.36
CA ALA D 92 -0.65 -35.25 10.90
C ALA D 92 -1.37 -35.73 12.15
N ALA D 93 -1.76 -34.79 13.00
CA ALA D 93 -2.45 -35.13 14.23
C ALA D 93 -3.76 -35.87 13.97
N ALA D 94 -4.53 -35.39 13.01
CA ALA D 94 -5.81 -36.03 12.70
C ALA D 94 -5.62 -37.44 12.15
N TYR D 95 -4.71 -37.60 11.20
CA TYR D 95 -4.48 -38.92 10.62
C TYR D 95 -3.84 -39.92 11.60
N ALA D 96 -3.02 -39.42 12.51
CA ALA D 96 -2.39 -40.27 13.50
C ALA D 96 -3.52 -40.81 14.37
N ALA D 97 -4.44 -39.92 14.72
CA ALA D 97 -5.61 -40.28 15.54
C ALA D 97 -6.40 -41.37 14.81
N ARG D 98 -6.64 -41.15 13.52
CA ARG D 98 -7.38 -42.08 12.69
C ARG D 98 -6.70 -43.45 12.62
N ALA D 99 -5.38 -43.46 12.47
CA ALA D 99 -4.62 -44.72 12.38
C ALA D 99 -4.34 -45.36 13.73
N GLY D 100 -4.55 -44.61 14.81
CA GLY D 100 -4.31 -45.14 16.14
C GLY D 100 -2.84 -45.13 16.53
N ILE D 101 -2.10 -44.15 16.03
CA ILE D 101 -0.67 -44.04 16.34
C ILE D 101 -0.34 -42.68 16.93
N LEU D 102 0.91 -42.53 17.36
CA LEU D 102 1.37 -41.28 17.97
C LEU D 102 1.72 -40.22 16.92
N ALA D 103 1.49 -38.96 17.28
CA ALA D 103 1.81 -37.84 16.42
C ALA D 103 2.57 -36.80 17.24
N ILE D 104 3.75 -36.43 16.76
CA ILE D 104 4.60 -35.44 17.40
C ILE D 104 4.74 -34.27 16.41
N VAL D 105 4.34 -33.07 16.82
CA VAL D 105 4.47 -31.90 15.94
C VAL D 105 5.28 -30.78 16.58
N VAL D 106 6.23 -30.23 15.82
CA VAL D 106 7.11 -29.16 16.27
C VAL D 106 6.71 -27.84 15.61
N LEU D 107 6.35 -26.87 16.43
CA LEU D 107 5.86 -25.58 15.95
C LEU D 107 6.68 -24.37 16.41
N PRO D 108 6.77 -23.33 15.57
CA PRO D 108 7.51 -22.12 15.95
C PRO D 108 6.66 -21.38 16.98
N ALA D 109 7.24 -21.11 18.14
CA ALA D 109 6.50 -20.44 19.21
C ALA D 109 5.91 -19.09 18.78
N GLY D 110 4.63 -18.88 19.10
CA GLY D 110 3.97 -17.63 18.79
C GLY D 110 3.56 -17.36 17.35
N TYR D 111 3.99 -18.21 16.41
CA TYR D 111 3.65 -17.97 15.01
C TYR D 111 2.79 -19.04 14.33
N VAL D 112 1.86 -19.61 15.10
CA VAL D 112 0.93 -20.60 14.56
C VAL D 112 -0.48 -20.12 14.91
N ALA D 113 -1.35 -20.04 13.91
CA ALA D 113 -2.73 -19.59 14.11
C ALA D 113 -3.40 -20.41 15.23
N LEU D 114 -4.22 -19.76 16.05
CA LEU D 114 -4.87 -20.45 17.13
C LEU D 114 -5.81 -21.56 16.69
N GLY D 115 -6.33 -21.46 15.47
CA GLY D 115 -7.21 -22.50 14.98
C GLY D 115 -6.42 -23.78 14.79
N LYS D 116 -5.21 -23.62 14.25
CA LYS D 116 -4.30 -24.73 13.98
C LYS D 116 -3.77 -25.35 15.26
N VAL D 117 -3.40 -24.51 16.22
CA VAL D 117 -2.89 -25.01 17.50
C VAL D 117 -3.97 -25.87 18.15
N ALA D 118 -5.19 -25.34 18.21
CA ALA D 118 -6.30 -26.05 18.81
C ALA D 118 -6.51 -27.43 18.20
N GLN D 119 -6.35 -27.52 16.87
CA GLN D 119 -6.53 -28.80 16.18
C GLN D 119 -5.54 -29.84 16.64
N SER D 120 -4.27 -29.47 16.71
CA SER D 120 -3.23 -30.40 17.15
C SER D 120 -3.52 -30.80 18.58
N LEU D 121 -4.02 -29.87 19.37
CA LEU D 121 -4.35 -30.13 20.77
C LEU D 121 -5.42 -31.20 20.93
N VAL D 122 -6.61 -30.94 20.40
CA VAL D 122 -7.71 -31.88 20.52
C VAL D 122 -7.48 -33.24 19.90
N HIS D 123 -6.75 -33.29 18.79
CA HIS D 123 -6.48 -34.55 18.12
C HIS D 123 -5.50 -35.42 18.91
N GLY D 124 -4.95 -34.86 19.98
CA GLY D 124 -4.03 -35.63 20.81
C GLY D 124 -2.57 -35.73 20.42
N ALA D 125 -2.08 -34.79 19.63
CA ALA D 125 -0.67 -34.82 19.23
C ALA D 125 0.20 -34.28 20.35
N ARG D 126 1.44 -34.77 20.44
CA ARG D 126 2.36 -34.26 21.44
C ARG D 126 2.94 -33.03 20.76
N ILE D 127 2.68 -31.87 21.34
CA ILE D 127 3.14 -30.62 20.77
C ILE D 127 4.41 -30.10 21.41
N VAL D 128 5.32 -29.65 20.57
CA VAL D 128 6.57 -29.07 21.03
C VAL D 128 6.67 -27.70 20.38
N GLN D 129 6.75 -26.66 21.21
CA GLN D 129 6.90 -25.31 20.69
C GLN D 129 8.34 -24.93 20.88
N VAL D 130 9.01 -24.57 19.79
CA VAL D 130 10.41 -24.17 19.88
C VAL D 130 10.59 -22.67 19.78
N GLU D 131 11.62 -22.16 20.45
CA GLU D 131 11.91 -20.74 20.43
C GLU D 131 12.79 -20.46 19.22
N GLY D 132 12.16 -20.56 18.06
CA GLY D 132 12.83 -20.34 16.78
C GLY D 132 11.73 -20.33 15.75
N ASN D 133 12.07 -20.22 14.47
CA ASN D 133 11.01 -20.21 13.44
C ASN D 133 10.80 -21.59 12.79
N PHE D 134 9.90 -21.65 11.81
CA PHE D 134 9.62 -22.91 11.14
C PHE D 134 10.88 -23.58 10.58
N ASP D 135 11.74 -22.78 9.96
CA ASP D 135 12.97 -23.30 9.37
C ASP D 135 13.77 -24.03 10.44
N ASP D 136 13.80 -23.47 11.64
CA ASP D 136 14.52 -24.09 12.76
C ASP D 136 13.80 -25.39 13.14
N ALA D 137 12.48 -25.30 13.27
CA ALA D 137 11.68 -26.47 13.65
C ALA D 137 11.89 -27.62 12.69
N LEU D 138 11.98 -27.31 11.39
CA LEU D 138 12.16 -28.32 10.36
C LEU D 138 13.49 -29.07 10.46
N ARG D 139 14.58 -28.33 10.63
CA ARG D 139 15.88 -28.99 10.74
C ARG D 139 15.99 -29.81 12.03
N LEU D 140 15.37 -29.32 13.10
CA LEU D 140 15.38 -30.03 14.38
C LEU D 140 14.54 -31.31 14.30
N THR D 141 13.35 -31.20 13.70
CA THR D 141 12.46 -32.35 13.57
C THR D 141 13.06 -33.44 12.72
N GLN D 142 13.81 -33.05 11.70
CA GLN D 142 14.46 -34.02 10.83
C GLN D 142 15.54 -34.78 11.60
N LYS D 143 16.23 -34.10 12.51
CA LYS D 143 17.26 -34.75 13.31
C LYS D 143 16.61 -35.65 14.35
N LEU D 144 15.38 -35.31 14.74
CA LEU D 144 14.64 -36.10 15.72
C LEU D 144 14.22 -37.45 15.13
N THR D 145 13.81 -37.45 13.86
CA THR D 145 13.39 -38.67 13.20
C THR D 145 14.59 -39.52 12.79
N GLU D 146 15.79 -39.00 13.03
CA GLU D 146 17.01 -39.73 12.72
C GLU D 146 17.49 -40.42 14.00
N ALA D 147 17.18 -39.81 15.15
CA ALA D 147 17.58 -40.34 16.44
C ALA D 147 16.54 -41.29 17.05
N PHE D 148 15.32 -41.22 16.53
CA PHE D 148 14.24 -42.07 17.01
C PHE D 148 13.49 -42.76 15.87
N PRO D 149 12.96 -43.96 16.12
CA PRO D 149 12.22 -44.69 15.09
C PRO D 149 10.83 -44.06 14.96
N VAL D 150 10.79 -42.89 14.32
CA VAL D 150 9.57 -42.14 14.10
C VAL D 150 9.53 -41.76 12.62
N ALA D 151 8.39 -41.96 11.97
CA ALA D 151 8.27 -41.65 10.55
C ALA D 151 8.08 -40.15 10.31
N LEU D 152 9.00 -39.54 9.55
CA LEU D 152 8.92 -38.12 9.23
C LEU D 152 7.84 -37.91 8.17
N VAL D 153 6.87 -37.04 8.44
CA VAL D 153 5.82 -36.79 7.46
C VAL D 153 5.81 -35.39 6.86
N ASN D 154 6.95 -34.70 6.94
CA ASN D 154 7.05 -33.38 6.34
C ASN D 154 7.16 -33.61 4.84
N SER D 155 7.03 -32.55 4.05
CA SER D 155 7.07 -32.66 2.59
C SER D 155 8.29 -33.36 1.98
N VAL D 156 9.38 -33.46 2.74
CA VAL D 156 10.56 -34.14 2.23
C VAL D 156 10.22 -35.61 1.99
N ASN D 157 9.14 -36.08 2.60
CA ASN D 157 8.69 -37.46 2.42
C ASN D 157 8.00 -37.43 1.04
N PRO D 158 8.55 -38.15 0.05
CA PRO D 158 7.97 -38.18 -1.30
C PRO D 158 6.47 -38.51 -1.36
N HIS D 159 6.00 -39.29 -0.40
CA HIS D 159 4.58 -39.66 -0.38
C HIS D 159 3.67 -38.45 -0.26
N ARG D 160 4.18 -37.41 0.41
CA ARG D 160 3.42 -36.17 0.60
C ARG D 160 3.11 -35.49 -0.73
N LEU D 161 4.08 -35.47 -1.63
CA LEU D 161 3.88 -34.83 -2.93
C LEU D 161 3.09 -35.72 -3.88
N GLU D 162 3.25 -37.04 -3.75
CA GLU D 162 2.51 -37.97 -4.61
C GLU D 162 1.03 -37.82 -4.27
N GLY D 163 0.73 -37.62 -2.99
CA GLY D 163 -0.65 -37.46 -2.57
C GLY D 163 -1.24 -36.13 -2.98
N GLN D 164 -0.45 -35.06 -2.86
CA GLN D 164 -0.88 -33.71 -3.18
C GLN D 164 -1.00 -33.40 -4.69
N LYS D 165 -0.39 -34.22 -5.53
CA LYS D 165 -0.45 -34.00 -6.98
C LYS D 165 -1.87 -34.28 -7.50
N THR D 166 -2.66 -34.99 -6.70
CA THR D 166 -4.03 -35.33 -7.09
C THR D 166 -4.94 -34.11 -7.25
N LEU D 167 -4.56 -33.00 -6.64
CA LEU D 167 -5.38 -31.80 -6.77
C LEU D 167 -5.42 -31.45 -8.26
N ALA D 168 -4.28 -31.56 -8.92
CA ALA D 168 -4.18 -31.27 -10.35
C ALA D 168 -5.07 -32.23 -11.13
N PHE D 169 -5.06 -33.50 -10.74
CA PHE D 169 -5.88 -34.51 -11.40
C PHE D 169 -7.36 -34.12 -11.34
N GLU D 170 -7.80 -33.73 -10.15
CA GLU D 170 -9.19 -33.34 -9.92
C GLU D 170 -9.62 -32.13 -10.74
N VAL D 171 -8.72 -31.17 -10.93
CA VAL D 171 -9.03 -29.98 -11.73
C VAL D 171 -9.25 -30.35 -13.19
N VAL D 172 -8.37 -31.20 -13.72
CA VAL D 172 -8.52 -31.61 -15.12
C VAL D 172 -9.76 -32.48 -15.27
N ASP D 173 -9.98 -33.38 -14.31
CA ASP D 173 -11.14 -34.26 -14.35
C ASP D 173 -12.44 -33.48 -14.54
N GLU D 174 -12.54 -32.38 -13.81
CA GLU D 174 -13.73 -31.55 -13.84
C GLU D 174 -13.87 -30.57 -15.01
N LEU D 175 -12.80 -29.83 -15.30
CA LEU D 175 -12.83 -28.85 -16.40
C LEU D 175 -12.65 -29.50 -17.77
N GLY D 176 -12.12 -30.73 -17.80
CA GLY D 176 -11.91 -31.43 -19.05
C GLY D 176 -10.53 -31.20 -19.65
N ASP D 177 -9.75 -30.32 -19.04
CA ASP D 177 -8.41 -30.02 -19.53
C ASP D 177 -7.76 -29.19 -18.43
N ALA D 178 -6.44 -29.01 -18.51
CA ALA D 178 -5.76 -28.19 -17.51
C ALA D 178 -6.06 -26.73 -17.80
N PRO D 179 -6.02 -25.87 -16.77
CA PRO D 179 -6.29 -24.44 -16.95
C PRO D 179 -5.07 -23.79 -17.61
N HIS D 180 -5.24 -22.57 -18.13
CA HIS D 180 -4.11 -21.87 -18.74
C HIS D 180 -3.15 -21.45 -17.64
N TYR D 181 -3.69 -21.09 -16.48
CA TYR D 181 -2.90 -20.67 -15.33
C TYR D 181 -3.40 -21.32 -14.05
N HIS D 182 -2.48 -21.64 -13.14
CA HIS D 182 -2.84 -22.18 -11.85
C HIS D 182 -2.02 -21.45 -10.79
N ALA D 183 -2.70 -20.61 -10.01
CA ALA D 183 -2.06 -19.83 -8.96
C ALA D 183 -2.18 -20.49 -7.59
N LEU D 184 -1.16 -20.29 -6.75
CA LEU D 184 -1.17 -20.86 -5.42
C LEU D 184 -0.08 -20.20 -4.57
N PRO D 185 -0.17 -20.33 -3.23
CA PRO D 185 0.87 -19.73 -2.39
C PRO D 185 2.06 -20.66 -2.38
N VAL D 186 3.24 -20.12 -2.06
CA VAL D 186 4.45 -20.93 -1.97
C VAL D 186 5.11 -20.70 -0.61
N GLY D 187 5.18 -21.77 0.19
CA GLY D 187 5.78 -21.68 1.51
C GLY D 187 7.03 -22.55 1.56
N ASN D 188 6.84 -23.85 1.79
CA ASN D 188 7.99 -24.77 1.82
C ASN D 188 8.16 -25.36 0.41
N ALA D 189 7.33 -24.89 -0.51
CA ALA D 189 7.37 -25.28 -1.93
C ALA D 189 6.92 -26.68 -2.32
N GLY D 190 6.33 -27.42 -1.38
CA GLY D 190 5.89 -28.76 -1.71
C GLY D 190 4.71 -28.77 -2.66
N ASN D 191 3.72 -27.91 -2.38
CA ASN D 191 2.51 -27.85 -3.19
C ASN D 191 2.70 -27.49 -4.67
N ILE D 192 3.48 -26.46 -4.96
CA ILE D 192 3.68 -26.10 -6.36
C ILE D 192 4.40 -27.24 -7.10
N THR D 193 5.34 -27.87 -6.42
CA THR D 193 6.09 -28.98 -7.02
C THR D 193 5.11 -30.13 -7.32
N ALA D 194 4.23 -30.39 -6.35
CA ALA D 194 3.22 -31.45 -6.49
C ALA D 194 2.23 -31.11 -7.60
N HIS D 195 1.76 -29.87 -7.63
CA HIS D 195 0.81 -29.43 -8.66
C HIS D 195 1.38 -29.70 -10.05
N TRP D 196 2.63 -29.30 -10.26
CA TRP D 196 3.30 -29.50 -11.54
C TRP D 196 3.41 -30.99 -11.87
N MET D 197 3.78 -31.79 -10.87
CA MET D 197 3.90 -33.24 -11.05
C MET D 197 2.60 -33.81 -11.63
N GLY D 198 1.47 -33.45 -11.00
CA GLY D 198 0.18 -33.94 -11.45
C GLY D 198 -0.19 -33.52 -12.86
N TYR D 199 -0.02 -32.24 -13.16
CA TYR D 199 -0.33 -31.74 -14.49
C TYR D 199 0.53 -32.41 -15.56
N LYS D 200 1.80 -32.64 -15.24
CA LYS D 200 2.69 -33.29 -16.19
C LYS D 200 2.24 -34.73 -16.47
N ALA D 201 1.91 -35.46 -15.41
CA ALA D 201 1.47 -36.83 -15.54
C ALA D 201 0.20 -36.94 -16.40
N TYR D 202 -0.81 -36.16 -16.05
CA TYR D 202 -2.06 -36.19 -16.81
C TYR D 202 -1.85 -35.79 -18.27
N HIS D 203 -0.99 -34.81 -18.51
CA HIS D 203 -0.69 -34.38 -19.86
C HIS D 203 -0.01 -35.49 -20.64
N ALA D 204 0.91 -36.18 -19.96
CA ALA D 204 1.65 -37.29 -20.58
C ALA D 204 0.71 -38.42 -20.97
N LEU D 205 -0.36 -38.61 -20.19
CA LEU D 205 -1.31 -39.68 -20.47
C LEU D 205 -2.41 -39.26 -21.43
N GLY D 206 -2.35 -38.03 -21.91
CA GLY D 206 -3.36 -37.55 -22.84
C GLY D 206 -4.65 -37.09 -22.17
N LYS D 207 -4.69 -37.09 -20.84
CA LYS D 207 -5.89 -36.66 -20.12
C LYS D 207 -6.03 -35.15 -20.15
N ALA D 208 -4.90 -34.47 -20.37
CA ALA D 208 -4.90 -33.02 -20.46
C ALA D 208 -4.15 -32.66 -21.74
N LYS D 209 -4.74 -31.79 -22.55
CA LYS D 209 -4.11 -31.38 -23.79
C LYS D 209 -3.20 -30.18 -23.53
N ARG D 210 -3.49 -29.48 -22.44
CA ARG D 210 -2.76 -28.28 -22.07
C ARG D 210 -1.88 -28.48 -20.83
N LEU D 211 -0.83 -27.67 -20.74
CA LEU D 211 0.07 -27.68 -19.60
C LEU D 211 -0.11 -26.28 -19.05
N PRO D 212 -0.57 -26.16 -17.79
CA PRO D 212 -0.76 -24.84 -17.20
C PRO D 212 0.53 -24.12 -16.84
N ARG D 213 0.46 -22.79 -16.78
CA ARG D 213 1.60 -21.99 -16.36
C ARG D 213 1.40 -21.89 -14.85
N MET D 214 2.40 -22.27 -14.07
CA MET D 214 2.29 -22.21 -12.61
C MET D 214 2.63 -20.83 -12.09
N LEU D 215 1.72 -20.26 -11.30
CA LEU D 215 1.92 -18.93 -10.74
C LEU D 215 2.01 -19.04 -9.21
N GLY D 216 3.22 -18.95 -8.69
CA GLY D 216 3.40 -19.05 -7.25
C GLY D 216 3.64 -17.70 -6.61
N PHE D 217 3.06 -17.48 -5.43
CA PHE D 217 3.23 -16.20 -4.74
C PHE D 217 3.65 -16.33 -3.28
N GLN D 218 4.58 -15.47 -2.89
CA GLN D 218 5.09 -15.46 -1.52
C GLN D 218 4.83 -14.09 -0.89
N ALA D 219 4.74 -14.07 0.44
CA ALA D 219 4.54 -12.81 1.15
C ALA D 219 5.88 -12.09 0.99
N ALA D 220 5.84 -10.79 0.72
CA ALA D 220 7.06 -10.03 0.51
C ALA D 220 8.08 -10.16 1.63
N GLY D 221 7.60 -10.36 2.86
CA GLY D 221 8.52 -10.50 3.99
C GLY D 221 9.14 -11.88 4.14
N ALA D 222 8.67 -12.84 3.34
CA ALA D 222 9.19 -14.19 3.37
C ALA D 222 9.18 -14.69 1.93
N ALA D 223 9.97 -14.03 1.09
CA ALA D 223 10.03 -14.37 -0.33
C ALA D 223 11.41 -14.81 -0.80
N PRO D 224 11.96 -15.90 -0.22
CA PRO D 224 13.29 -16.38 -0.64
C PRO D 224 13.38 -16.80 -2.11
N LEU D 225 12.33 -17.41 -2.64
CA LEU D 225 12.34 -17.83 -4.04
C LEU D 225 12.29 -16.63 -5.00
N VAL D 226 11.78 -15.51 -4.51
CA VAL D 226 11.71 -14.30 -5.32
C VAL D 226 13.06 -13.56 -5.23
N LEU D 227 13.65 -13.58 -4.05
CA LEU D 227 14.94 -12.93 -3.85
C LEU D 227 16.06 -13.83 -4.38
N GLY D 228 15.80 -15.13 -4.48
CA GLY D 228 16.79 -16.06 -4.98
C GLY D 228 17.83 -16.42 -3.95
N ARG D 229 17.50 -16.18 -2.68
CA ARG D 229 18.41 -16.46 -1.58
C ARG D 229 17.59 -16.73 -0.34
N PRO D 230 18.10 -17.57 0.57
CA PRO D 230 17.35 -17.87 1.80
C PRO D 230 17.11 -16.59 2.60
N VAL D 231 15.96 -16.51 3.26
CA VAL D 231 15.62 -15.36 4.09
C VAL D 231 15.81 -15.78 5.53
N GLU D 232 16.71 -15.11 6.24
CA GLU D 232 17.01 -15.46 7.63
C GLU D 232 15.91 -15.15 8.64
N ARG D 233 15.35 -13.95 8.57
CA ARG D 233 14.30 -13.53 9.48
C ARG D 233 12.99 -13.35 8.72
N PRO D 234 12.36 -14.45 8.28
CA PRO D 234 11.11 -14.34 7.54
C PRO D 234 9.99 -13.70 8.37
N GLU D 235 9.19 -12.84 7.74
CA GLU D 235 8.09 -12.18 8.44
C GLU D 235 6.87 -11.94 7.55
N THR D 236 5.69 -12.14 8.12
CA THR D 236 4.43 -11.94 7.42
C THR D 236 3.27 -12.35 8.32
N LEU D 237 2.15 -11.64 8.21
CA LEU D 237 0.97 -11.95 9.01
C LEU D 237 0.37 -13.29 8.58
N ALA D 238 0.73 -13.74 7.37
CA ALA D 238 0.25 -15.01 6.84
C ALA D 238 1.24 -16.07 7.31
N THR D 239 1.27 -16.27 8.62
CA THR D 239 2.19 -17.20 9.27
C THR D 239 2.34 -18.57 8.65
N ALA D 240 1.35 -19.00 7.87
CA ALA D 240 1.40 -20.29 7.21
C ALA D 240 2.59 -20.34 6.26
N ILE D 241 2.89 -19.22 5.60
CA ILE D 241 4.00 -19.19 4.67
C ILE D 241 5.18 -18.33 5.16
N ARG D 242 5.35 -18.28 6.48
CA ARG D 242 6.43 -17.54 7.10
C ARG D 242 7.63 -18.50 7.10
N ILE D 243 8.11 -18.79 5.89
CA ILE D 243 9.21 -19.73 5.68
C ILE D 243 10.33 -19.06 4.90
N GLY D 244 11.53 -19.12 5.44
CA GLY D 244 12.69 -18.49 4.80
C GLY D 244 13.56 -19.39 3.96
N ASN D 245 13.39 -20.70 4.09
CA ASN D 245 14.21 -21.64 3.30
C ASN D 245 13.42 -22.88 2.87
N PRO D 246 12.61 -22.73 1.81
CA PRO D 246 11.78 -23.81 1.26
C PRO D 246 12.56 -25.09 0.94
N ALA D 247 12.18 -26.18 1.60
CA ALA D 247 12.82 -27.48 1.38
C ALA D 247 12.75 -27.89 -0.08
N SER D 248 11.61 -27.64 -0.72
CA SER D 248 11.43 -27.99 -2.13
C SER D 248 11.86 -26.86 -3.06
N TRP D 249 12.94 -26.17 -2.70
CA TRP D 249 13.44 -25.05 -3.48
C TRP D 249 13.60 -25.38 -4.97
N GLN D 250 14.39 -26.40 -5.27
CA GLN D 250 14.62 -26.77 -6.67
C GLN D 250 13.36 -27.28 -7.36
N GLY D 251 12.51 -27.99 -6.61
CA GLY D 251 11.27 -28.47 -7.19
C GLY D 251 10.44 -27.29 -7.67
N ALA D 252 10.40 -26.23 -6.87
CA ALA D 252 9.63 -25.03 -7.22
C ALA D 252 10.22 -24.30 -8.44
N VAL D 253 11.54 -24.18 -8.48
CA VAL D 253 12.24 -23.53 -9.59
C VAL D 253 11.96 -24.23 -10.91
N ARG D 254 12.05 -25.56 -10.91
CA ARG D 254 11.80 -26.34 -12.12
C ARG D 254 10.36 -26.17 -12.57
N ALA D 255 9.44 -26.21 -11.60
CA ALA D 255 8.01 -26.07 -11.89
C ALA D 255 7.73 -24.72 -12.54
N LYS D 256 8.38 -23.68 -12.03
CA LYS D 256 8.22 -22.34 -12.57
C LYS D 256 8.81 -22.29 -13.98
N GLU D 257 10.04 -22.77 -14.12
CA GLU D 257 10.72 -22.77 -15.41
C GLU D 257 10.06 -23.64 -16.48
N GLU D 258 9.76 -24.89 -16.14
CA GLU D 258 9.13 -25.82 -17.09
C GLU D 258 7.72 -25.42 -17.52
N SER D 259 6.94 -24.85 -16.60
CA SER D 259 5.58 -24.46 -16.93
C SER D 259 5.54 -23.09 -17.59
N GLY D 260 6.66 -22.36 -17.52
CA GLY D 260 6.71 -21.03 -18.10
C GLY D 260 5.90 -20.09 -17.23
N GLY D 261 5.92 -20.35 -15.93
CA GLY D 261 5.18 -19.53 -14.99
C GLY D 261 6.10 -18.60 -14.23
N VAL D 262 5.69 -18.22 -13.03
CA VAL D 262 6.49 -17.32 -12.21
C VAL D 262 6.32 -17.59 -10.72
N ILE D 263 7.17 -16.95 -9.93
CA ILE D 263 7.09 -17.04 -8.48
C ILE D 263 7.41 -15.62 -8.05
N GLU D 264 6.37 -14.87 -7.69
CA GLU D 264 6.54 -13.48 -7.30
C GLU D 264 6.06 -13.19 -5.89
N ALA D 265 6.29 -11.95 -5.45
CA ALA D 265 5.90 -11.54 -4.10
C ALA D 265 4.70 -10.61 -4.08
N VAL D 266 3.94 -10.70 -2.99
CA VAL D 266 2.78 -9.83 -2.76
C VAL D 266 2.91 -9.37 -1.32
N THR D 267 2.60 -8.09 -1.07
CA THR D 267 2.72 -7.53 0.28
C THR D 267 1.62 -8.05 1.21
N ASP D 268 1.82 -7.86 2.51
CA ASP D 268 0.82 -8.29 3.49
C ASP D 268 -0.47 -7.51 3.24
N GLU D 269 -0.33 -6.25 2.87
CA GLU D 269 -1.48 -5.38 2.60
C GLU D 269 -2.26 -5.91 1.39
N GLU D 270 -1.54 -6.38 0.37
CA GLU D 270 -2.21 -6.91 -0.82
C GLU D 270 -2.88 -8.24 -0.48
N ILE D 271 -2.30 -8.98 0.46
CA ILE D 271 -2.87 -10.26 0.87
C ILE D 271 -4.21 -10.04 1.57
N LEU D 272 -4.24 -9.08 2.48
CA LEU D 272 -5.45 -8.76 3.22
C LEU D 272 -6.54 -8.28 2.27
N PHE D 273 -6.15 -7.55 1.22
CA PHE D 273 -7.12 -7.05 0.26
C PHE D 273 -7.78 -8.21 -0.50
N ALA D 274 -6.98 -9.19 -0.93
CA ALA D 274 -7.51 -10.34 -1.66
C ALA D 274 -8.33 -11.20 -0.69
N TYR D 275 -7.85 -11.27 0.55
CA TYR D 275 -8.47 -12.01 1.63
C TYR D 275 -9.90 -11.48 1.81
N ARG D 276 -9.99 -10.17 1.92
CA ARG D 276 -11.26 -9.48 2.10
C ARG D 276 -12.13 -9.65 0.83
N TYR D 277 -11.53 -9.46 -0.34
CA TYR D 277 -12.27 -9.60 -1.59
C TYR D 277 -12.98 -10.97 -1.67
N LEU D 278 -12.22 -12.03 -1.46
CA LEU D 278 -12.79 -13.37 -1.55
C LEU D 278 -13.97 -13.57 -0.61
N ALA D 279 -13.85 -13.11 0.63
CA ALA D 279 -14.93 -13.26 1.60
C ALA D 279 -16.14 -12.35 1.36
N ARG D 280 -15.88 -11.07 1.08
CA ARG D 280 -16.97 -10.12 0.86
C ARG D 280 -17.62 -10.12 -0.51
N GLU D 281 -16.85 -10.40 -1.56
CA GLU D 281 -17.38 -10.39 -2.92
C GLU D 281 -17.76 -11.76 -3.48
N GLU D 282 -16.99 -12.79 -3.14
CA GLU D 282 -17.26 -14.14 -3.65
C GLU D 282 -17.92 -15.09 -2.65
N GLY D 283 -17.86 -14.75 -1.36
CA GLY D 283 -18.47 -15.62 -0.36
C GLY D 283 -17.58 -16.79 0.05
N ILE D 284 -16.30 -16.70 -0.27
CA ILE D 284 -15.34 -17.75 0.07
C ILE D 284 -14.36 -17.29 1.14
N PHE D 285 -14.33 -18.00 2.26
CA PHE D 285 -13.46 -17.65 3.39
C PHE D 285 -12.23 -18.56 3.46
N CYS D 286 -11.07 -18.00 3.17
CA CYS D 286 -9.82 -18.76 3.21
C CYS D 286 -8.84 -17.99 4.09
N GLU D 287 -7.86 -18.69 4.66
CA GLU D 287 -6.89 -18.00 5.52
C GLU D 287 -5.96 -17.11 4.69
N PRO D 288 -5.35 -16.10 5.33
CA PRO D 288 -4.44 -15.16 4.68
C PRO D 288 -3.43 -15.74 3.69
N ALA D 289 -2.67 -16.75 4.09
CA ALA D 289 -1.69 -17.33 3.19
C ALA D 289 -2.37 -17.77 1.90
N SER D 290 -3.56 -18.34 2.03
CA SER D 290 -4.33 -18.80 0.87
C SER D 290 -4.68 -17.66 -0.08
N ALA D 291 -5.12 -16.53 0.48
CA ALA D 291 -5.51 -15.38 -0.31
C ALA D 291 -4.33 -14.80 -1.11
N ALA D 292 -3.11 -15.14 -0.72
CA ALA D 292 -1.93 -14.67 -1.43
C ALA D 292 -2.03 -15.10 -2.90
N ALA D 293 -2.74 -16.20 -3.13
CA ALA D 293 -2.93 -16.71 -4.48
C ALA D 293 -3.77 -15.73 -5.28
N MET D 294 -4.83 -15.21 -4.66
CA MET D 294 -5.71 -14.25 -5.33
C MET D 294 -4.98 -12.92 -5.50
N ALA D 295 -4.17 -12.57 -4.51
CA ALA D 295 -3.40 -11.33 -4.56
C ALA D 295 -2.47 -11.37 -5.77
N GLY D 296 -1.90 -12.54 -6.03
CA GLY D 296 -1.02 -12.70 -7.17
C GLY D 296 -1.78 -12.50 -8.47
N VAL D 297 -3.01 -13.01 -8.52
CA VAL D 297 -3.84 -12.85 -9.70
C VAL D 297 -4.15 -11.38 -9.92
N PHE D 298 -4.56 -10.69 -8.85
CA PHE D 298 -4.84 -9.26 -8.93
C PHE D 298 -3.63 -8.55 -9.50
N LYS D 299 -2.45 -8.95 -9.03
CA LYS D 299 -1.20 -8.37 -9.46
C LYS D 299 -1.03 -8.51 -10.97
N LEU D 300 -1.11 -9.75 -11.47
CA LEU D 300 -0.95 -9.98 -12.90
C LEU D 300 -2.07 -9.37 -13.75
N LEU D 301 -3.26 -9.25 -13.19
CA LEU D 301 -4.37 -8.64 -13.94
C LEU D 301 -4.06 -7.17 -14.14
N ARG D 302 -3.64 -6.50 -13.06
CA ARG D 302 -3.31 -5.09 -13.11
C ARG D 302 -2.23 -4.82 -14.15
N GLU D 303 -1.27 -5.73 -14.24
CA GLU D 303 -0.17 -5.59 -15.18
C GLU D 303 -0.52 -6.12 -16.57
N GLY D 304 -1.73 -6.67 -16.72
CA GLY D 304 -2.17 -7.20 -17.99
C GLY D 304 -1.35 -8.39 -18.48
N ARG D 305 -0.90 -9.23 -17.56
CA ARG D 305 -0.10 -10.39 -17.92
C ARG D 305 -0.84 -11.71 -18.07
N LEU D 306 -2.18 -11.66 -18.05
CA LEU D 306 -3.00 -12.85 -18.23
C LEU D 306 -3.71 -12.71 -19.58
N GLU D 307 -3.55 -13.70 -20.45
CA GLU D 307 -4.17 -13.65 -21.77
C GLU D 307 -5.70 -13.61 -21.65
N PRO D 308 -6.37 -12.81 -22.50
CA PRO D 308 -7.83 -12.71 -22.47
C PRO D 308 -8.46 -14.06 -22.79
N GLU D 309 -9.69 -14.26 -22.32
CA GLU D 309 -10.42 -15.49 -22.57
C GLU D 309 -9.78 -16.74 -21.99
N SER D 310 -8.85 -16.57 -21.05
CA SER D 310 -8.18 -17.72 -20.44
C SER D 310 -8.86 -18.20 -19.16
N THR D 311 -8.42 -19.35 -18.67
CA THR D 311 -8.96 -19.91 -17.44
C THR D 311 -7.86 -19.93 -16.39
N VAL D 312 -8.20 -19.47 -15.19
CA VAL D 312 -7.28 -19.43 -14.07
C VAL D 312 -7.86 -20.20 -12.90
N VAL D 313 -7.08 -21.12 -12.36
CA VAL D 313 -7.52 -21.90 -11.22
C VAL D 313 -6.66 -21.51 -10.03
N LEU D 314 -7.31 -21.24 -8.91
CA LEU D 314 -6.58 -20.87 -7.72
C LEU D 314 -6.76 -21.94 -6.64
N THR D 315 -5.65 -22.36 -6.06
CA THR D 315 -5.74 -23.33 -4.99
C THR D 315 -5.82 -22.53 -3.69
N LEU D 316 -7.02 -22.44 -3.11
CA LEU D 316 -7.17 -21.74 -1.84
C LEU D 316 -6.85 -22.82 -0.81
N THR D 317 -5.60 -22.81 -0.37
CA THR D 317 -5.03 -23.79 0.55
C THR D 317 -5.67 -24.12 1.91
N GLY D 318 -6.17 -23.12 2.63
CA GLY D 318 -6.77 -23.42 3.93
C GLY D 318 -8.00 -22.60 4.23
N HIS D 319 -8.89 -23.14 5.08
CA HIS D 319 -10.11 -22.44 5.43
C HIS D 319 -9.83 -21.22 6.31
N GLY D 320 -10.68 -20.21 6.19
CA GLY D 320 -10.52 -19.00 6.98
C GLY D 320 -10.67 -19.24 8.46
N LEU D 321 -11.38 -20.30 8.84
CA LEU D 321 -11.58 -20.62 10.25
C LEU D 321 -10.28 -21.06 10.91
N LYS D 322 -9.22 -21.22 10.11
CA LYS D 322 -7.91 -21.60 10.62
C LYS D 322 -7.30 -20.45 11.40
N ASP D 323 -7.59 -19.22 10.96
CA ASP D 323 -7.02 -18.03 11.56
C ASP D 323 -8.05 -16.93 11.81
N PRO D 324 -8.95 -17.15 12.79
CA PRO D 324 -10.00 -16.16 13.11
C PRO D 324 -9.51 -14.78 13.52
N ALA D 325 -8.34 -14.71 14.14
CA ALA D 325 -7.77 -13.44 14.60
C ALA D 325 -7.61 -12.38 13.51
N THR D 326 -7.16 -12.78 12.32
CA THR D 326 -6.95 -11.84 11.22
C THR D 326 -8.22 -11.13 10.73
N ALA D 327 -9.38 -11.75 10.97
CA ALA D 327 -10.65 -11.16 10.54
C ALA D 327 -10.85 -9.73 11.07
N GLU D 328 -10.36 -9.43 12.27
CA GLU D 328 -10.53 -8.09 12.82
C GLU D 328 -9.63 -7.06 12.13
N ARG D 329 -8.70 -7.56 11.31
CA ARG D 329 -7.79 -6.68 10.58
C ARG D 329 -8.47 -6.11 9.33
N VAL D 330 -9.59 -6.71 8.94
CA VAL D 330 -10.28 -6.24 7.74
C VAL D 330 -11.75 -5.87 7.95
N ALA D 331 -12.19 -5.87 9.20
CA ALA D 331 -13.57 -5.53 9.52
C ALA D 331 -13.67 -5.14 10.99
N GLU D 332 -14.73 -4.42 11.34
CA GLU D 332 -14.94 -3.96 12.71
C GLU D 332 -16.20 -4.54 13.35
N LEU D 333 -16.07 -4.94 14.61
CA LEU D 333 -17.18 -5.53 15.37
C LEU D 333 -17.87 -4.51 16.26
N PRO D 334 -19.11 -4.12 15.91
CA PRO D 334 -19.87 -3.14 16.68
C PRO D 334 -20.21 -3.61 18.10
N PRO D 335 -20.15 -2.70 19.08
CA PRO D 335 -20.45 -3.02 20.48
C PRO D 335 -21.91 -3.38 20.69
N PRO D 336 -22.19 -4.23 21.70
CA PRO D 336 -23.54 -4.68 22.04
C PRO D 336 -24.54 -3.56 22.32
N VAL D 337 -25.74 -3.71 21.77
CA VAL D 337 -26.80 -2.72 21.99
C VAL D 337 -27.89 -3.41 22.80
N PRO D 338 -28.74 -2.62 23.48
CA PRO D 338 -29.82 -3.21 24.27
C PRO D 338 -30.68 -4.16 23.45
N ALA D 339 -31.34 -5.10 24.12
CA ALA D 339 -32.20 -6.07 23.42
C ALA D 339 -33.60 -5.51 23.21
N ARG D 340 -33.68 -4.39 22.49
CA ARG D 340 -34.96 -3.74 22.18
C ARG D 340 -35.05 -3.60 20.66
N LEU D 341 -36.27 -3.67 20.12
CA LEU D 341 -36.44 -3.56 18.68
C LEU D 341 -35.88 -2.27 18.09
N GLU D 342 -36.06 -1.16 18.81
CA GLU D 342 -35.56 0.15 18.35
C GLU D 342 -34.05 0.12 18.17
N ALA D 343 -33.33 -0.17 19.24
CA ALA D 343 -31.87 -0.20 19.21
C ALA D 343 -31.33 -1.11 18.10
N VAL D 344 -31.98 -2.25 17.90
CA VAL D 344 -31.56 -3.20 16.87
C VAL D 344 -31.78 -2.63 15.47
N ALA D 345 -32.99 -2.12 15.23
CA ALA D 345 -33.32 -1.53 13.92
C ALA D 345 -32.34 -0.43 13.59
N ALA D 346 -32.03 0.41 14.58
CA ALA D 346 -31.08 1.50 14.40
C ALA D 346 -29.68 0.94 14.18
N ALA D 347 -29.31 -0.07 14.98
CA ALA D 347 -28.00 -0.70 14.86
C ALA D 347 -27.82 -1.41 13.53
N ALA D 348 -28.93 -1.86 12.96
CA ALA D 348 -28.92 -2.57 11.68
C ALA D 348 -28.87 -1.56 10.55
N GLY D 349 -28.94 -0.28 10.91
CA GLY D 349 -28.91 0.77 9.91
C GLY D 349 -30.25 0.86 9.20
N LEU D 350 -31.33 0.51 9.89
CA LEU D 350 -32.66 0.53 9.30
C LEU D 350 -33.53 1.73 9.72
N LEU D 351 -33.15 2.38 10.82
CA LEU D 351 -33.89 3.55 11.31
C LEU D 351 -33.14 4.85 11.08
N1 HEY E . 3.92 22.16 -16.04
C2 HEY E . 4.63 23.37 -16.28
C2A HEY E . 5.07 24.15 -15.05
C3 HEY E . 4.89 23.80 -17.63
O3 HEY E . 5.56 24.94 -17.87
C4 HEY E . 4.43 22.98 -18.69
C4A HEY E . 4.67 23.38 -20.17
C5 HEY E . 3.71 21.74 -18.40
C6 HEY E . 3.48 21.37 -17.07
C5A HEY E . 3.16 20.76 -19.43
OP4 HEY E . 4.28 20.06 -19.98
P HEY E . 4.28 19.52 -21.47
OP1 HEY E . 4.24 20.68 -22.40
OP2 HEY E . 2.92 18.62 -21.63
OP3 HEY E . 5.39 18.57 -21.66
N4A HEY E . 5.71 24.09 -20.77
CAI HEY E . 5.97 24.72 -21.86
CBC HEY E . 6.79 26.02 -21.67
O2B HEY E . 6.99 26.69 -22.68
O3B HEY E . 7.16 26.38 -20.55
CBI HEY E . 5.48 24.16 -23.05
CGI HEY E . 5.54 24.56 -24.55
CEI HEY E . 6.98 24.61 -25.06
PG HEY E . 7.82 22.99 -25.17
OG1 HEY E . 8.96 23.08 -26.16
OG2 HEY E . 8.32 22.69 -23.78
OG3 HEY E . 6.85 21.99 -25.70
N1 HEY F . 21.04 35.95 1.44
C2 HEY F . 19.63 35.86 1.48
C2A HEY F . 18.93 35.41 0.19
C3 HEY F . 18.92 36.18 2.70
O3 HEY F . 17.58 36.12 2.77
C4 HEY F . 19.67 36.59 3.83
C4A HEY F . 18.97 36.95 5.14
C5 HEY F . 21.13 36.66 3.73
C6 HEY F . 21.77 36.33 2.53
C5A HEY F . 22.07 37.06 4.86
OP4 HEY F . 22.16 35.93 5.73
P HEY F . 22.45 36.03 7.28
OP1 HEY F . 21.31 36.72 7.93
OP2 HEY F . 23.83 36.91 7.48
OP3 HEY F . 22.79 34.70 7.79
N4A HEY F . 17.88 36.35 5.80
CAI HEY F . 17.02 36.58 6.72
CBC HEY F . 15.55 36.27 6.35
O2B HEY F . 14.69 36.57 7.18
O3B HEY F . 15.26 35.80 5.25
CBI HEY F . 17.52 37.09 7.94
CGI HEY F . 16.86 37.49 9.28
CEI HEY F . 16.18 36.28 9.95
PG HEY F . 17.31 34.99 10.56
OG1 HEY F . 16.66 34.25 11.71
OG2 HEY F . 17.54 34.07 9.39
OG3 HEY F . 18.54 35.63 11.07
N1 HEY G . -25.22 -27.92 15.79
C2 HEY G . -24.66 -26.66 15.50
C2A HEY G . -23.18 -26.62 15.19
C3 HEY G . -25.51 -25.48 15.51
O3 HEY G . -24.99 -24.26 15.24
C4 HEY G . -26.89 -25.63 15.82
C4A HEY G . -27.84 -24.42 15.85
C5 HEY G . -27.41 -26.97 16.11
C6 HEY G . -26.56 -28.07 16.08
C5A HEY G . -28.87 -27.29 16.45
OP4 HEY G . -29.58 -27.22 15.21
P HEY G . -31.10 -26.86 15.09
OP1 HEY G . -31.31 -25.47 15.50
OP2 HEY G . -31.93 -27.87 16.09
OP3 HEY G . -31.57 -27.24 13.73
N4A HEY G . -27.96 -23.32 14.98
CAI HEY G . -28.47 -22.15 14.93
CBC HEY G . -27.50 -21.02 14.49
O2B HEY G . -27.94 -19.86 14.53
O3B HEY G . -26.34 -21.29 14.17
CBI HEY G . -29.82 -22.03 15.30
CGI HEY G . -30.81 -20.84 15.39
CEI HEY G . -31.04 -20.19 14.02
PG HEY G . -31.96 -21.20 12.82
OG1 HEY G . -32.68 -20.27 11.86
OG2 HEY G . -30.94 -22.05 12.10
OG3 HEY G . -33.00 -21.98 13.54
N1 HEY H . -1.22 -22.28 2.29
C2 HEY H . -1.39 -22.76 3.62
C2A HEY H . -2.77 -22.55 4.24
C3 HEY H . -0.29 -23.41 4.30
O3 HEY H . -0.44 -23.87 5.56
C4 HEY H . 0.93 -23.55 3.62
C4A HEY H . 2.15 -24.23 4.30
C5 HEY H . 1.06 -23.04 2.25
C6 HEY H . -0.03 -22.42 1.64
C5A HEY H . 2.30 -23.13 1.38
OP4 HEY H . 2.33 -24.46 0.84
P HEY H . 3.69 -25.21 0.53
OP1 HEY H . 4.49 -25.26 1.78
OP2 HEY H . 4.47 -24.33 -0.61
OP3 HEY H . 3.41 -26.51 -0.12
N4A HEY H . 2.20 -25.34 5.17
CAI HEY H . 3.00 -25.93 5.98
CBC HEY H . 2.37 -26.38 7.32
O2B HEY H . 3.10 -26.87 8.15
O3B HEY H . 1.18 -26.18 7.54
CBI HEY H . 4.34 -26.09 5.57
CGI HEY H . 5.60 -26.73 6.19
CEI HEY H . 5.41 -28.22 6.45
PG HEY H . 5.35 -29.28 4.98
OG1 HEY H . 5.80 -30.68 5.34
OG2 HEY H . 3.92 -29.26 4.52
OG3 HEY H . 6.32 -28.76 3.98
#